data_6YJ6
#
_entry.id   6YJ6
#
_cell.length_a   1.00
_cell.length_b   1.00
_cell.length_c   1.00
_cell.angle_alpha   90.00
_cell.angle_beta   90.00
_cell.angle_gamma   90.00
#
_symmetry.space_group_name_H-M   'P 1'
#
loop_
_entity.id
_entity.type
_entity.pdbx_description
1 polymer 'Transcription factor tau 131 kDa subunit'
2 polymer 'Transcription factor tau 95 kDa subunit,Transcription factor tau 95 kDa subunit'
3 polymer 'Transcription factor tau 55 kDa subunit'
#
loop_
_entity_poly.entity_id
_entity_poly.type
_entity_poly.pdbx_seq_one_letter_code
_entity_poly.pdbx_strand_id
1 'polypeptide(L)'
;MAAGKLKKEQQNQSAERESADTGKVNDEDEEHLYGNIDDYKHLIQDEEYDDEDVPHDLQLSEDEYNSERDSSLLAEFSDY
GEISEDDEEDFMNAIREASNFKVKKKKKNDKGKSYGRQRKERVLDPEVAQLLSQANEAFVRNDLQVAERLFNEVIKKDAR
NFAAYETLGDIYQLQGRLNDCCNSWFLAAHLNASDWEFWKIVAILSADLDHVRQAIYCFSRVISLNPMEWESIYRRSMLY
KKTGQLARALDGFQRLYMYNPYDANILRELAILYVDYDRIEDSIELYMKVFNANVERREAILAALENALDSSDEESAAEG
EDADEKEPLEQDEDRQMFPDINWKKIDAKYKCIPFDWSSLNILAELFLKLAVSEVDGIKTIKKCARWIQRRESQTFWDHV
PDDSEFDNRRFKNSTFDSLLAAEKEKSYNIPIDIRVRLGLLRLNTDNLVEALNHFQCLYDETFSDVADLYFEAATALTRA
EKYKEAIDFFTPLLSLEEWRTTDVFKPLARCYKEIESYETAKEFYELAIKSEPDDLDIRVSLAEVYYRLNDPETFKHMLV
DVVEMRKHQVDETLHRISNEKSSNDTSDISSKPLLEDSKFRTFRKKKRTPYDAERERIERERRITAKVVDKYEKMKKFEL
NSGLNEAKQASIWINTVSELVDIFSSVKNFFMKSRSRKFVGILRRTKKFNTELDFQIERLSKLAEGDSVFEGPLMEERVT
LTSATELRGLSYEQWFELFMELSLVIAKYQSVEDGLSVVETAQEVNVFFQDPERVKMMKFVKLAIVLQMDDEEELAENLR
GLLNQFQFNRKVLQVFMYSLCRGPSSLNILSSTIQQKFFLRQLKAFDSCRYNTEVNGQASITNKEVYNPNKKSSPYLYYI
YAVLLYSSRGFLSALQYLTRLEEDIPDDPMVNLLMGLSHIHRAMQRLTAQRHFQIFHGLRYLYRYHKIRKSLYTDLEKQE
ADYNLGRAFHLIGLVSIAIEYYNRVLENYDDGKLKKHAAYNSIIIYQQSGNVELADHLMEKYLSIRSGG
;
A
2 'polypeptide(L)'
;MHHHHHHENLYFQSMPVEEPLATLSSIPDSSADQAPPLIADEFTLDLPRIPSLELPLNVSTKHSSIQKAIKMCGGIEKVK
EAFKEHGPIESQHGLQLYLNDDTDSDGSKSYFNEHPVIGKRVPFRDESVILKVTMPKGTLSKNNNSVKDSIKSLKDSNKL
RVTPVSIVDNTIKFREMSDFQIKLDNVPSAREFKSSFGSLEWNNFKSFVNSVPDNDSQPQENIGNLILDRSVKIPSTDFQ
LPPPPKLSMVGFPLLYKYKANPFAKKKKNGVTEVKGTYIKNYQLFVHDLSDKTVIPSQAHEQVLYDFEVAKKTKVYPGTK
SDSKFYESLEECLKILRELFARRPIWVKRHLDGIVPKKIHHTMKIALALISYRFTMGPWRNTYIKFGIDPRSSVEYAQYQ
TEYFKIERKLLSSPIVKKNVPKPPPLVFESDTPGGIDSRFKFDGKRIPWYLMLQIDLLIGEPNIAEVFHNVEYLDKANEL
TGWFKELDLVKIRRIVKYELGCMVQGNYEYNKYKLKYFKTMLFVKESMVPENKNSEEGMGVNTNKDADGDINMDAGSQMS
SNAIEEDKGIAAGDDFDDNGAITEEPDDAALENEEMDTDQNLKVPASIDDDVDDVDADEEEQESFDVKTASFQDIINKIA
KLDPKTAETMKSELKGFVDEVDL(UNK)(UNK)(UNK)(UNK)(UNK)(UNK)(UNK)(UNK)(UNK)(UNK)(UNK)
(UNK)(UNK)(UNK)(UNK)(UNK)(UNK)(UNK)(UNK)(UNK)(UNK)(UNK)
;
B
3 'polypeptide(L)'
;MVVNTIYIARHGYRSNWLPEGPYPDPLTGIDSDVPLAEHGVQQAKELAHYLLSLDNQPEAAFASPFYRCLETVQPIAKLL
EIPVYLERGIGEWYRPDRKPVIPVPAGYEILSKFFPGVISQEWDSTLTPNEKGETEQEMYMRFKKFWPLFIERVEKEYPN
VECILLVTHAASKIALGMSLLGYDNPRMSLNENGDKIRSGSCSLDKYEILKKSYDTIDETDDQTSFTYIPFSDRKWVLTM
NGNTEFLSSGEEMNWNFDCVAEAGSDADIKKRQMTKKTSSPIPEADDQTEVETVYISVDIPSGNYKERTEIAKSAILQYS
GLETDAPLFRIGNRLYEGSWERLVGTELAFPNAAHVHKKTAGLLSPTEENETTNAGQSKGSSTANDPNIQIQEEDVGLPD
STNTSRDHTGDKEEVQSEKIYRIKERIVLSNVRPM
;
C
#
# COMPACT_ATOMS: atom_id res chain seq x y z
N GLN A 130 74.30 -12.87 12.01
CA GLN A 130 74.24 -13.97 10.99
C GLN A 130 75.13 -13.64 9.80
N LEU A 131 75.81 -14.65 9.26
CA LEU A 131 76.67 -14.44 8.10
C LEU A 131 75.83 -14.28 6.83
N LEU A 132 74.63 -14.86 6.80
CA LEU A 132 73.78 -14.73 5.62
C LEU A 132 73.40 -13.29 5.35
N SER A 133 73.40 -12.43 6.38
CA SER A 133 73.20 -11.00 6.15
C SER A 133 74.30 -10.43 5.27
N GLN A 134 75.49 -11.02 5.31
CA GLN A 134 76.57 -10.65 4.39
C GLN A 134 76.39 -11.34 3.05
N ALA A 135 76.03 -12.62 3.05
CA ALA A 135 75.97 -13.38 1.82
C ALA A 135 74.83 -12.91 0.91
N ASN A 136 73.68 -12.55 1.50
CA ASN A 136 72.53 -12.23 0.67
C ASN A 136 72.73 -10.93 -0.12
N GLU A 137 73.04 -9.81 0.53
CA GLU A 137 73.20 -8.57 -0.23
C GLU A 137 74.42 -8.59 -1.13
N ALA A 138 75.37 -9.49 -0.90
CA ALA A 138 76.40 -9.74 -1.90
C ALA A 138 75.78 -10.35 -3.16
N PHE A 139 74.63 -11.01 -3.01
CA PHE A 139 73.92 -11.60 -4.14
C PHE A 139 72.79 -10.70 -4.64
N VAL A 140 72.54 -9.57 -3.97
CA VAL A 140 71.58 -8.58 -4.43
C VAL A 140 72.27 -7.62 -5.41
N ARG A 141 73.48 -7.97 -5.87
CA ARG A 141 74.13 -7.20 -6.93
C ARG A 141 73.58 -7.57 -8.30
N ASN A 142 72.25 -7.64 -8.41
CA ASN A 142 71.63 -8.63 -9.29
C ASN A 142 72.07 -8.47 -10.74
N ASP A 143 71.64 -7.42 -11.43
CA ASP A 143 72.17 -6.95 -12.71
C ASP A 143 71.95 -7.90 -13.90
N LEU A 144 71.63 -9.17 -13.67
CA LEU A 144 71.09 -10.05 -14.70
C LEU A 144 70.06 -11.04 -14.16
N GLN A 145 69.86 -11.10 -12.85
CA GLN A 145 68.89 -12.00 -12.22
C GLN A 145 69.13 -13.46 -12.62
N VAL A 146 70.27 -13.97 -12.17
CA VAL A 146 70.66 -15.36 -12.40
C VAL A 146 71.09 -16.08 -11.13
N ALA A 147 71.42 -15.39 -10.05
CA ALA A 147 71.82 -16.02 -8.80
C ALA A 147 70.63 -16.40 -7.92
N GLU A 148 69.44 -16.59 -8.49
CA GLU A 148 68.25 -16.84 -7.68
C GLU A 148 68.35 -18.13 -6.87
N ARG A 149 69.22 -19.06 -7.25
CA ARG A 149 69.37 -20.30 -6.49
C ARG A 149 69.87 -20.01 -5.08
N LEU A 150 70.70 -18.98 -4.92
CA LEU A 150 71.24 -18.66 -3.61
C LEU A 150 70.21 -17.96 -2.74
N PHE A 151 69.36 -17.13 -3.34
CA PHE A 151 68.20 -16.62 -2.61
C PHE A 151 67.30 -17.76 -2.17
N ASN A 152 67.21 -18.82 -2.98
CA ASN A 152 66.46 -20.00 -2.58
C ASN A 152 67.08 -20.67 -1.37
N GLU A 153 68.37 -20.44 -1.12
CA GLU A 153 69.03 -21.03 0.06
C GLU A 153 68.79 -20.18 1.30
N VAL A 154 68.78 -18.86 1.15
CA VAL A 154 68.61 -17.98 2.31
C VAL A 154 67.22 -18.15 2.91
N ILE A 155 66.21 -18.28 2.06
CA ILE A 155 64.86 -18.53 2.55
C ILE A 155 64.69 -19.93 3.12
N LYS A 156 65.66 -20.81 2.90
CA LYS A 156 65.73 -22.10 3.59
C LYS A 156 66.52 -22.02 4.88
N LYS A 157 67.60 -21.24 4.89
CA LYS A 157 68.42 -21.10 6.09
C LYS A 157 67.76 -20.18 7.11
N ASP A 158 67.45 -18.95 6.73
CA ASP A 158 66.79 -18.02 7.64
C ASP A 158 65.27 -18.19 7.59
N ALA A 159 64.68 -18.10 6.40
CA ALA A 159 63.25 -18.32 6.20
C ALA A 159 62.40 -17.30 6.95
N ARG A 160 62.95 -16.13 7.27
CA ARG A 160 62.23 -15.08 7.97
C ARG A 160 62.47 -13.68 7.40
N ASN A 161 63.39 -13.52 6.46
CA ASN A 161 63.66 -12.20 5.89
C ASN A 161 62.70 -11.95 4.73
N PHE A 162 61.84 -10.96 4.88
CA PHE A 162 60.97 -10.57 3.78
C PHE A 162 61.77 -10.05 2.59
N ALA A 163 62.96 -9.51 2.84
CA ALA A 163 63.82 -9.04 1.76
C ALA A 163 64.16 -10.17 0.79
N ALA A 164 64.27 -11.39 1.30
CA ALA A 164 64.55 -12.53 0.42
C ALA A 164 63.33 -12.92 -0.39
N TYR A 165 62.15 -12.93 0.25
CA TYR A 165 60.93 -13.34 -0.46
C TYR A 165 60.49 -12.27 -1.46
N GLU A 166 60.66 -11.00 -1.10
CA GLU A 166 60.31 -9.92 -2.03
C GLU A 166 61.11 -10.01 -3.31
N THR A 167 62.44 -10.08 -3.19
CA THR A 167 63.30 -10.14 -4.37
C THR A 167 63.13 -11.43 -5.15
N LEU A 168 63.03 -12.57 -4.45
CA LEU A 168 62.78 -13.83 -5.14
C LEU A 168 61.43 -13.79 -5.85
N GLY A 169 60.46 -13.09 -5.26
CA GLY A 169 59.22 -12.84 -5.97
C GLY A 169 59.35 -11.76 -7.02
N ASP A 170 60.21 -10.77 -6.78
CA ASP A 170 60.38 -9.70 -7.74
C ASP A 170 61.00 -10.21 -9.04
N ILE A 171 62.04 -11.04 -8.94
CA ILE A 171 62.70 -11.54 -10.14
C ILE A 171 61.77 -12.47 -10.91
N TYR A 172 60.85 -13.15 -10.22
CA TYR A 172 59.83 -13.92 -10.92
C TYR A 172 58.96 -13.03 -11.79
N GLN A 173 58.75 -11.78 -11.37
CA GLN A 173 57.97 -10.85 -12.19
C GLN A 173 58.74 -10.49 -13.45
N LEU A 174 60.07 -10.42 -13.37
CA LEU A 174 60.86 -10.05 -14.54
C LEU A 174 60.90 -11.19 -15.56
N GLN A 175 61.11 -12.42 -15.08
CA GLN A 175 61.04 -13.59 -15.96
C GLN A 175 59.62 -13.93 -16.39
N GLY A 176 58.61 -13.47 -15.65
CA GLY A 176 57.23 -13.70 -16.00
C GLY A 176 56.56 -14.88 -15.34
N ARG A 177 57.16 -15.45 -14.30
CA ARG A 177 56.56 -16.55 -13.54
C ARG A 177 55.66 -15.95 -12.45
N LEU A 178 54.48 -15.52 -12.89
CA LEU A 178 53.60 -14.76 -12.00
C LEU A 178 53.00 -15.63 -10.91
N ASN A 179 52.61 -16.86 -11.23
CA ASN A 179 52.03 -17.73 -10.21
C ASN A 179 53.03 -18.04 -9.11
N ASP A 180 54.33 -17.98 -9.42
CA ASP A 180 55.36 -18.14 -8.41
C ASP A 180 55.66 -16.80 -7.72
N CYS A 181 55.32 -15.68 -8.34
CA CYS A 181 55.53 -14.38 -7.73
C CYS A 181 54.56 -14.13 -6.59
N CYS A 182 53.27 -14.35 -6.84
CA CYS A 182 52.26 -14.08 -5.83
C CYS A 182 52.43 -14.98 -4.61
N ASN A 183 52.96 -16.18 -4.82
CA ASN A 183 53.21 -17.08 -3.70
C ASN A 183 54.25 -16.50 -2.75
N SER A 184 55.38 -16.04 -3.31
CA SER A 184 56.46 -15.53 -2.46
C SER A 184 56.05 -14.26 -1.73
N TRP A 185 55.38 -13.35 -2.43
CA TRP A 185 54.93 -12.12 -1.77
C TRP A 185 53.84 -12.42 -0.74
N PHE A 186 53.15 -13.56 -0.87
CA PHE A 186 52.16 -13.94 0.13
C PHE A 186 52.83 -14.46 1.39
N LEU A 187 53.89 -15.25 1.22
CA LEU A 187 54.71 -15.65 2.37
C LEU A 187 55.40 -14.44 3.00
N ALA A 188 55.76 -13.47 2.17
CA ALA A 188 56.49 -12.30 2.67
C ALA A 188 55.59 -11.37 3.46
N ALA A 189 54.30 -11.35 3.13
CA ALA A 189 53.41 -10.35 3.70
C ALA A 189 53.18 -10.58 5.20
N HIS A 190 53.09 -11.84 5.61
CA HIS A 190 52.79 -12.14 7.01
C HIS A 190 53.96 -11.80 7.94
N LEU A 191 55.14 -11.52 7.39
CA LEU A 191 56.31 -11.24 8.21
C LEU A 191 56.35 -9.81 8.72
N ASN A 192 55.77 -8.86 7.97
CA ASN A 192 55.81 -7.44 8.28
C ASN A 192 54.39 -6.86 8.19
N ALA A 193 53.45 -7.53 8.85
CA ALA A 193 52.03 -7.23 8.64
C ALA A 193 51.59 -5.92 9.26
N SER A 194 52.16 -4.81 8.77
CA SER A 194 51.60 -3.48 8.97
C SER A 194 51.60 -2.69 7.66
N ASP A 195 52.45 -3.08 6.70
CA ASP A 195 52.59 -2.38 5.43
C ASP A 195 51.39 -2.73 4.54
N TRP A 196 50.29 -2.01 4.78
CA TRP A 196 49.08 -2.25 4.01
C TRP A 196 49.22 -1.83 2.54
N GLU A 197 50.30 -1.14 2.18
CA GLU A 197 50.60 -0.95 0.77
C GLU A 197 51.07 -2.24 0.12
N PHE A 198 51.59 -3.18 0.92
CA PHE A 198 52.15 -4.40 0.36
C PHE A 198 51.10 -5.50 0.25
N TRP A 199 50.12 -5.52 1.14
CA TRP A 199 49.02 -6.47 1.00
C TRP A 199 48.22 -6.18 -0.26
N LYS A 200 48.13 -4.91 -0.66
CA LYS A 200 47.32 -4.56 -1.82
C LYS A 200 47.99 -4.99 -3.12
N ILE A 201 49.28 -4.66 -3.27
CA ILE A 201 49.99 -4.97 -4.51
C ILE A 201 50.09 -6.47 -4.73
N VAL A 202 50.03 -7.28 -3.68
CA VAL A 202 49.98 -8.73 -3.83
C VAL A 202 48.53 -9.23 -3.94
N ALA A 203 47.57 -8.48 -3.37
CA ALA A 203 46.17 -8.85 -3.51
C ALA A 203 45.71 -8.71 -4.95
N ILE A 204 45.98 -7.56 -5.56
CA ILE A 204 45.52 -7.32 -6.92
C ILE A 204 46.19 -8.28 -7.89
N LEU A 205 47.44 -8.65 -7.63
CA LEU A 205 48.11 -9.66 -8.43
C LEU A 205 47.37 -10.99 -8.34
N SER A 206 46.89 -11.33 -7.16
CA SER A 206 46.21 -12.61 -6.96
C SER A 206 44.88 -12.62 -7.70
N ALA A 207 44.12 -11.53 -7.65
CA ALA A 207 42.85 -11.47 -8.35
C ALA A 207 43.04 -11.57 -9.85
N ASP A 208 44.16 -11.02 -10.36
CA ASP A 208 44.47 -11.16 -11.77
C ASP A 208 44.74 -12.61 -12.15
N LEU A 209 45.29 -13.39 -11.21
CA LEU A 209 45.58 -14.80 -11.42
C LEU A 209 44.51 -15.71 -10.83
N ASP A 210 43.24 -15.28 -10.92
CA ASP A 210 42.02 -15.99 -10.52
C ASP A 210 42.15 -16.77 -9.21
N HIS A 211 42.95 -16.26 -8.27
CA HIS A 211 43.00 -16.77 -6.91
C HIS A 211 42.20 -15.85 -5.97
N VAL A 212 40.88 -15.96 -6.05
CA VAL A 212 40.01 -14.99 -5.41
C VAL A 212 40.02 -15.17 -3.90
N ARG A 213 39.97 -16.44 -3.44
CA ARG A 213 39.93 -16.70 -2.02
C ARG A 213 41.22 -16.28 -1.34
N GLN A 214 42.35 -16.33 -2.07
CA GLN A 214 43.61 -15.85 -1.55
C GLN A 214 43.68 -14.32 -1.58
N ALA A 215 42.89 -13.70 -2.46
CA ALA A 215 42.91 -12.25 -2.57
C ALA A 215 42.04 -11.60 -1.51
N ILE A 216 40.87 -12.19 -1.24
CA ILE A 216 39.94 -11.63 -0.27
C ILE A 216 40.60 -11.56 1.11
N TYR A 217 41.45 -12.55 1.42
CA TYR A 217 42.21 -12.49 2.66
C TYR A 217 43.15 -11.30 2.66
N CYS A 218 43.89 -11.12 1.56
CA CYS A 218 44.87 -10.04 1.50
C CYS A 218 44.18 -8.67 1.56
N PHE A 219 43.04 -8.51 0.91
CA PHE A 219 42.28 -7.28 1.08
C PHE A 219 41.79 -7.14 2.51
N SER A 220 41.38 -8.26 3.13
CA SER A 220 40.81 -8.19 4.47
C SER A 220 41.87 -7.79 5.49
N ARG A 221 43.14 -8.11 5.22
CA ARG A 221 44.21 -7.63 6.09
C ARG A 221 44.41 -6.14 5.94
N VAL A 222 44.17 -5.59 4.75
CA VAL A 222 44.29 -4.15 4.55
C VAL A 222 43.23 -3.41 5.36
N ILE A 223 41.97 -3.82 5.23
CA ILE A 223 40.88 -3.09 5.87
C ILE A 223 41.00 -3.10 7.38
N SER A 224 41.63 -4.13 7.95
CA SER A 224 41.87 -4.15 9.39
C SER A 224 42.92 -3.12 9.78
N LEU A 225 43.87 -2.83 8.88
CA LEU A 225 44.91 -1.86 9.18
C LEU A 225 44.43 -0.44 8.95
N ASN A 226 43.57 -0.22 7.98
CA ASN A 226 42.89 1.05 7.77
C ASN A 226 41.47 0.83 7.26
N PRO A 227 40.41 1.20 8.00
CA PRO A 227 39.06 1.03 7.46
C PRO A 227 38.61 2.17 6.55
N MET A 228 39.55 3.02 6.13
CA MET A 228 39.27 4.17 5.27
C MET A 228 40.06 4.06 3.97
N GLU A 229 40.07 2.87 3.39
CA GLU A 229 40.59 2.64 2.04
C GLU A 229 39.43 2.10 1.22
N TRP A 230 39.04 2.85 0.20
CA TRP A 230 37.80 2.59 -0.50
C TRP A 230 38.00 1.90 -1.84
N GLU A 231 39.25 1.65 -2.25
CA GLU A 231 39.50 0.86 -3.44
C GLU A 231 39.47 -0.63 -3.13
N SER A 232 39.96 -1.00 -1.95
CA SER A 232 40.03 -2.41 -1.58
C SER A 232 38.64 -2.95 -1.25
N ILE A 233 37.83 -2.15 -0.58
CA ILE A 233 36.44 -2.56 -0.30
C ILE A 233 35.69 -2.80 -1.60
N TYR A 234 35.99 -2.01 -2.64
CA TYR A 234 35.37 -2.21 -3.93
C TYR A 234 35.87 -3.49 -4.57
N ARG A 235 37.19 -3.68 -4.59
CA ARG A 235 37.76 -4.86 -5.22
C ARG A 235 37.45 -6.12 -4.41
N ARG A 236 37.40 -6.00 -3.10
CA ARG A 236 37.02 -7.14 -2.27
C ARG A 236 35.57 -7.51 -2.50
N SER A 237 34.68 -6.52 -2.40
CA SER A 237 33.24 -6.78 -2.51
C SER A 237 32.89 -7.34 -3.87
N MET A 238 33.63 -6.95 -4.90
CA MET A 238 33.38 -7.49 -6.24
C MET A 238 33.78 -8.96 -6.32
N LEU A 239 34.66 -9.41 -5.44
CA LEU A 239 35.09 -10.80 -5.44
C LEU A 239 34.17 -11.67 -4.60
N TYR A 240 33.54 -11.09 -3.58
CA TYR A 240 32.48 -11.77 -2.86
C TYR A 240 31.36 -12.23 -3.79
N LYS A 241 30.93 -11.35 -4.70
CA LYS A 241 29.96 -11.72 -5.71
C LYS A 241 30.44 -12.93 -6.50
N LYS A 242 31.69 -12.89 -6.97
CA LYS A 242 32.25 -14.00 -7.71
C LYS A 242 32.32 -15.27 -6.87
N THR A 243 32.39 -15.13 -5.55
CA THR A 243 32.45 -16.27 -4.64
C THR A 243 31.06 -16.76 -4.22
N GLY A 244 30.08 -15.88 -4.15
CA GLY A 244 28.72 -16.24 -3.80
C GLY A 244 28.24 -15.74 -2.46
N GLN A 245 29.10 -15.13 -1.67
CA GLN A 245 28.72 -14.58 -0.36
C GLN A 245 28.45 -13.08 -0.47
N LEU A 246 27.27 -12.80 -1.02
CA LEU A 246 26.85 -11.45 -1.34
C LEU A 246 26.59 -10.59 -0.12
N ALA A 247 26.28 -11.20 1.03
CA ALA A 247 25.96 -10.42 2.22
C ALA A 247 27.15 -9.59 2.68
N ARG A 248 28.35 -10.08 2.44
CA ARG A 248 29.55 -9.33 2.79
C ARG A 248 29.90 -8.32 1.71
N ALA A 249 29.48 -8.58 0.47
CA ALA A 249 29.63 -7.59 -0.59
C ALA A 249 28.73 -6.39 -0.33
N LEU A 250 27.46 -6.66 -0.03
CA LEU A 250 26.50 -5.59 0.18
C LEU A 250 26.90 -4.71 1.36
N ASP A 251 27.45 -5.32 2.41
CA ASP A 251 27.88 -4.53 3.56
C ASP A 251 29.02 -3.60 3.17
N GLY A 252 29.80 -3.98 2.17
CA GLY A 252 30.89 -3.12 1.73
C GLY A 252 30.41 -1.94 0.92
N PHE A 253 29.26 -2.09 0.25
CA PHE A 253 28.81 -1.05 -0.67
C PHE A 253 28.01 0.04 0.05
N GLN A 254 27.24 -0.30 1.09
CA GLN A 254 26.52 0.76 1.80
C GLN A 254 27.47 1.76 2.42
N ARG A 255 28.56 1.28 3.03
CA ARG A 255 29.54 2.19 3.59
C ARG A 255 30.34 2.86 2.48
N LEU A 256 30.62 2.12 1.42
CA LEU A 256 31.33 2.70 0.28
C LEU A 256 30.44 3.70 -0.45
N TYR A 257 29.11 3.53 -0.35
CA TYR A 257 28.18 4.50 -0.90
C TYR A 257 27.95 5.65 0.09
N MET A 258 27.97 5.35 1.39
CA MET A 258 27.72 6.37 2.39
C MET A 258 28.80 7.43 2.38
N TYR A 259 30.06 7.02 2.33
CA TYR A 259 31.18 7.94 2.35
C TYR A 259 31.55 8.48 0.97
N ASN A 260 30.92 7.97 -0.10
CA ASN A 260 31.06 8.52 -1.44
C ASN A 260 29.75 8.34 -2.19
N PRO A 261 28.70 9.09 -1.83
CA PRO A 261 27.40 8.89 -2.48
C PRO A 261 27.36 9.34 -3.93
N TYR A 262 28.39 10.01 -4.41
CA TYR A 262 28.36 10.72 -5.68
C TYR A 262 29.26 10.08 -6.73
N ASP A 263 29.35 8.76 -6.73
CA ASP A 263 30.02 7.99 -7.78
C ASP A 263 29.02 6.98 -8.32
N ALA A 264 28.97 6.84 -9.65
CA ALA A 264 27.96 6.01 -10.28
C ALA A 264 28.29 4.53 -10.21
N ASN A 265 29.58 4.18 -10.24
CA ASN A 265 29.96 2.78 -10.23
C ASN A 265 29.56 2.10 -8.94
N ILE A 266 29.63 2.82 -7.82
CA ILE A 266 29.17 2.29 -6.55
C ILE A 266 27.65 2.20 -6.53
N LEU A 267 27.00 3.17 -7.16
CA LEU A 267 25.55 3.15 -7.28
C LEU A 267 25.09 1.99 -8.13
N ARG A 268 25.78 1.74 -9.24
CA ARG A 268 25.34 0.77 -10.22
C ARG A 268 25.48 -0.65 -9.67
N GLU A 269 26.49 -0.88 -8.83
CA GLU A 269 26.72 -2.21 -8.30
C GLU A 269 25.96 -2.43 -7.00
N LEU A 270 25.73 -1.36 -6.25
CA LEU A 270 24.89 -1.46 -5.05
C LEU A 270 23.45 -1.79 -5.42
N ALA A 271 22.98 -1.30 -6.56
CA ALA A 271 21.59 -1.52 -6.93
C ALA A 271 21.38 -2.90 -7.53
N ILE A 272 22.45 -3.57 -7.94
CA ILE A 272 22.33 -4.94 -8.43
C ILE A 272 22.12 -5.89 -7.26
N LEU A 273 22.72 -5.58 -6.11
CA LEU A 273 22.71 -6.51 -4.99
C LEU A 273 21.37 -6.49 -4.27
N TYR A 274 20.78 -5.31 -4.07
CA TYR A 274 19.43 -5.25 -3.55
C TYR A 274 18.45 -5.98 -4.45
N VAL A 275 18.72 -6.02 -5.75
CA VAL A 275 17.86 -6.75 -6.67
C VAL A 275 18.05 -8.25 -6.52
N ASP A 276 19.26 -8.66 -6.10
CA ASP A 276 19.48 -10.07 -5.83
C ASP A 276 18.80 -10.54 -4.55
N TYR A 277 18.40 -9.61 -3.68
CA TYR A 277 17.61 -9.91 -2.51
C TYR A 277 16.13 -9.62 -2.68
N ASP A 278 15.68 -9.28 -3.88
CA ASP A 278 14.33 -8.78 -4.12
C ASP A 278 14.02 -7.55 -3.26
N ARG A 279 15.05 -6.77 -2.92
CA ARG A 279 14.87 -5.52 -2.20
C ARG A 279 14.77 -4.38 -3.19
N ILE A 280 13.82 -4.50 -4.12
CA ILE A 280 13.74 -3.57 -5.24
C ILE A 280 13.22 -2.22 -4.77
N GLU A 281 12.30 -2.20 -3.82
CA GLU A 281 11.78 -0.94 -3.31
C GLU A 281 12.84 -0.12 -2.60
N ASP A 282 13.93 -0.75 -2.14
CA ASP A 282 15.06 -0.02 -1.59
C ASP A 282 16.06 0.38 -2.66
N SER A 283 16.00 -0.25 -3.84
CA SER A 283 16.84 0.16 -4.96
C SER A 283 16.20 1.30 -5.75
N ILE A 284 14.87 1.41 -5.70
CA ILE A 284 14.20 2.54 -6.35
C ILE A 284 14.44 3.82 -5.56
N GLU A 285 14.37 3.74 -4.24
CA GLU A 285 14.66 4.89 -3.40
C GLU A 285 16.14 5.23 -3.39
N LEU A 286 16.97 4.44 -4.07
CA LEU A 286 18.38 4.77 -4.25
C LEU A 286 18.58 5.59 -5.51
N TYR A 287 17.86 5.24 -6.59
CA TYR A 287 17.89 6.06 -7.80
C TYR A 287 17.00 7.28 -7.69
N MET A 288 15.97 7.26 -6.83
CA MET A 288 15.09 8.41 -6.70
C MET A 288 15.70 9.49 -5.82
N LYS A 289 16.44 9.11 -4.77
CA LYS A 289 17.14 10.11 -3.98
C LYS A 289 18.31 10.72 -4.74
N VAL A 290 18.69 10.13 -5.86
CA VAL A 290 19.56 10.81 -6.82
C VAL A 290 18.77 11.86 -7.57
N PHE A 291 17.58 11.49 -8.05
CA PHE A 291 16.76 12.41 -8.82
C PHE A 291 16.38 13.63 -7.98
N ASN A 292 15.97 13.42 -6.74
CA ASN A 292 15.60 14.52 -5.87
C ASN A 292 16.78 15.44 -5.56
N ALA A 293 18.01 14.98 -5.79
CA ALA A 293 19.18 15.86 -5.66
C ALA A 293 19.46 16.58 -6.96
N ASN A 294 19.26 15.90 -8.09
CA ASN A 294 19.39 16.55 -9.39
C ASN A 294 18.40 17.69 -9.55
N VAL A 295 17.18 17.52 -9.02
CA VAL A 295 16.17 18.56 -9.10
C VAL A 295 16.61 19.79 -8.33
N GLU A 296 16.95 19.61 -7.05
CA GLU A 296 17.33 20.72 -6.19
C GLU A 296 18.58 21.45 -6.69
N ARG A 297 19.38 20.80 -7.53
CA ARG A 297 20.50 21.48 -8.17
C ARG A 297 20.00 22.45 -9.24
N ARG A 298 19.07 22.00 -10.08
CA ARG A 298 18.59 22.85 -11.17
C ARG A 298 17.79 24.03 -10.61
N GLU A 299 16.97 23.78 -9.59
CA GLU A 299 16.23 24.88 -8.96
C GLU A 299 17.16 25.92 -8.37
N ALA A 300 18.34 25.52 -7.89
CA ALA A 300 19.28 26.47 -7.32
C ALA A 300 20.05 27.20 -8.42
N ILE A 301 20.31 26.53 -9.54
CA ILE A 301 20.97 27.20 -10.66
C ILE A 301 20.07 28.29 -11.22
N LEU A 302 18.83 27.94 -11.55
CA LEU A 302 17.89 28.90 -12.11
C LEU A 302 17.63 30.05 -11.16
N ALA A 303 17.68 29.81 -9.85
CA ALA A 303 17.50 30.87 -8.87
C ALA A 303 18.77 31.67 -8.64
N ALA A 304 19.93 31.03 -8.74
CA ALA A 304 21.20 31.69 -8.51
C ALA A 304 21.73 32.44 -9.73
N LEU A 305 20.89 32.67 -10.74
CA LEU A 305 21.30 33.48 -11.88
C LEU A 305 21.44 34.96 -11.52
N GLU A 306 20.90 35.39 -10.38
CA GLU A 306 20.99 36.78 -9.95
C GLU A 306 22.44 37.21 -9.76
N ILE A 341 26.66 33.80 -12.12
CA ILE A 341 26.96 32.39 -11.93
C ILE A 341 28.18 32.21 -11.02
N ASN A 342 28.09 31.21 -10.15
CA ASN A 342 29.23 30.76 -9.33
C ASN A 342 29.16 29.23 -9.31
N TRP A 343 29.81 28.61 -10.28
CA TRP A 343 29.83 27.15 -10.33
C TRP A 343 30.50 26.57 -9.10
N LYS A 344 31.56 27.22 -8.62
CA LYS A 344 32.28 26.73 -7.46
C LYS A 344 31.45 26.79 -6.19
N LYS A 345 30.44 27.67 -6.15
CA LYS A 345 29.62 27.84 -4.95
C LYS A 345 28.39 26.93 -4.95
N ILE A 346 27.89 26.55 -6.13
CA ILE A 346 26.77 25.60 -6.20
C ILE A 346 27.28 24.17 -6.23
N ASP A 347 28.48 23.94 -6.79
CA ASP A 347 29.01 22.59 -6.82
C ASP A 347 29.42 22.11 -5.44
N ALA A 348 29.95 23.00 -4.61
CA ALA A 348 30.34 22.61 -3.26
C ALA A 348 29.13 22.28 -2.41
N LYS A 349 27.98 22.85 -2.74
CA LYS A 349 26.74 22.63 -1.99
C LYS A 349 25.81 21.63 -2.65
N TYR A 350 25.71 21.64 -3.98
CA TYR A 350 24.81 20.78 -4.74
C TYR A 350 25.66 19.97 -5.71
N LYS A 351 26.12 18.80 -5.25
CA LYS A 351 26.90 17.87 -6.05
C LYS A 351 26.16 16.55 -6.10
N CYS A 352 26.13 15.94 -7.27
CA CYS A 352 25.18 14.87 -7.52
C CYS A 352 25.63 14.06 -8.73
N ILE A 353 25.04 12.88 -8.85
CA ILE A 353 25.26 12.02 -10.02
C ILE A 353 24.32 12.48 -11.14
N PRO A 354 24.78 12.66 -12.37
CA PRO A 354 23.87 13.17 -13.40
C PRO A 354 22.78 12.16 -13.75
N PHE A 355 21.54 12.63 -13.69
CA PHE A 355 20.37 11.85 -14.08
C PHE A 355 20.07 12.13 -15.54
N ASP A 356 20.07 11.08 -16.35
CA ASP A 356 19.87 11.20 -17.79
C ASP A 356 18.98 10.05 -18.24
N TRP A 357 18.88 9.86 -19.56
CA TRP A 357 17.98 8.85 -20.09
C TRP A 357 18.36 7.45 -19.67
N SER A 358 19.64 7.20 -19.36
CA SER A 358 20.05 5.87 -18.99
C SER A 358 19.50 5.48 -17.62
N SER A 359 19.71 6.34 -16.62
CA SER A 359 19.24 6.02 -15.28
C SER A 359 17.72 5.91 -15.23
N LEU A 360 17.02 6.57 -16.14
CA LEU A 360 15.58 6.39 -16.25
C LEU A 360 15.24 5.04 -16.84
N ASN A 361 16.12 4.52 -17.71
CA ASN A 361 15.88 3.21 -18.29
C ASN A 361 15.97 2.12 -17.24
N ILE A 362 17.00 2.15 -16.39
CA ILE A 362 17.11 1.20 -15.31
C ILE A 362 15.91 1.34 -14.36
N LEU A 363 15.51 2.58 -14.10
CA LEU A 363 14.43 2.82 -13.15
C LEU A 363 13.11 2.22 -13.64
N ALA A 364 12.91 2.18 -14.95
CA ALA A 364 11.72 1.53 -15.48
C ALA A 364 11.76 0.03 -15.27
N GLU A 365 12.93 -0.58 -15.31
CA GLU A 365 13.03 -2.03 -15.17
C GLU A 365 12.63 -2.47 -13.76
N LEU A 366 12.80 -1.59 -12.78
CA LEU A 366 12.58 -1.96 -11.40
C LEU A 366 11.10 -1.98 -11.06
N PHE A 367 10.32 -1.08 -11.66
CA PHE A 367 8.89 -1.08 -11.43
C PHE A 367 8.22 -2.30 -12.03
N LEU A 368 8.78 -2.83 -13.12
CA LEU A 368 8.28 -4.09 -13.67
C LEU A 368 8.60 -5.26 -12.76
N LYS A 369 9.83 -5.31 -12.25
CA LYS A 369 10.21 -6.39 -11.35
C LYS A 369 9.53 -6.26 -9.99
N LEU A 370 9.11 -5.05 -9.64
CA LEU A 370 8.35 -4.85 -8.41
C LEU A 370 6.92 -5.32 -8.57
N ALA A 371 6.21 -4.81 -9.57
CA ALA A 371 4.99 -5.42 -10.08
C ALA A 371 3.78 -5.26 -9.16
N VAL A 372 3.77 -4.23 -8.31
CA VAL A 372 2.62 -3.96 -7.43
C VAL A 372 2.22 -2.49 -7.38
N SER A 373 3.07 -1.58 -7.85
CA SER A 373 2.81 -0.14 -7.83
C SER A 373 2.77 0.37 -9.25
N GLU A 374 1.98 -0.30 -10.10
CA GLU A 374 2.01 -0.06 -11.54
C GLU A 374 1.73 1.39 -11.88
N VAL A 375 0.62 1.94 -11.39
CA VAL A 375 0.20 3.27 -11.83
C VAL A 375 0.98 4.38 -11.13
N ASP A 376 1.38 4.17 -9.88
CA ASP A 376 2.22 5.16 -9.21
C ASP A 376 3.65 5.15 -9.74
N GLY A 377 4.06 4.06 -10.41
CA GLY A 377 5.39 4.03 -11.00
C GLY A 377 5.42 4.67 -12.37
N ILE A 378 4.32 4.59 -13.11
CA ILE A 378 4.21 5.28 -14.39
C ILE A 378 4.35 6.78 -14.17
N LYS A 379 3.65 7.32 -13.18
CA LYS A 379 3.71 8.75 -12.92
C LYS A 379 5.10 9.20 -12.51
N THR A 380 5.90 8.29 -11.95
CA THR A 380 7.26 8.65 -11.57
C THR A 380 8.18 8.64 -12.78
N ILE A 381 7.91 7.76 -13.74
CA ILE A 381 8.70 7.73 -14.97
C ILE A 381 8.43 8.98 -15.79
N LYS A 382 7.19 9.46 -15.78
CA LYS A 382 6.85 10.62 -16.59
C LYS A 382 7.39 11.91 -15.98
N LYS A 383 7.44 11.99 -14.65
CA LYS A 383 8.04 13.15 -14.00
C LYS A 383 9.52 13.23 -14.30
N CYS A 384 10.18 12.08 -14.36
CA CYS A 384 11.60 12.03 -14.67
C CYS A 384 11.84 12.25 -16.16
N ALA A 385 10.82 12.04 -16.99
CA ALA A 385 10.96 12.25 -18.42
C ALA A 385 10.68 13.69 -18.81
N ARG A 386 9.83 14.38 -18.06
CA ARG A 386 9.56 15.79 -18.30
C ARG A 386 10.54 16.70 -17.57
N TRP A 387 11.14 16.24 -16.48
CA TRP A 387 12.24 16.97 -15.89
C TRP A 387 13.39 17.09 -16.87
N ILE A 388 13.82 15.95 -17.42
CA ILE A 388 14.66 15.93 -18.61
C ILE A 388 13.76 16.52 -19.69
N GLN A 389 14.36 17.10 -20.73
CA GLN A 389 13.67 17.87 -21.77
C GLN A 389 13.31 19.26 -21.27
N ARG A 390 13.58 19.57 -20.00
CA ARG A 390 13.31 20.87 -19.41
C ARG A 390 11.82 21.22 -19.43
N ARG A 391 11.00 20.36 -18.83
CA ARG A 391 9.56 20.58 -18.71
C ARG A 391 9.04 20.24 -17.32
N GLU A 392 9.79 20.58 -16.27
CA GLU A 392 9.31 20.32 -14.92
C GLU A 392 8.19 21.26 -14.51
N SER A 393 8.01 22.37 -15.22
CA SER A 393 6.94 23.31 -14.91
C SER A 393 5.57 22.82 -15.36
N GLN A 394 5.52 21.82 -16.24
CA GLN A 394 4.25 21.30 -16.72
C GLN A 394 3.70 20.26 -15.76
N THR A 395 3.45 20.67 -14.52
CA THR A 395 2.98 19.77 -13.49
C THR A 395 1.59 19.20 -13.79
N PHE A 396 0.82 19.89 -14.62
CA PHE A 396 -0.57 19.48 -14.86
C PHE A 396 -0.68 18.14 -15.57
N TRP A 397 0.40 17.61 -16.15
CA TRP A 397 0.32 16.30 -16.75
C TRP A 397 0.30 15.19 -15.70
N ASP A 398 0.61 15.52 -14.44
CA ASP A 398 0.57 14.52 -13.39
C ASP A 398 -0.86 14.05 -13.08
N HIS A 399 -1.87 14.80 -13.51
CA HIS A 399 -3.24 14.55 -13.14
C HIS A 399 -4.07 13.95 -14.27
N VAL A 400 -3.66 14.12 -15.51
CA VAL A 400 -4.40 13.48 -16.61
C VAL A 400 -4.15 11.98 -16.56
N PRO A 401 -5.13 11.12 -16.83
CA PRO A 401 -4.95 9.70 -16.58
C PRO A 401 -3.96 9.01 -17.51
N ASP A 402 -4.13 9.20 -18.82
CA ASP A 402 -3.62 8.25 -19.81
C ASP A 402 -2.73 8.96 -20.84
N ASP A 403 -1.47 9.16 -20.46
CA ASP A 403 -0.31 9.30 -21.36
C ASP A 403 -0.59 10.18 -22.57
N SER A 404 -1.35 11.26 -22.36
CA SER A 404 -1.65 12.16 -23.46
C SER A 404 -0.38 12.85 -23.95
N GLU A 405 0.52 13.20 -23.02
CA GLU A 405 1.82 13.68 -23.42
C GLU A 405 2.63 12.52 -24.00
N PHE A 406 3.74 12.87 -24.65
CA PHE A 406 4.58 11.94 -25.38
C PHE A 406 3.83 11.24 -26.51
N ASP A 407 2.75 11.84 -26.99
CA ASP A 407 1.96 11.33 -28.09
C ASP A 407 1.41 12.52 -28.86
N ASN A 408 0.76 12.24 -29.98
CA ASN A 408 0.15 13.28 -30.78
C ASN A 408 -1.23 13.68 -30.25
N ARG A 409 -1.66 13.11 -29.11
CA ARG A 409 -2.91 13.45 -28.46
C ARG A 409 -2.79 14.69 -27.58
N ARG A 410 -1.59 15.23 -27.42
CA ARG A 410 -1.39 16.37 -26.53
C ARG A 410 -1.92 17.66 -27.13
N PHE A 411 -2.07 17.71 -28.46
CA PHE A 411 -2.63 18.87 -29.11
C PHE A 411 -4.11 19.07 -28.79
N LYS A 412 -4.78 18.04 -28.25
CA LYS A 412 -6.20 18.08 -27.97
C LYS A 412 -6.50 18.32 -26.50
N ASN A 413 -5.57 18.93 -25.77
CA ASN A 413 -5.71 19.21 -24.35
C ASN A 413 -5.99 20.69 -24.15
N SER A 414 -6.85 21.00 -23.19
CA SER A 414 -7.24 22.37 -22.93
C SER A 414 -6.10 23.23 -22.43
N THR A 415 -5.15 22.65 -21.69
CA THR A 415 -4.10 23.42 -21.04
C THR A 415 -2.83 23.51 -21.88
N PHE A 416 -2.43 22.42 -22.52
CA PHE A 416 -1.27 22.46 -23.41
C PHE A 416 -1.49 23.44 -24.55
N ASP A 417 -2.73 23.57 -25.02
CA ASP A 417 -3.03 24.54 -26.05
C ASP A 417 -2.90 25.98 -25.55
N SER A 418 -2.82 26.18 -24.24
CA SER A 418 -2.72 27.50 -23.63
C SER A 418 -1.28 27.91 -23.33
N LEU A 419 -0.32 26.99 -23.44
CA LEU A 419 1.05 27.29 -23.04
C LEU A 419 1.66 28.35 -23.94
N LEU A 420 2.84 28.81 -23.54
CA LEU A 420 3.62 29.71 -24.37
C LEU A 420 3.84 29.11 -25.74
N ALA A 421 4.10 29.98 -26.73
CA ALA A 421 4.49 29.52 -28.05
C ALA A 421 5.89 28.89 -28.03
N ALA A 422 6.64 29.07 -26.94
CA ALA A 422 8.00 28.56 -26.83
C ALA A 422 8.09 27.23 -26.10
N GLU A 423 7.11 26.93 -25.24
CA GLU A 423 7.13 25.69 -24.48
C GLU A 423 6.64 24.50 -25.29
N LYS A 424 6.03 24.73 -26.45
CA LYS A 424 5.51 23.64 -27.25
C LYS A 424 6.62 22.91 -28.00
N GLU A 425 7.65 23.64 -28.42
CA GLU A 425 8.70 23.07 -29.25
C GLU A 425 9.74 22.27 -28.47
N LYS A 426 9.66 22.29 -27.14
CA LYS A 426 10.44 21.35 -26.36
C LYS A 426 10.05 19.93 -26.73
N SER A 427 10.91 18.98 -26.40
CA SER A 427 10.78 17.65 -26.95
C SER A 427 9.81 16.81 -26.12
N TYR A 428 8.94 16.09 -26.80
CA TYR A 428 7.94 15.21 -26.21
C TYR A 428 8.08 13.81 -26.79
N ASN A 429 9.31 13.30 -26.83
CA ASN A 429 9.61 12.00 -27.41
C ASN A 429 10.50 11.22 -26.45
N ILE A 430 10.08 10.00 -26.13
CA ILE A 430 10.80 9.11 -25.24
C ILE A 430 11.65 8.21 -26.13
N PRO A 431 12.83 7.76 -25.71
CA PRO A 431 13.46 6.64 -26.41
C PRO A 431 12.66 5.36 -26.22
N ILE A 432 12.72 4.50 -27.24
CA ILE A 432 11.78 3.40 -27.33
C ILE A 432 12.02 2.36 -26.24
N ASP A 433 13.23 2.29 -25.70
CA ASP A 433 13.51 1.30 -24.68
C ASP A 433 12.76 1.61 -23.39
N ILE A 434 12.40 2.88 -23.20
CA ILE A 434 11.63 3.28 -22.03
C ILE A 434 10.14 3.30 -22.34
N ARG A 435 9.77 3.68 -23.55
CA ARG A 435 8.36 3.72 -23.94
C ARG A 435 7.72 2.34 -23.86
N VAL A 436 8.42 1.32 -24.35
CA VAL A 436 7.90 -0.04 -24.30
C VAL A 436 7.68 -0.48 -22.86
N ARG A 437 8.54 -0.06 -21.94
CA ARG A 437 8.36 -0.44 -20.54
C ARG A 437 7.07 0.18 -20.00
N LEU A 438 6.75 1.40 -20.43
CA LEU A 438 5.49 2.02 -20.00
C LEU A 438 4.31 1.23 -20.49
N GLY A 439 4.39 0.66 -21.70
CA GLY A 439 3.31 -0.16 -22.20
C GLY A 439 3.16 -1.45 -21.42
N LEU A 440 4.25 -1.94 -20.86
CA LEU A 440 4.19 -3.14 -20.03
C LEU A 440 3.68 -2.80 -18.64
N LEU A 441 3.87 -1.57 -18.19
CA LEU A 441 3.23 -1.11 -16.95
C LEU A 441 1.73 -1.01 -17.13
N ARG A 442 1.28 -0.42 -18.24
CA ARG A 442 -0.14 -0.24 -18.48
C ARG A 442 -0.83 -1.58 -18.72
N LEU A 443 -0.09 -2.58 -19.18
CA LEU A 443 -0.69 -3.87 -19.48
C LEU A 443 -0.92 -4.68 -18.20
N ASN A 444 0.01 -4.61 -17.25
CA ASN A 444 -0.22 -5.22 -15.95
C ASN A 444 -1.32 -4.47 -15.20
N THR A 445 -1.55 -3.20 -15.52
CA THR A 445 -2.68 -2.45 -15.02
C THR A 445 -3.99 -2.87 -15.68
N ASP A 446 -3.96 -3.76 -16.67
CA ASP A 446 -5.13 -4.17 -17.44
C ASP A 446 -5.69 -2.96 -18.18
N ASN A 447 -4.81 -2.23 -18.87
CA ASN A 447 -5.17 -1.14 -19.76
C ASN A 447 -4.52 -1.46 -21.10
N LEU A 448 -5.24 -2.25 -21.90
CA LEU A 448 -4.73 -2.65 -23.21
C LEU A 448 -4.52 -1.45 -24.11
N VAL A 449 -5.37 -0.44 -24.02
CA VAL A 449 -5.43 0.59 -25.06
C VAL A 449 -4.15 1.41 -25.05
N GLU A 450 -3.72 1.87 -23.89
CA GLU A 450 -2.50 2.67 -23.83
C GLU A 450 -1.26 1.82 -24.03
N ALA A 451 -1.32 0.53 -23.73
CA ALA A 451 -0.21 -0.36 -24.05
C ALA A 451 0.05 -0.38 -25.55
N LEU A 452 -1.02 -0.48 -26.35
CA LEU A 452 -0.87 -0.45 -27.80
C LEU A 452 -0.36 0.91 -28.27
N ASN A 453 -0.85 1.99 -27.68
CA ASN A 453 -0.41 3.32 -28.10
C ASN A 453 1.06 3.54 -27.83
N HIS A 454 1.64 2.77 -26.91
CA HIS A 454 3.09 2.75 -26.71
C HIS A 454 3.76 1.81 -27.68
N PHE A 455 3.14 0.67 -27.96
CA PHE A 455 3.75 -0.33 -28.82
C PHE A 455 3.58 -0.01 -30.29
N GLN A 456 2.54 0.76 -30.65
CA GLN A 456 2.42 1.24 -32.02
C GLN A 456 3.50 2.24 -32.37
N CYS A 457 4.15 2.84 -31.37
CA CYS A 457 5.32 3.67 -31.62
C CYS A 457 6.56 2.83 -31.89
N LEU A 458 6.46 1.52 -31.76
CA LEU A 458 7.59 0.62 -32.01
C LEU A 458 7.79 0.32 -33.49
N TYR A 459 6.86 0.74 -34.34
CA TYR A 459 6.92 0.49 -35.77
C TYR A 459 7.73 1.54 -36.52
N ASP A 460 7.98 2.70 -35.92
CA ASP A 460 8.69 3.77 -36.60
C ASP A 460 10.19 3.55 -36.59
N GLU A 461 10.73 2.99 -35.50
CA GLU A 461 12.15 2.74 -35.41
C GLU A 461 12.59 1.74 -36.48
N THR A 462 13.89 1.75 -36.74
CA THR A 462 14.48 0.76 -37.63
C THR A 462 14.24 -0.63 -37.06
N PHE A 463 13.99 -1.60 -37.94
CA PHE A 463 13.53 -2.91 -37.50
C PHE A 463 14.56 -3.62 -36.63
N SER A 464 15.79 -3.73 -37.14
CA SER A 464 16.79 -4.56 -36.46
C SER A 464 17.22 -3.97 -35.12
N ASP A 465 16.97 -2.68 -34.89
CA ASP A 465 17.41 -2.03 -33.67
C ASP A 465 16.46 -2.25 -32.49
N VAL A 466 15.24 -2.73 -32.74
CA VAL A 466 14.25 -2.94 -31.70
C VAL A 466 13.65 -4.34 -31.71
N ALA A 467 14.32 -5.31 -32.32
CA ALA A 467 13.72 -6.63 -32.47
C ALA A 467 13.57 -7.34 -31.13
N ASP A 468 14.38 -6.97 -30.14
CA ASP A 468 14.22 -7.52 -28.80
C ASP A 468 13.06 -6.89 -28.05
N LEU A 469 12.39 -5.89 -28.62
CA LEU A 469 11.23 -5.26 -28.02
C LEU A 469 9.93 -5.71 -28.67
N TYR A 470 9.96 -6.00 -29.97
CA TYR A 470 8.86 -6.72 -30.60
C TYR A 470 8.55 -8.02 -29.87
N PHE A 471 9.58 -8.68 -29.34
CA PHE A 471 9.37 -9.97 -28.71
C PHE A 471 8.94 -9.80 -27.26
N GLU A 472 9.54 -8.85 -26.55
CA GLU A 472 9.20 -8.65 -25.15
C GLU A 472 7.83 -8.00 -25.00
N ALA A 473 7.35 -7.33 -26.05
CA ALA A 473 6.00 -6.78 -26.03
C ALA A 473 4.98 -7.84 -26.39
N ALA A 474 5.24 -8.61 -27.44
CA ALA A 474 4.32 -9.66 -27.86
C ALA A 474 4.25 -10.77 -26.83
N THR A 475 5.37 -11.08 -26.19
CA THR A 475 5.37 -12.12 -25.16
C THR A 475 4.52 -11.71 -23.97
N ALA A 476 4.42 -10.41 -23.71
CA ALA A 476 3.56 -9.94 -22.62
C ALA A 476 2.10 -10.00 -23.01
N LEU A 477 1.78 -9.60 -24.24
CA LEU A 477 0.40 -9.65 -24.71
C LEU A 477 -0.09 -11.10 -24.80
N THR A 478 0.82 -12.04 -25.03
CA THR A 478 0.42 -13.44 -25.13
C THR A 478 0.19 -14.04 -23.75
N ARG A 479 0.97 -13.61 -22.76
CA ARG A 479 0.76 -14.05 -21.39
C ARG A 479 -0.43 -13.36 -20.75
N ALA A 480 -0.83 -12.20 -21.24
CA ALA A 480 -2.04 -11.51 -20.82
C ALA A 480 -3.24 -11.83 -21.71
N GLU A 481 -3.21 -12.95 -22.43
CA GLU A 481 -4.36 -13.49 -23.15
C GLU A 481 -4.85 -12.59 -24.27
N LYS A 482 -4.01 -11.67 -24.75
CA LYS A 482 -4.32 -10.82 -25.90
C LYS A 482 -3.76 -11.43 -27.18
N TYR A 483 -4.46 -12.43 -27.72
CA TYR A 483 -3.89 -13.23 -28.79
C TYR A 483 -4.00 -12.59 -30.16
N LYS A 484 -4.87 -11.60 -30.34
CA LYS A 484 -4.97 -10.89 -31.61
C LYS A 484 -3.91 -9.81 -31.73
N GLU A 485 -3.67 -9.08 -30.65
CA GLU A 485 -2.72 -7.97 -30.69
C GLU A 485 -1.28 -8.47 -30.75
N ALA A 486 -1.01 -9.68 -30.29
CA ALA A 486 0.37 -10.15 -30.21
C ALA A 486 0.90 -10.57 -31.57
N ILE A 487 0.03 -11.07 -32.44
CA ILE A 487 0.47 -11.56 -33.74
C ILE A 487 1.07 -10.44 -34.57
N ASP A 488 0.58 -9.21 -34.40
CA ASP A 488 1.14 -8.08 -35.12
C ASP A 488 2.60 -7.84 -34.78
N PHE A 489 3.05 -8.33 -33.61
CA PHE A 489 4.41 -8.11 -33.14
C PHE A 489 5.30 -9.33 -33.24
N PHE A 490 4.74 -10.54 -33.39
CA PHE A 490 5.55 -11.71 -33.68
C PHE A 490 5.86 -11.82 -35.16
N THR A 491 4.86 -11.62 -36.01
CA THR A 491 5.02 -11.91 -37.44
C THR A 491 6.09 -11.06 -38.13
N PRO A 492 6.33 -9.80 -37.78
CA PRO A 492 7.46 -9.09 -38.40
C PRO A 492 8.80 -9.73 -38.10
N LEU A 493 8.96 -10.34 -36.92
CA LEU A 493 10.23 -10.96 -36.56
C LEU A 493 10.60 -12.10 -37.48
N LEU A 494 9.63 -12.69 -38.17
CA LEU A 494 9.91 -13.80 -39.08
C LEU A 494 10.69 -13.36 -40.30
N SER A 495 10.72 -12.06 -40.59
CA SER A 495 11.61 -11.55 -41.62
C SER A 495 13.07 -11.78 -41.29
N LEU A 496 13.42 -11.98 -40.02
CA LEU A 496 14.77 -12.26 -39.57
C LEU A 496 14.89 -13.76 -39.32
N GLU A 497 16.04 -14.33 -39.69
CA GLU A 497 16.26 -15.75 -39.49
C GLU A 497 16.72 -16.06 -38.07
N GLU A 498 17.40 -15.12 -37.42
CA GLU A 498 17.90 -15.37 -36.07
C GLU A 498 16.79 -15.43 -35.03
N TRP A 499 15.59 -14.93 -35.36
CA TRP A 499 14.43 -15.04 -34.49
C TRP A 499 13.51 -16.19 -34.87
N ARG A 500 13.83 -16.96 -35.91
CA ARG A 500 12.93 -17.98 -36.44
C ARG A 500 13.20 -19.31 -35.74
N THR A 501 12.80 -19.36 -34.48
CA THR A 501 12.90 -20.58 -33.68
C THR A 501 11.63 -20.75 -32.87
N THR A 502 11.67 -21.70 -31.92
CA THR A 502 10.45 -22.09 -31.21
C THR A 502 9.91 -21.01 -30.30
N ASP A 503 10.78 -20.22 -29.66
CA ASP A 503 10.29 -19.21 -28.73
C ASP A 503 9.46 -18.13 -29.41
N VAL A 504 9.53 -18.04 -30.74
CA VAL A 504 8.60 -17.22 -31.52
C VAL A 504 7.42 -18.05 -32.00
N PHE A 505 7.68 -19.24 -32.53
CA PHE A 505 6.61 -20.05 -33.11
C PHE A 505 5.60 -20.49 -32.07
N LYS A 506 6.03 -21.12 -30.97
CA LYS A 506 5.07 -21.72 -30.06
C LYS A 506 4.20 -20.67 -29.39
N PRO A 507 4.69 -19.49 -28.98
CA PRO A 507 3.75 -18.45 -28.56
C PRO A 507 2.94 -17.88 -29.71
N LEU A 508 3.42 -18.03 -30.95
CA LEU A 508 2.68 -17.53 -32.10
C LEU A 508 1.62 -18.51 -32.56
N ALA A 509 1.88 -19.81 -32.43
CA ALA A 509 0.97 -20.80 -32.97
C ALA A 509 -0.30 -20.89 -32.15
N ARG A 510 -0.20 -20.76 -30.82
CA ARG A 510 -1.40 -20.82 -30.00
C ARG A 510 -2.23 -19.54 -30.14
N CYS A 511 -1.58 -18.44 -30.51
CA CYS A 511 -2.33 -17.23 -30.83
C CYS A 511 -3.23 -17.46 -32.05
N TYR A 512 -2.69 -18.10 -33.09
CA TYR A 512 -3.53 -18.43 -34.23
C TYR A 512 -4.57 -19.50 -33.90
N LYS A 513 -4.39 -20.24 -32.80
CA LYS A 513 -5.37 -21.24 -32.42
C LYS A 513 -6.55 -20.61 -31.70
N GLU A 514 -6.28 -19.63 -30.84
CA GLU A 514 -7.35 -18.97 -30.10
C GLU A 514 -8.16 -18.03 -31.00
N ILE A 515 -7.56 -17.58 -32.11
CA ILE A 515 -8.20 -16.71 -33.09
C ILE A 515 -8.93 -17.55 -34.14
N GLU A 516 -9.05 -18.86 -33.91
CA GLU A 516 -9.73 -19.78 -34.81
C GLU A 516 -9.11 -19.80 -36.21
N SER A 517 -7.82 -19.46 -36.32
CA SER A 517 -7.08 -19.62 -37.57
C SER A 517 -6.28 -20.91 -37.54
N TYR A 518 -6.97 -22.04 -37.60
CA TYR A 518 -6.34 -23.32 -37.32
C TYR A 518 -5.42 -23.75 -38.45
N GLU A 519 -5.88 -23.59 -39.70
CA GLU A 519 -5.06 -23.98 -40.84
C GLU A 519 -3.77 -23.19 -40.92
N THR A 520 -3.71 -21.99 -40.34
CA THR A 520 -2.47 -21.23 -40.26
C THR A 520 -1.61 -21.66 -39.08
N ALA A 521 -2.24 -22.16 -38.01
CA ALA A 521 -1.47 -22.62 -36.85
C ALA A 521 -0.97 -24.04 -37.03
N LYS A 522 -1.56 -24.78 -37.96
CA LYS A 522 -1.09 -26.15 -38.22
C LYS A 522 0.35 -26.15 -38.67
N GLU A 523 0.77 -25.12 -39.41
CA GLU A 523 2.14 -25.02 -39.84
C GLU A 523 3.06 -24.69 -38.67
N PHE A 524 2.74 -23.63 -37.94
CA PHE A 524 3.66 -23.12 -36.93
C PHE A 524 3.83 -24.09 -35.77
N TYR A 525 2.92 -25.05 -35.61
CA TYR A 525 3.21 -26.18 -34.72
C TYR A 525 4.11 -27.19 -35.41
N GLU A 526 3.84 -27.50 -36.69
CA GLU A 526 4.66 -28.45 -37.43
C GLU A 526 6.09 -27.95 -37.62
N LEU A 527 6.34 -26.65 -37.48
CA LEU A 527 7.71 -26.13 -37.54
C LEU A 527 8.39 -26.24 -36.18
N ALA A 528 7.65 -26.02 -35.09
CA ALA A 528 8.26 -26.00 -33.77
C ALA A 528 8.73 -27.39 -33.36
N ILE A 529 8.02 -28.43 -33.79
CA ILE A 529 8.40 -29.80 -33.42
C ILE A 529 9.74 -30.17 -34.03
N LYS A 530 10.07 -29.61 -35.21
CA LYS A 530 11.32 -29.95 -35.87
C LYS A 530 12.54 -29.47 -35.08
N SER A 531 12.36 -28.52 -34.16
CA SER A 531 13.46 -28.01 -33.37
C SER A 531 13.62 -28.79 -32.07
N GLU A 532 12.51 -29.12 -31.40
CA GLU A 532 12.53 -29.89 -30.15
C GLU A 532 11.44 -30.96 -30.19
N PRO A 533 11.66 -32.06 -30.92
CA PRO A 533 10.68 -33.14 -30.95
C PRO A 533 10.39 -33.74 -29.58
N ASP A 534 11.33 -33.62 -28.64
CA ASP A 534 11.18 -34.18 -27.31
C ASP A 534 10.14 -33.46 -26.48
N ASP A 535 9.59 -32.34 -26.94
CA ASP A 535 8.51 -31.65 -26.26
C ASP A 535 7.18 -32.17 -26.79
N LEU A 536 6.18 -32.21 -25.91
CA LEU A 536 4.84 -32.68 -26.25
C LEU A 536 3.75 -31.70 -25.88
N ASP A 537 4.09 -30.56 -25.27
CA ASP A 537 3.14 -29.46 -25.19
C ASP A 537 2.64 -29.08 -26.57
N ILE A 538 3.52 -29.16 -27.58
CA ILE A 538 3.14 -28.85 -28.94
C ILE A 538 2.40 -30.02 -29.57
N ARG A 539 2.83 -31.24 -29.26
CA ARG A 539 2.25 -32.41 -29.92
C ARG A 539 0.79 -32.61 -29.50
N VAL A 540 0.46 -32.31 -28.25
CA VAL A 540 -0.92 -32.45 -27.80
C VAL A 540 -1.78 -31.34 -28.35
N SER A 541 -1.25 -30.11 -28.38
CA SER A 541 -2.00 -29.01 -28.98
C SER A 541 -2.12 -29.18 -30.47
N LEU A 542 -1.05 -29.65 -31.12
CA LEU A 542 -1.12 -29.89 -32.56
C LEU A 542 -2.02 -31.06 -32.88
N ALA A 543 -2.23 -31.96 -31.91
CA ALA A 543 -3.24 -32.99 -32.08
C ALA A 543 -4.64 -32.37 -32.00
N GLU A 544 -4.83 -31.43 -31.06
CA GLU A 544 -6.11 -30.78 -30.89
C GLU A 544 -6.56 -30.09 -32.16
N VAL A 545 -5.61 -29.54 -32.93
CA VAL A 545 -5.97 -28.83 -34.15
C VAL A 545 -6.50 -29.79 -35.20
N TYR A 546 -6.03 -31.03 -35.19
CA TYR A 546 -6.55 -31.97 -36.18
C TYR A 546 -7.99 -32.37 -35.91
N TYR A 547 -8.50 -32.14 -34.70
CA TYR A 547 -9.90 -32.37 -34.39
C TYR A 547 -10.75 -31.14 -34.66
N ARG A 548 -10.23 -29.95 -34.36
CA ARG A 548 -10.95 -28.72 -34.72
C ARG A 548 -11.12 -28.64 -36.22
N LEU A 549 -10.12 -29.12 -36.97
CA LEU A 549 -10.34 -29.45 -38.37
C LEU A 549 -11.04 -30.79 -38.48
N ASN A 550 -11.85 -30.94 -39.52
CA ASN A 550 -12.61 -32.17 -39.74
C ASN A 550 -11.75 -33.21 -40.44
N ASP A 551 -10.76 -33.72 -39.70
CA ASP A 551 -9.89 -34.80 -40.17
C ASP A 551 -9.53 -35.70 -38.99
N PRO A 552 -10.45 -36.56 -38.56
CA PRO A 552 -10.13 -37.46 -37.45
C PRO A 552 -9.18 -38.58 -37.82
N GLU A 553 -9.01 -38.85 -39.11
CA GLU A 553 -8.15 -39.96 -39.53
C GLU A 553 -6.72 -39.74 -39.08
N THR A 554 -6.19 -38.52 -39.28
CA THR A 554 -4.86 -38.19 -38.79
C THR A 554 -4.86 -37.89 -37.30
N PHE A 555 -6.02 -37.66 -36.70
CA PHE A 555 -6.06 -37.32 -35.28
C PHE A 555 -5.69 -38.51 -34.42
N LYS A 556 -6.17 -39.70 -34.77
CA LYS A 556 -5.88 -40.88 -33.97
C LYS A 556 -4.41 -41.28 -34.09
N HIS A 557 -3.81 -41.10 -35.26
CA HIS A 557 -2.40 -41.43 -35.43
C HIS A 557 -1.50 -40.48 -34.66
N MET A 558 -2.01 -39.30 -34.30
CA MET A 558 -1.23 -38.37 -33.48
C MET A 558 -1.42 -38.64 -32.00
N LEU A 559 -2.51 -39.33 -31.64
CA LEU A 559 -2.71 -39.70 -30.24
C LEU A 559 -1.81 -40.86 -29.85
N VAL A 560 -1.63 -41.84 -30.75
CA VAL A 560 -0.76 -42.96 -30.44
C VAL A 560 0.68 -42.50 -30.35
N ASP A 561 1.07 -41.49 -31.13
CA ASP A 561 2.46 -41.03 -31.12
C ASP A 561 2.78 -40.32 -29.82
N VAL A 562 1.85 -39.54 -29.29
CA VAL A 562 2.14 -38.73 -28.12
C VAL A 562 2.06 -39.55 -26.84
N VAL A 563 1.09 -40.46 -26.75
CA VAL A 563 0.94 -41.25 -25.52
C VAL A 563 2.10 -42.22 -25.38
N GLU A 564 2.53 -42.84 -26.49
CA GLU A 564 3.72 -43.68 -26.45
C GLU A 564 4.95 -42.85 -26.10
N MET A 565 4.98 -41.60 -26.55
CA MET A 565 6.09 -40.71 -26.23
C MET A 565 6.10 -40.38 -24.75
N ARG A 566 4.94 -40.41 -24.10
CA ARG A 566 4.87 -40.11 -22.67
C ARG A 566 5.12 -41.36 -21.84
N LYS A 567 4.60 -42.50 -22.29
CA LYS A 567 4.88 -43.76 -21.58
C LYS A 567 6.36 -44.09 -21.61
N HIS A 568 7.08 -43.64 -22.63
CA HIS A 568 8.52 -43.79 -22.72
C HIS A 568 9.27 -42.87 -21.73
N GLN A 569 8.59 -41.89 -21.14
CA GLN A 569 9.20 -40.89 -20.29
C GLN A 569 8.89 -41.08 -18.81
N VAL A 570 7.71 -41.60 -18.49
CA VAL A 570 7.34 -41.79 -17.09
C VAL A 570 8.09 -42.96 -16.46
N ASP A 571 8.48 -43.96 -17.25
CA ASP A 571 9.22 -45.09 -16.70
C ASP A 571 10.57 -44.66 -16.14
N GLU A 572 11.28 -43.80 -16.89
CA GLU A 572 12.54 -43.24 -16.39
C GLU A 572 12.31 -42.07 -15.45
N THR A 573 11.23 -41.32 -15.66
CA THR A 573 10.89 -40.17 -14.83
C THR A 573 12.01 -39.13 -14.86
N ASP A 612 -21.73 -38.98 -40.66
CA ASP A 612 -22.49 -38.96 -39.42
C ASP A 612 -22.40 -37.63 -38.68
N ALA A 613 -21.87 -36.60 -39.35
CA ALA A 613 -21.66 -35.30 -38.73
C ALA A 613 -22.96 -34.71 -38.18
N GLU A 614 -24.09 -35.00 -38.82
CA GLU A 614 -25.38 -34.59 -38.27
C GLU A 614 -25.79 -35.53 -37.14
N ARG A 615 -25.66 -36.83 -37.35
CA ARG A 615 -26.01 -37.80 -36.32
C ARG A 615 -25.01 -37.79 -35.17
N GLU A 616 -23.81 -37.22 -35.38
CA GLU A 616 -22.79 -37.25 -34.34
C GLU A 616 -23.20 -36.45 -33.12
N ARG A 617 -23.93 -35.35 -33.32
CA ARG A 617 -24.19 -34.39 -32.25
C ARG A 617 -25.62 -34.40 -31.73
N ILE A 618 -26.61 -34.78 -32.53
CA ILE A 618 -27.93 -35.04 -31.96
C ILE A 618 -27.87 -36.18 -30.95
N GLU A 619 -26.98 -37.14 -31.17
CA GLU A 619 -26.79 -38.20 -30.18
C GLU A 619 -26.06 -37.68 -28.95
N ARG A 620 -25.31 -36.59 -29.08
CA ARG A 620 -24.64 -35.96 -27.94
C ARG A 620 -25.56 -34.95 -27.26
N GLU A 621 -26.27 -34.15 -28.05
CA GLU A 621 -27.23 -33.20 -27.48
C GLU A 621 -28.29 -33.92 -26.67
N ARG A 622 -28.64 -35.15 -27.05
CA ARG A 622 -29.67 -35.88 -26.33
C ARG A 622 -29.21 -36.26 -24.94
N ARG A 623 -27.97 -36.74 -24.80
CA ARG A 623 -27.48 -37.21 -23.52
C ARG A 623 -26.92 -36.09 -22.65
N ILE A 624 -26.53 -34.96 -23.26
CA ILE A 624 -26.04 -33.83 -22.48
C ILE A 624 -27.20 -33.02 -21.92
N THR A 625 -28.34 -32.98 -22.62
CA THR A 625 -29.50 -32.27 -22.09
C THR A 625 -30.13 -33.05 -20.94
N ALA A 626 -30.05 -34.38 -21.00
CA ALA A 626 -30.52 -35.19 -19.87
C ALA A 626 -29.60 -35.03 -18.67
N LYS A 627 -28.30 -34.82 -18.91
CA LYS A 627 -27.35 -34.64 -17.82
C LYS A 627 -27.56 -33.29 -17.14
N VAL A 628 -27.76 -32.24 -17.93
CA VAL A 628 -27.76 -30.89 -17.39
C VAL A 628 -29.07 -30.60 -16.69
N VAL A 629 -30.16 -31.22 -17.15
CA VAL A 629 -31.47 -30.94 -16.56
C VAL A 629 -31.66 -31.72 -15.28
N ASP A 630 -31.15 -32.96 -15.22
CA ASP A 630 -31.29 -33.76 -14.01
C ASP A 630 -30.35 -33.26 -12.92
N LYS A 631 -29.12 -32.90 -13.29
CA LYS A 631 -28.19 -32.29 -12.34
C LYS A 631 -28.73 -30.97 -11.81
N TYR A 632 -29.58 -30.30 -12.59
CA TYR A 632 -30.22 -29.08 -12.13
C TYR A 632 -31.42 -29.37 -11.24
N GLU A 633 -32.13 -30.46 -11.52
CA GLU A 633 -33.24 -30.85 -10.66
C GLU A 633 -32.74 -31.45 -9.35
N LYS A 634 -31.61 -32.17 -9.40
CA LYS A 634 -31.00 -32.67 -8.18
C LYS A 634 -30.42 -31.53 -7.34
N MET A 635 -30.23 -30.35 -7.94
CA MET A 635 -29.72 -29.20 -7.20
C MET A 635 -30.84 -28.39 -6.58
N LYS A 636 -32.07 -28.54 -7.05
CA LYS A 636 -33.19 -27.78 -6.51
C LYS A 636 -33.87 -28.49 -5.34
N LYS A 637 -34.10 -29.80 -5.46
CA LYS A 637 -34.76 -30.53 -4.38
C LYS A 637 -33.94 -30.58 -3.11
N PHE A 638 -32.62 -30.37 -3.20
CA PHE A 638 -31.77 -30.21 -2.03
C PHE A 638 -30.98 -28.91 -2.19
N GLU A 639 -30.93 -28.15 -1.11
CA GLU A 639 -30.36 -26.80 -1.13
C GLU A 639 -31.17 -25.92 -2.08
N ASN A 645 -24.62 -26.88 8.30
CA ASN A 645 -23.21 -26.60 8.09
C ASN A 645 -23.06 -25.26 7.39
N GLU A 646 -23.72 -25.13 6.23
CA GLU A 646 -23.76 -23.91 5.44
C GLU A 646 -22.38 -23.48 4.92
N ALA A 647 -21.40 -24.39 4.96
CA ALA A 647 -20.15 -24.17 4.23
C ALA A 647 -19.73 -25.43 3.49
N LYS A 648 -20.20 -26.60 3.94
CA LYS A 648 -20.02 -27.84 3.19
C LYS A 648 -21.20 -28.07 2.25
N GLN A 649 -22.36 -27.48 2.54
CA GLN A 649 -23.47 -27.52 1.59
C GLN A 649 -23.20 -26.59 0.41
N ALA A 650 -22.30 -25.63 0.58
CA ALA A 650 -21.94 -24.76 -0.52
C ALA A 650 -20.97 -25.44 -1.48
N SER A 651 -19.90 -26.04 -0.95
CA SER A 651 -18.89 -26.66 -1.80
C SER A 651 -19.47 -27.80 -2.62
N ILE A 652 -20.39 -28.56 -2.03
CA ILE A 652 -21.10 -29.59 -2.78
C ILE A 652 -22.07 -28.97 -3.77
N TRP A 653 -22.50 -27.74 -3.52
CA TRP A 653 -23.38 -27.05 -4.45
C TRP A 653 -22.59 -26.41 -5.58
N ILE A 654 -21.48 -25.77 -5.25
CA ILE A 654 -20.65 -25.12 -6.26
C ILE A 654 -20.13 -26.14 -7.27
N ASN A 655 -19.87 -27.37 -6.81
CA ASN A 655 -19.38 -28.39 -7.72
C ASN A 655 -20.44 -28.76 -8.74
N THR A 656 -21.66 -29.03 -8.28
CA THR A 656 -22.73 -29.42 -9.19
C THR A 656 -23.35 -28.24 -9.92
N VAL A 657 -22.79 -27.03 -9.79
CA VAL A 657 -23.14 -25.88 -10.61
C VAL A 657 -22.00 -25.59 -11.56
N SER A 658 -20.76 -25.73 -11.08
CA SER A 658 -19.61 -25.61 -11.96
C SER A 658 -19.60 -26.71 -13.00
N GLU A 659 -20.22 -27.85 -12.70
CA GLU A 659 -20.47 -28.91 -13.66
C GLU A 659 -21.61 -28.59 -14.62
N LEU A 660 -22.24 -27.42 -14.51
CA LEU A 660 -23.24 -26.94 -15.44
C LEU A 660 -22.74 -25.76 -16.24
N VAL A 661 -22.09 -24.81 -15.56
CA VAL A 661 -21.55 -23.63 -16.22
C VAL A 661 -20.44 -24.01 -17.20
N ASP A 662 -19.83 -25.18 -17.04
CA ASP A 662 -18.88 -25.66 -18.04
C ASP A 662 -19.57 -26.10 -19.32
N ILE A 663 -20.87 -26.36 -19.29
CA ILE A 663 -21.61 -26.76 -20.48
C ILE A 663 -22.12 -25.55 -21.26
N PHE A 664 -22.31 -24.42 -20.59
CA PHE A 664 -22.81 -23.21 -21.23
C PHE A 664 -21.67 -22.38 -21.81
N SER A 665 -20.68 -22.07 -20.97
CA SER A 665 -19.55 -21.26 -21.40
C SER A 665 -18.70 -21.96 -22.45
N SER A 666 -18.81 -23.27 -22.59
CA SER A 666 -18.01 -24.02 -23.54
C SER A 666 -18.65 -24.15 -24.91
N VAL A 667 -19.56 -23.24 -25.27
CA VAL A 667 -20.27 -23.33 -26.55
C VAL A 667 -19.66 -22.45 -27.63
N LYS A 668 -18.91 -21.42 -27.26
CA LYS A 668 -18.04 -20.68 -28.17
C LYS A 668 -18.76 -19.78 -29.17
N ASN A 669 -20.10 -19.88 -29.26
CA ASN A 669 -20.86 -18.92 -30.06
C ASN A 669 -21.19 -17.66 -29.30
N PHE A 670 -20.67 -17.53 -28.07
CA PHE A 670 -21.11 -16.50 -27.14
C PHE A 670 -19.99 -15.54 -26.79
N PHE A 671 -18.75 -16.00 -26.85
CA PHE A 671 -17.60 -15.22 -26.47
C PHE A 671 -16.83 -14.84 -27.72
N MET A 672 -16.55 -13.55 -27.88
CA MET A 672 -15.68 -13.09 -28.95
C MET A 672 -14.21 -13.39 -28.67
N LYS A 673 -13.89 -13.88 -27.48
CA LYS A 673 -12.55 -14.30 -27.11
C LYS A 673 -12.64 -15.63 -26.38
N SER A 674 -11.49 -16.22 -26.10
CA SER A 674 -11.48 -17.46 -25.35
C SER A 674 -11.75 -17.18 -23.88
N ARG A 675 -12.22 -18.21 -23.18
CA ARG A 675 -12.46 -18.10 -21.75
C ARG A 675 -11.15 -17.85 -21.02
N SER A 676 -11.22 -17.08 -19.94
CA SER A 676 -10.02 -16.78 -19.17
C SER A 676 -9.48 -18.03 -18.49
N ARG A 677 -8.16 -18.09 -18.37
CA ARG A 677 -7.54 -19.18 -17.61
C ARG A 677 -7.93 -19.10 -16.14
N LYS A 678 -8.13 -17.89 -15.64
CA LYS A 678 -8.63 -17.68 -14.28
C LYS A 678 -10.02 -18.25 -14.08
N PHE A 679 -10.83 -18.33 -15.13
CA PHE A 679 -12.18 -18.85 -15.03
C PHE A 679 -12.25 -20.35 -15.25
N VAL A 680 -11.45 -20.88 -16.18
CA VAL A 680 -11.38 -22.32 -16.34
C VAL A 680 -10.72 -22.96 -15.14
N GLY A 681 -9.79 -22.24 -14.52
CA GLY A 681 -9.21 -22.71 -13.26
C GLY A 681 -10.24 -22.89 -12.17
N ILE A 682 -11.33 -22.13 -12.20
CA ILE A 682 -12.42 -22.32 -11.26
C ILE A 682 -13.26 -23.54 -11.64
N LEU A 683 -13.28 -23.91 -12.92
CA LEU A 683 -13.96 -25.10 -13.38
C LEU A 683 -13.07 -26.34 -13.32
N ARG A 684 -11.75 -26.16 -13.43
CA ARG A 684 -10.83 -27.27 -13.22
C ARG A 684 -10.65 -27.60 -11.75
N ARG A 685 -11.30 -26.87 -10.84
CA ARG A 685 -11.19 -27.09 -9.41
C ARG A 685 -11.86 -28.39 -8.97
N THR A 686 -12.58 -29.09 -9.86
CA THR A 686 -13.16 -30.38 -9.53
C THR A 686 -12.11 -31.41 -9.10
N LYS A 687 -10.85 -31.20 -9.46
CA LYS A 687 -9.68 -31.86 -8.88
C LYS A 687 -9.46 -33.29 -9.39
N LYS A 688 -10.36 -33.81 -10.23
CA LYS A 688 -10.13 -35.14 -10.79
C LYS A 688 -8.89 -35.18 -11.68
N PHE A 689 -8.39 -34.03 -12.13
CA PHE A 689 -7.24 -34.00 -13.02
C PHE A 689 -5.97 -34.35 -12.28
N ASN A 690 -4.99 -34.87 -13.02
CA ASN A 690 -3.63 -35.09 -12.52
C ASN A 690 -2.73 -33.91 -12.85
N THR A 691 -2.58 -33.59 -14.13
CA THR A 691 -1.72 -32.51 -14.58
C THR A 691 -2.42 -31.82 -15.75
N GLU A 692 -2.06 -30.55 -15.97
CA GLU A 692 -2.70 -29.76 -17.01
C GLU A 692 -2.51 -30.36 -18.40
N LEU A 693 -1.40 -31.07 -18.63
CA LEU A 693 -1.19 -31.75 -19.89
C LEU A 693 -1.73 -33.17 -19.85
N ASP A 694 -1.59 -33.85 -18.70
CA ASP A 694 -2.21 -35.16 -18.55
C ASP A 694 -3.72 -35.04 -18.70
N PHE A 695 -4.31 -33.97 -18.15
CA PHE A 695 -5.73 -33.71 -18.32
C PHE A 695 -6.13 -33.72 -19.79
N GLN A 696 -5.30 -33.14 -20.65
CA GLN A 696 -5.62 -33.10 -22.07
C GLN A 696 -5.61 -34.50 -22.67
N ILE A 697 -4.68 -35.35 -22.21
CA ILE A 697 -4.54 -36.67 -22.81
C ILE A 697 -5.70 -37.58 -22.42
N GLU A 698 -6.03 -37.63 -21.12
CA GLU A 698 -7.24 -38.35 -20.72
C GLU A 698 -8.49 -37.69 -21.25
N ARG A 699 -8.40 -36.42 -21.66
CA ARG A 699 -9.53 -35.76 -22.30
C ARG A 699 -9.60 -36.14 -23.78
N LEU A 700 -8.48 -35.95 -24.49
CA LEU A 700 -8.47 -36.17 -25.94
C LEU A 700 -8.65 -37.64 -26.30
N SER A 701 -8.31 -38.56 -25.39
CA SER A 701 -8.48 -39.97 -25.68
C SER A 701 -9.96 -40.31 -25.89
N LYS A 702 -10.84 -39.63 -25.16
CA LYS A 702 -12.28 -39.82 -25.33
C LYS A 702 -12.86 -38.94 -26.42
N LEU A 703 -12.09 -37.97 -26.93
CA LEU A 703 -12.54 -37.16 -28.05
C LEU A 703 -12.63 -37.94 -29.35
N ALA A 704 -12.05 -39.15 -29.39
CA ALA A 704 -11.90 -39.87 -30.65
C ALA A 704 -13.24 -40.18 -31.29
N GLU A 705 -14.01 -41.11 -30.71
CA GLU A 705 -15.31 -41.47 -31.25
C GLU A 705 -16.41 -41.44 -30.19
N GLY A 706 -16.05 -41.71 -28.93
CA GLY A 706 -17.03 -41.88 -27.87
C GLY A 706 -17.28 -40.60 -27.08
N ASP A 707 -18.08 -40.76 -26.03
CA ASP A 707 -18.40 -39.66 -25.12
C ASP A 707 -18.63 -40.24 -23.74
N SER A 708 -18.25 -39.48 -22.72
CA SER A 708 -18.41 -39.90 -21.34
C SER A 708 -18.25 -38.68 -20.45
N VAL A 709 -18.25 -38.91 -19.14
CA VAL A 709 -18.19 -37.81 -18.18
C VAL A 709 -16.76 -37.30 -18.10
N PHE A 710 -16.57 -36.01 -18.37
CA PHE A 710 -15.29 -35.35 -18.19
C PHE A 710 -15.50 -33.85 -18.33
N GLU A 711 -14.67 -33.10 -17.62
CA GLU A 711 -14.75 -31.64 -17.66
C GLU A 711 -14.33 -31.12 -19.02
N GLY A 712 -14.96 -30.02 -19.43
CA GLY A 712 -14.71 -29.45 -20.74
C GLY A 712 -15.27 -30.32 -21.84
N PRO A 713 -16.61 -30.37 -21.98
CA PRO A 713 -17.21 -31.26 -22.98
C PRO A 713 -16.81 -30.89 -24.39
N LEU A 714 -15.99 -31.77 -24.99
CA LEU A 714 -15.40 -31.59 -26.32
C LEU A 714 -14.53 -30.32 -26.42
N MET A 715 -14.13 -29.79 -25.25
CA MET A 715 -13.12 -28.74 -25.07
C MET A 715 -13.54 -27.35 -25.51
N GLU A 716 -14.43 -27.27 -26.49
CA GLU A 716 -15.28 -26.16 -26.90
C GLU A 716 -15.85 -26.58 -28.24
N GLU A 717 -16.95 -25.98 -28.66
CA GLU A 717 -17.45 -26.25 -30.00
C GLU A 717 -18.57 -25.28 -30.33
N ARG A 718 -18.49 -24.70 -31.53
CA ARG A 718 -19.61 -23.94 -32.06
C ARG A 718 -20.67 -24.89 -32.57
N VAL A 719 -21.89 -24.74 -32.05
CA VAL A 719 -23.02 -25.59 -32.40
C VAL A 719 -24.18 -24.71 -32.81
N THR A 720 -25.00 -25.21 -33.73
CA THR A 720 -26.20 -24.50 -34.14
C THR A 720 -27.17 -24.40 -32.97
N LEU A 721 -27.53 -23.16 -32.62
CA LEU A 721 -28.37 -22.94 -31.45
C LEU A 721 -29.78 -23.46 -31.66
N THR A 722 -30.31 -23.32 -32.88
CA THR A 722 -31.60 -23.82 -33.37
C THR A 722 -32.82 -23.28 -32.64
N SER A 723 -32.65 -22.41 -31.64
CA SER A 723 -33.77 -21.81 -30.93
C SER A 723 -33.23 -20.78 -29.95
N ALA A 724 -34.03 -19.74 -29.72
CA ALA A 724 -33.82 -18.84 -28.62
C ALA A 724 -34.70 -19.25 -27.45
N THR A 725 -34.40 -18.72 -26.27
CA THR A 725 -35.08 -19.06 -25.02
C THR A 725 -34.80 -20.49 -24.56
N GLU A 726 -33.89 -21.20 -25.24
CA GLU A 726 -33.47 -22.54 -24.86
C GLU A 726 -32.12 -22.80 -25.51
N LEU A 727 -31.19 -23.34 -24.72
CA LEU A 727 -29.95 -23.88 -25.26
C LEU A 727 -29.94 -25.38 -25.00
N ARG A 728 -29.96 -25.74 -23.72
CA ARG A 728 -30.31 -27.05 -23.23
C ARG A 728 -31.75 -26.95 -22.75
N GLY A 729 -32.21 -27.90 -21.94
CA GLY A 729 -33.48 -27.73 -21.26
C GLY A 729 -33.64 -26.46 -20.46
N LEU A 730 -32.55 -25.79 -20.10
CA LEU A 730 -32.57 -24.48 -19.46
C LEU A 730 -32.76 -23.40 -20.51
N SER A 731 -33.16 -22.20 -20.07
CA SER A 731 -33.89 -21.27 -20.93
C SER A 731 -33.36 -19.84 -20.90
N TYR A 732 -32.08 -19.65 -20.56
CA TYR A 732 -31.38 -18.36 -20.61
C TYR A 732 -31.78 -17.40 -19.49
N GLU A 733 -32.81 -17.74 -18.72
CA GLU A 733 -33.09 -17.05 -17.47
C GLU A 733 -32.98 -18.03 -16.30
N GLN A 734 -32.71 -19.30 -16.58
CA GLN A 734 -32.23 -20.24 -15.59
C GLN A 734 -30.71 -20.35 -15.59
N TRP A 735 -30.05 -19.98 -16.70
CA TRP A 735 -28.60 -19.93 -16.72
C TRP A 735 -28.08 -18.67 -16.05
N PHE A 736 -28.66 -17.52 -16.37
CA PHE A 736 -28.18 -16.26 -15.81
C PHE A 736 -28.34 -16.24 -14.31
N GLU A 737 -29.34 -16.93 -13.80
CA GLU A 737 -29.52 -17.03 -12.35
C GLU A 737 -28.43 -17.87 -11.71
N LEU A 738 -27.73 -18.69 -12.50
CA LEU A 738 -26.64 -19.50 -11.96
C LEU A 738 -25.35 -18.71 -11.89
N PHE A 739 -24.99 -18.01 -12.97
CA PHE A 739 -23.81 -17.18 -12.98
C PHE A 739 -23.82 -16.16 -11.84
N MET A 740 -24.98 -15.53 -11.61
CA MET A 740 -25.06 -14.52 -10.58
C MET A 740 -25.09 -15.14 -9.19
N GLU A 741 -25.72 -16.30 -9.06
CA GLU A 741 -25.76 -17.00 -7.78
C GLU A 741 -24.47 -17.74 -7.53
N LEU A 742 -23.75 -18.10 -8.59
CA LEU A 742 -22.44 -18.72 -8.44
C LEU A 742 -21.38 -17.69 -8.12
N SER A 743 -21.54 -16.48 -8.65
CA SER A 743 -20.58 -15.42 -8.41
C SER A 743 -20.58 -14.98 -6.96
N LEU A 744 -21.75 -14.92 -6.35
CA LEU A 744 -21.88 -14.43 -4.99
C LEU A 744 -21.49 -15.49 -3.98
N VAL A 745 -21.93 -16.73 -4.20
CA VAL A 745 -21.63 -17.81 -3.27
C VAL A 745 -20.13 -18.08 -3.22
N ILE A 746 -19.48 -18.09 -4.38
CA ILE A 746 -18.02 -18.21 -4.40
C ILE A 746 -17.37 -17.03 -3.70
N ALA A 747 -18.02 -15.87 -3.77
CA ALA A 747 -17.45 -14.68 -3.14
C ALA A 747 -17.62 -14.68 -1.63
N LYS A 748 -18.60 -15.44 -1.14
CA LYS A 748 -18.95 -15.39 0.27
C LYS A 748 -18.17 -16.44 1.07
N TYR A 749 -18.11 -17.67 0.55
CA TYR A 749 -17.48 -18.78 1.25
C TYR A 749 -16.10 -19.12 0.73
N GLN A 750 -15.88 -19.05 -0.58
CA GLN A 750 -14.59 -19.30 -1.19
C GLN A 750 -13.91 -17.96 -1.48
N SER A 751 -12.81 -17.99 -2.22
CA SER A 751 -12.05 -16.79 -2.52
C SER A 751 -12.91 -15.77 -3.24
N VAL A 752 -12.79 -14.51 -2.84
CA VAL A 752 -13.60 -13.45 -3.43
C VAL A 752 -13.14 -13.12 -4.84
N GLU A 753 -11.84 -13.23 -5.10
CA GLU A 753 -11.32 -12.91 -6.43
C GLU A 753 -11.72 -13.91 -7.50
N ASP A 754 -12.24 -15.08 -7.12
CA ASP A 754 -12.69 -16.07 -8.07
C ASP A 754 -14.12 -15.83 -8.52
N GLY A 755 -14.97 -15.36 -7.62
CA GLY A 755 -16.34 -15.06 -8.01
C GLY A 755 -16.42 -13.86 -8.94
N LEU A 756 -15.46 -12.95 -8.82
CA LEU A 756 -15.42 -11.80 -9.71
C LEU A 756 -15.10 -12.21 -11.14
N SER A 757 -14.44 -13.34 -11.33
CA SER A 757 -14.18 -13.84 -12.67
C SER A 757 -15.42 -14.45 -13.30
N VAL A 758 -16.39 -14.88 -12.49
CA VAL A 758 -17.61 -15.45 -13.03
C VAL A 758 -18.48 -14.36 -13.63
N VAL A 759 -18.47 -13.17 -13.02
CA VAL A 759 -19.35 -12.10 -13.46
C VAL A 759 -18.71 -11.31 -14.59
N GLU A 760 -17.39 -11.09 -14.54
CA GLU A 760 -16.69 -10.50 -15.68
C GLU A 760 -16.76 -11.38 -16.91
N THR A 761 -16.97 -12.69 -16.74
CA THR A 761 -17.19 -13.60 -17.86
C THR A 761 -18.64 -13.62 -18.30
N ALA A 762 -19.58 -13.33 -17.40
CA ALA A 762 -20.98 -13.26 -17.78
C ALA A 762 -21.30 -11.97 -18.52
N GLN A 763 -20.44 -10.97 -18.40
CA GLN A 763 -20.64 -9.70 -19.10
C GLN A 763 -20.27 -9.74 -20.57
N GLU A 764 -19.86 -10.90 -21.08
CA GLU A 764 -19.38 -11.02 -22.46
C GLU A 764 -19.94 -12.27 -23.14
N VAL A 765 -21.24 -12.52 -22.99
CA VAL A 765 -21.85 -13.78 -23.43
C VAL A 765 -22.71 -13.63 -24.68
N ASN A 766 -23.02 -12.40 -25.08
CA ASN A 766 -23.70 -12.10 -26.34
C ASN A 766 -25.20 -12.42 -26.28
N VAL A 767 -25.67 -12.91 -25.13
CA VAL A 767 -27.08 -13.07 -24.85
C VAL A 767 -27.50 -12.24 -23.65
N PHE A 768 -26.54 -11.83 -22.82
CA PHE A 768 -26.84 -11.15 -21.56
C PHE A 768 -26.71 -9.64 -21.72
N PHE A 769 -25.57 -9.17 -22.22
CA PHE A 769 -25.40 -7.73 -22.39
C PHE A 769 -26.18 -7.21 -23.59
N GLN A 770 -26.55 -8.09 -24.53
CA GLN A 770 -27.48 -7.69 -25.58
C GLN A 770 -28.84 -7.33 -25.01
N ASP A 771 -29.26 -7.99 -23.94
CA ASP A 771 -30.56 -7.76 -23.32
C ASP A 771 -30.41 -6.80 -22.16
N PRO A 772 -31.17 -5.72 -22.06
CA PRO A 772 -31.23 -5.00 -20.78
C PRO A 772 -31.97 -5.83 -19.74
N GLU A 773 -31.95 -5.32 -18.51
CA GLU A 773 -32.44 -6.01 -17.31
C GLU A 773 -31.60 -7.23 -16.95
N ARG A 774 -30.45 -7.42 -17.62
CA ARG A 774 -29.45 -8.40 -17.24
C ARG A 774 -28.09 -7.75 -17.11
N VAL A 775 -27.78 -6.81 -18.01
CA VAL A 775 -26.60 -5.98 -17.83
C VAL A 775 -26.78 -5.04 -16.65
N LYS A 776 -28.02 -4.80 -16.22
CA LYS A 776 -28.23 -4.05 -14.99
C LYS A 776 -27.73 -4.84 -13.80
N MET A 777 -28.11 -6.11 -13.70
CA MET A 777 -27.77 -6.89 -12.53
C MET A 777 -26.28 -7.15 -12.44
N MET A 778 -25.64 -7.46 -13.58
CA MET A 778 -24.23 -7.76 -13.57
C MET A 778 -23.40 -6.56 -13.11
N LYS A 779 -23.93 -5.35 -13.29
CA LYS A 779 -23.24 -4.16 -12.82
C LYS A 779 -23.40 -4.01 -11.31
N PHE A 780 -24.49 -4.53 -10.75
CA PHE A 780 -24.66 -4.53 -9.29
C PHE A 780 -23.94 -5.70 -8.64
N VAL A 781 -24.10 -6.90 -9.20
CA VAL A 781 -23.42 -8.08 -8.67
C VAL A 781 -21.91 -7.86 -8.67
N LYS A 782 -21.39 -7.20 -9.69
CA LYS A 782 -19.97 -6.93 -9.73
C LYS A 782 -19.57 -5.89 -8.70
N LEU A 783 -20.49 -4.96 -8.38
CA LEU A 783 -20.22 -3.99 -7.34
C LEU A 783 -20.17 -4.65 -5.97
N ALA A 784 -21.15 -5.51 -5.69
CA ALA A 784 -21.22 -6.19 -4.40
C ALA A 784 -19.93 -6.95 -4.09
N ILE A 785 -19.27 -7.44 -5.12
CA ILE A 785 -18.02 -8.19 -4.96
C ILE A 785 -16.84 -7.24 -4.83
N VAL A 786 -16.86 -6.15 -5.59
CA VAL A 786 -15.74 -5.20 -5.57
C VAL A 786 -15.65 -4.52 -4.21
N LEU A 787 -16.75 -4.47 -3.45
CA LEU A 787 -16.68 -3.97 -2.08
C LEU A 787 -15.74 -4.82 -1.23
N GLN A 788 -15.61 -6.10 -1.57
CA GLN A 788 -14.83 -7.05 -0.79
C GLN A 788 -13.43 -7.29 -1.35
N MET A 789 -13.06 -6.63 -2.45
CA MET A 789 -11.70 -6.70 -2.95
C MET A 789 -10.73 -5.91 -2.08
N ASP A 790 -11.19 -4.86 -1.41
CA ASP A 790 -10.34 -3.92 -0.70
C ASP A 790 -9.28 -3.34 -1.63
N ASP A 791 -9.76 -2.73 -2.73
CA ASP A 791 -8.90 -1.96 -3.62
C ASP A 791 -9.69 -0.77 -4.14
N GLU A 792 -9.03 0.38 -4.21
CA GLU A 792 -9.72 1.65 -4.40
C GLU A 792 -10.19 1.83 -5.85
N GLU A 793 -9.25 1.70 -6.80
CA GLU A 793 -9.46 2.30 -8.12
C GLU A 793 -10.14 1.35 -9.11
N GLU A 794 -10.93 0.39 -8.64
CA GLU A 794 -11.93 -0.26 -9.48
C GLU A 794 -13.33 -0.17 -8.91
N LEU A 795 -13.46 -0.04 -7.60
CA LEU A 795 -14.73 0.36 -6.99
C LEU A 795 -15.27 1.62 -7.64
N ALA A 796 -14.43 2.64 -7.77
CA ALA A 796 -14.85 3.88 -8.40
C ALA A 796 -15.24 3.66 -9.86
N GLU A 797 -14.58 2.72 -10.53
CA GLU A 797 -14.93 2.43 -11.92
C GLU A 797 -16.30 1.79 -12.02
N ASN A 798 -16.73 1.09 -10.98
CA ASN A 798 -18.04 0.47 -10.98
C ASN A 798 -19.12 1.46 -10.57
N LEU A 799 -18.80 2.37 -9.64
CA LEU A 799 -19.78 3.33 -9.19
C LEU A 799 -20.06 4.38 -10.27
N ARG A 800 -19.02 4.86 -10.93
CA ARG A 800 -19.22 5.79 -12.03
C ARG A 800 -19.90 5.13 -13.21
N GLY A 801 -19.87 3.80 -13.29
CA GLY A 801 -20.60 3.10 -14.33
C GLY A 801 -22.09 3.03 -14.05
N LEU A 802 -22.48 3.09 -12.77
CA LEU A 802 -23.89 3.06 -12.42
C LEU A 802 -24.50 4.47 -12.48
N LEU A 803 -23.76 5.46 -11.98
CA LEU A 803 -24.28 6.81 -11.89
C LEU A 803 -24.49 7.43 -13.26
N ASN A 804 -23.76 6.98 -14.26
CA ASN A 804 -23.99 7.44 -15.63
C ASN A 804 -25.25 6.84 -16.22
N GLN A 805 -25.51 5.56 -15.96
CA GLN A 805 -26.74 4.93 -16.42
C GLN A 805 -27.94 5.41 -15.62
N PHE A 806 -27.85 5.31 -14.29
CA PHE A 806 -28.94 5.66 -13.41
C PHE A 806 -28.80 7.09 -12.91
N GLN A 807 -29.38 8.00 -13.69
CA GLN A 807 -29.25 9.42 -13.40
C GLN A 807 -30.38 9.86 -12.49
N PHE A 808 -30.01 10.56 -11.41
CA PHE A 808 -30.93 11.16 -10.44
C PHE A 808 -31.70 10.12 -9.64
N ASN A 809 -31.30 8.86 -9.70
CA ASN A 809 -32.02 7.79 -9.01
C ASN A 809 -31.56 7.77 -7.55
N ARG A 810 -32.51 7.58 -6.64
CA ARG A 810 -32.20 7.73 -5.22
C ARG A 810 -31.66 6.44 -4.63
N LYS A 811 -32.04 5.30 -5.18
CA LYS A 811 -31.52 4.04 -4.67
C LYS A 811 -30.03 3.89 -4.95
N VAL A 812 -29.57 4.45 -6.05
CA VAL A 812 -28.17 4.31 -6.45
C VAL A 812 -27.29 5.27 -5.67
N LEU A 813 -27.79 6.48 -5.39
CA LEU A 813 -27.02 7.45 -4.62
C LEU A 813 -26.79 6.98 -3.19
N GLN A 814 -27.66 6.14 -2.66
CA GLN A 814 -27.43 5.54 -1.35
C GLN A 814 -26.47 4.36 -1.45
N VAL A 815 -26.57 3.57 -2.52
CA VAL A 815 -25.57 2.53 -2.77
C VAL A 815 -24.19 3.15 -2.91
N PHE A 816 -24.14 4.37 -3.46
CA PHE A 816 -22.85 5.06 -3.58
C PHE A 816 -22.24 5.30 -2.21
N MET A 817 -23.04 5.78 -1.25
CA MET A 817 -22.51 6.25 0.01
C MET A 817 -22.56 5.21 1.11
N TYR A 818 -23.44 4.21 1.03
CA TYR A 818 -23.34 3.09 1.94
C TYR A 818 -22.14 2.21 1.59
N SER A 819 -21.80 2.14 0.31
CA SER A 819 -20.56 1.51 -0.12
C SER A 819 -19.34 2.23 0.41
N LEU A 820 -19.43 3.54 0.60
CA LEU A 820 -18.31 4.38 1.00
C LEU A 820 -18.47 4.87 2.44
N CYS A 821 -18.96 4.01 3.33
CA CYS A 821 -19.32 4.39 4.68
C CYS A 821 -18.18 4.31 5.67
N ARG A 822 -17.02 3.77 5.28
CA ARG A 822 -15.92 3.64 6.21
C ARG A 822 -14.62 3.40 5.45
N GLY A 823 -13.52 3.84 6.07
CA GLY A 823 -12.20 3.51 5.61
C GLY A 823 -11.55 4.63 4.82
N PRO A 824 -10.21 4.63 4.73
CA PRO A 824 -9.54 5.63 3.89
C PRO A 824 -9.58 5.28 2.41
N SER A 825 -9.79 4.01 2.07
CA SER A 825 -9.99 3.63 0.68
C SER A 825 -11.23 4.27 0.09
N SER A 826 -12.21 4.60 0.93
CA SER A 826 -13.42 5.29 0.53
C SER A 826 -13.29 6.80 0.63
N LEU A 827 -12.50 7.28 1.59
CA LEU A 827 -12.25 8.70 1.71
C LEU A 827 -11.47 9.24 0.52
N ASN A 828 -10.56 8.43 -0.03
CA ASN A 828 -9.75 8.88 -1.14
C ASN A 828 -10.57 8.94 -2.43
N ILE A 829 -11.67 8.21 -2.48
CA ILE A 829 -12.58 8.31 -3.62
C ILE A 829 -13.39 9.59 -3.53
N LEU A 830 -14.03 9.83 -2.39
CA LEU A 830 -14.84 11.02 -2.22
C LEU A 830 -14.00 12.28 -2.28
N SER A 831 -12.85 12.27 -1.63
CA SER A 831 -11.97 13.44 -1.63
C SER A 831 -11.30 13.69 -2.97
N SER A 832 -11.42 12.78 -3.92
CA SER A 832 -10.82 12.96 -5.24
C SER A 832 -11.54 14.04 -6.02
N THR A 833 -10.77 14.77 -6.83
CA THR A 833 -11.34 15.79 -7.70
C THR A 833 -12.17 15.19 -8.83
N ILE A 834 -11.95 13.91 -9.16
CA ILE A 834 -12.71 13.29 -10.24
C ILE A 834 -14.18 13.15 -9.85
N GLN A 835 -14.45 12.88 -8.57
CA GLN A 835 -15.83 12.77 -8.13
C GLN A 835 -16.46 14.15 -7.95
N GLN A 836 -15.65 15.14 -7.59
CA GLN A 836 -16.17 16.49 -7.38
C GLN A 836 -16.59 17.12 -8.70
N LYS A 837 -16.00 16.69 -9.81
CA LYS A 837 -16.39 17.18 -11.13
C LYS A 837 -17.63 16.45 -11.63
N PHE A 838 -17.76 15.18 -11.25
CA PHE A 838 -18.87 14.35 -11.72
C PHE A 838 -20.20 14.82 -11.16
N PHE A 839 -20.31 14.90 -9.84
CA PHE A 839 -21.58 15.25 -9.22
C PHE A 839 -21.95 16.70 -9.48
N LEU A 840 -20.95 17.57 -9.61
CA LEU A 840 -21.21 18.92 -10.08
C LEU A 840 -21.85 18.90 -11.47
N ARG A 841 -21.40 17.98 -12.33
CA ARG A 841 -21.98 17.86 -13.64
C ARG A 841 -23.39 17.31 -13.58
N GLN A 842 -23.66 16.42 -12.61
CA GLN A 842 -25.00 15.91 -12.41
C GLN A 842 -25.86 16.90 -11.64
N LEU A 843 -25.26 17.84 -10.92
CA LEU A 843 -26.00 18.78 -10.10
C LEU A 843 -26.36 20.04 -10.87
N LYS A 844 -25.63 20.35 -11.93
CA LYS A 844 -26.06 21.38 -12.86
C LYS A 844 -27.08 20.82 -13.85
N ALA A 845 -27.04 19.52 -14.11
CA ALA A 845 -28.01 18.89 -15.00
C ALA A 845 -29.38 18.82 -14.37
N PHE A 846 -29.42 18.63 -13.04
CA PHE A 846 -30.71 18.62 -12.35
C PHE A 846 -31.34 19.99 -12.36
N ASP A 847 -30.53 21.03 -12.25
CA ASP A 847 -31.04 22.39 -12.28
C ASP A 847 -31.50 22.78 -13.68
N SER A 848 -30.91 22.17 -14.70
CA SER A 848 -31.35 22.43 -16.06
C SER A 848 -32.68 21.77 -16.34
N CYS A 849 -32.93 20.60 -15.75
CA CYS A 849 -34.16 19.88 -16.01
C CYS A 849 -35.37 20.61 -15.44
N ARG A 850 -35.20 21.32 -14.32
CA ARG A 850 -36.31 21.97 -13.65
C ARG A 850 -36.49 23.43 -14.04
N TYR A 851 -35.40 24.16 -14.29
CA TYR A 851 -35.47 25.59 -14.51
C TYR A 851 -35.60 26.01 -15.96
N ASN A 852 -34.97 25.31 -16.90
CA ASN A 852 -34.96 25.78 -18.28
C ASN A 852 -36.35 25.73 -18.90
N THR A 853 -36.78 26.88 -19.41
CA THR A 853 -37.88 26.97 -20.35
C THR A 853 -37.44 26.83 -21.80
N GLU A 854 -36.19 26.45 -22.05
CA GLU A 854 -35.60 26.48 -23.37
C GLU A 854 -35.76 25.13 -24.06
N VAL A 855 -35.33 25.08 -25.32
CA VAL A 855 -35.28 23.81 -26.05
C VAL A 855 -34.23 22.88 -25.44
N ASN A 856 -33.18 23.43 -24.84
CA ASN A 856 -32.06 22.63 -24.37
C ASN A 856 -32.40 21.95 -23.06
N GLY A 857 -32.69 20.65 -23.12
CA GLY A 857 -32.74 19.79 -21.97
C GLY A 857 -32.03 18.48 -22.26
N GLN A 858 -30.98 18.57 -23.09
CA GLN A 858 -30.32 17.38 -23.64
C GLN A 858 -28.81 17.44 -23.41
N ALA A 859 -28.09 16.44 -23.93
CA ALA A 859 -26.63 16.34 -23.95
C ALA A 859 -26.12 15.90 -22.59
N SER A 860 -26.92 15.89 -21.52
CA SER A 860 -26.57 15.15 -20.31
C SER A 860 -27.76 14.40 -19.72
N ILE A 861 -28.99 14.83 -20.02
CA ILE A 861 -30.17 14.26 -19.39
C ILE A 861 -30.41 12.88 -19.99
N THR A 862 -30.44 11.87 -19.13
CA THR A 862 -30.68 10.50 -19.53
C THR A 862 -32.08 10.01 -19.16
N ASN A 863 -32.68 10.56 -18.10
CA ASN A 863 -34.07 10.27 -17.75
C ASN A 863 -34.94 11.46 -18.15
N LYS A 864 -36.00 11.18 -18.89
CA LYS A 864 -36.97 12.19 -19.31
C LYS A 864 -38.27 12.10 -18.51
N GLU A 865 -38.19 11.59 -17.29
CA GLU A 865 -39.36 11.29 -16.47
C GLU A 865 -39.41 12.09 -15.17
N VAL A 866 -38.43 12.95 -14.89
CA VAL A 866 -38.43 13.71 -13.65
C VAL A 866 -39.66 14.60 -13.59
N TYR A 867 -40.20 14.75 -12.38
CA TYR A 867 -41.48 15.42 -12.17
C TYR A 867 -41.39 16.23 -10.88
N ASN A 868 -41.22 17.55 -11.02
CA ASN A 868 -41.11 18.46 -9.88
C ASN A 868 -41.77 19.78 -10.26
N PRO A 869 -43.10 19.89 -10.13
CA PRO A 869 -43.76 21.15 -10.50
C PRO A 869 -43.35 22.32 -9.64
N ASN A 870 -43.21 22.10 -8.33
CA ASN A 870 -42.71 23.11 -7.41
C ASN A 870 -41.21 23.34 -7.57
N LYS A 871 -40.52 22.52 -8.36
CA LYS A 871 -39.12 22.73 -8.72
C LYS A 871 -38.23 22.67 -7.49
N LYS A 872 -38.55 21.77 -6.56
CA LYS A 872 -37.69 21.55 -5.42
C LYS A 872 -36.36 20.95 -5.87
N SER A 873 -35.35 21.13 -5.04
CA SER A 873 -34.06 20.50 -5.28
C SER A 873 -34.10 19.04 -4.87
N SER A 874 -32.99 18.37 -5.12
CA SER A 874 -32.79 17.02 -4.62
C SER A 874 -31.91 17.08 -3.38
N PRO A 875 -32.41 16.72 -2.19
CA PRO A 875 -31.53 16.80 -1.01
C PRO A 875 -30.41 15.78 -1.01
N TYR A 876 -30.39 14.86 -1.97
CA TYR A 876 -29.33 13.86 -2.02
C TYR A 876 -28.10 14.39 -2.76
N LEU A 877 -28.31 14.99 -3.93
CA LEU A 877 -27.17 15.51 -4.68
C LEU A 877 -26.50 16.67 -3.95
N TYR A 878 -27.28 17.45 -3.21
CA TYR A 878 -26.68 18.43 -2.33
C TYR A 878 -25.91 17.78 -1.20
N TYR A 879 -26.34 16.60 -0.76
CA TYR A 879 -25.70 15.95 0.37
C TYR A 879 -24.45 15.19 -0.06
N ILE A 880 -24.57 14.35 -1.09
CA ILE A 880 -23.39 13.64 -1.60
C ILE A 880 -22.31 14.63 -2.00
N TYR A 881 -22.71 15.77 -2.56
CA TYR A 881 -21.71 16.71 -3.06
C TYR A 881 -21.05 17.48 -1.91
N ALA A 882 -21.78 17.70 -0.82
CA ALA A 882 -21.18 18.35 0.34
C ALA A 882 -20.21 17.43 1.07
N VAL A 883 -20.48 16.13 1.05
CA VAL A 883 -19.58 15.15 1.62
C VAL A 883 -18.24 15.15 0.90
N LEU A 884 -18.25 15.35 -0.41
CA LEU A 884 -17.00 15.41 -1.16
C LEU A 884 -16.17 16.61 -0.74
N LEU A 885 -16.84 17.72 -0.45
CA LEU A 885 -16.14 18.95 -0.08
C LEU A 885 -15.76 18.94 1.38
N TYR A 886 -16.60 18.33 2.23
CA TYR A 886 -16.21 18.07 3.61
C TYR A 886 -14.99 17.15 3.64
N SER A 887 -15.04 16.08 2.85
CA SER A 887 -13.95 15.11 2.81
C SER A 887 -12.71 15.68 2.14
N SER A 888 -12.83 16.80 1.44
CA SER A 888 -11.69 17.50 0.86
C SER A 888 -11.23 18.68 1.73
N ARG A 889 -11.61 18.70 3.01
CA ARG A 889 -11.37 19.81 3.92
C ARG A 889 -11.94 21.14 3.39
N GLY A 890 -12.94 21.08 2.51
CA GLY A 890 -13.61 22.24 1.98
C GLY A 890 -14.82 22.64 2.78
N PHE A 891 -14.60 23.22 3.97
CA PHE A 891 -15.69 23.46 4.89
C PHE A 891 -16.46 24.74 4.56
N LEU A 892 -15.91 25.57 3.67
CA LEU A 892 -16.65 26.74 3.20
C LEU A 892 -17.66 26.35 2.13
N SER A 893 -17.24 25.54 1.17
CA SER A 893 -18.12 25.14 0.08
C SER A 893 -19.24 24.24 0.57
N ALA A 894 -18.96 23.36 1.52
CA ALA A 894 -19.97 22.46 2.04
C ALA A 894 -21.14 23.22 2.67
N LEU A 895 -20.84 24.30 3.38
CA LEU A 895 -21.89 25.08 4.02
C LEU A 895 -22.76 25.80 3.00
N GLN A 896 -22.22 26.07 1.82
CA GLN A 896 -23.01 26.70 0.75
C GLN A 896 -24.12 25.76 0.31
N TYR A 897 -23.92 24.45 0.45
CA TYR A 897 -24.88 23.45 0.01
C TYR A 897 -25.66 22.85 1.17
N LEU A 898 -25.02 22.66 2.32
CA LEU A 898 -25.71 22.16 3.49
C LEU A 898 -26.71 23.16 4.03
N THR A 899 -26.43 24.45 3.88
CA THR A 899 -27.37 25.46 4.34
C THR A 899 -28.62 25.46 3.48
N ARG A 900 -28.50 25.06 2.22
CA ARG A 900 -29.67 24.90 1.37
C ARG A 900 -30.51 23.72 1.81
N LEU A 901 -29.90 22.74 2.48
CA LEU A 901 -30.66 21.62 3.02
C LEU A 901 -31.38 22.01 4.30
N GLU A 902 -30.70 22.75 5.18
CA GLU A 902 -31.32 23.19 6.42
C GLU A 902 -32.52 24.09 6.18
N GLU A 903 -32.62 24.70 5.00
CA GLU A 903 -33.84 25.40 4.61
C GLU A 903 -34.92 24.42 4.18
N ASP A 904 -34.54 23.22 3.74
CA ASP A 904 -35.45 22.26 3.13
C ASP A 904 -35.82 21.11 4.06
N ILE A 905 -34.85 20.58 4.80
CA ILE A 905 -35.05 19.42 5.66
C ILE A 905 -34.45 19.70 7.04
N PRO A 906 -34.97 20.67 7.78
CA PRO A 906 -34.28 21.12 8.98
C PRO A 906 -34.28 20.11 10.11
N ASP A 907 -35.29 19.23 10.19
CA ASP A 907 -35.38 18.23 11.25
C ASP A 907 -34.67 16.93 10.88
N ASP A 908 -33.75 16.98 9.95
CA ASP A 908 -32.92 15.83 9.62
C ASP A 908 -31.64 15.86 10.46
N PRO A 909 -31.31 14.79 11.19
CA PRO A 909 -30.14 14.87 12.08
C PRO A 909 -28.82 15.05 11.35
N MET A 910 -28.55 14.22 10.35
CA MET A 910 -27.27 14.23 9.68
C MET A 910 -26.93 15.55 9.01
N VAL A 911 -27.92 16.38 8.74
CA VAL A 911 -27.66 17.72 8.24
C VAL A 911 -27.17 18.61 9.38
N ASN A 912 -27.82 18.49 10.54
CA ASN A 912 -27.46 19.33 11.67
C ASN A 912 -26.15 18.87 12.33
N LEU A 913 -25.72 17.65 12.05
CA LEU A 913 -24.42 17.19 12.53
C LEU A 913 -23.29 17.75 11.67
N LEU A 914 -23.39 17.59 10.35
CA LEU A 914 -22.36 18.12 9.47
C LEU A 914 -22.26 19.64 9.56
N MET A 915 -23.39 20.32 9.70
CA MET A 915 -23.36 21.76 9.89
C MET A 915 -22.62 22.13 11.17
N GLY A 916 -22.83 21.37 12.23
CA GLY A 916 -22.15 21.66 13.47
C GLY A 916 -20.66 21.40 13.41
N LEU A 917 -20.26 20.42 12.60
CA LEU A 917 -18.85 20.08 12.45
C LEU A 917 -18.18 20.92 11.38
N SER A 918 -18.94 21.34 10.37
CA SER A 918 -18.37 22.18 9.33
C SER A 918 -17.99 23.55 9.87
N HIS A 919 -18.66 24.01 10.93
CA HIS A 919 -18.29 25.26 11.58
C HIS A 919 -17.16 25.06 12.58
N ILE A 920 -17.25 24.00 13.38
CA ILE A 920 -16.20 23.69 14.35
C ILE A 920 -14.87 23.45 13.64
N HIS A 921 -14.91 22.79 12.49
CA HIS A 921 -13.68 22.53 11.75
C HIS A 921 -13.22 23.75 10.99
N ARG A 922 -14.15 24.53 10.45
CA ARG A 922 -13.75 25.76 9.78
C ARG A 922 -13.20 26.78 10.77
N ALA A 923 -13.73 26.79 11.99
CA ALA A 923 -13.27 27.76 12.97
C ALA A 923 -11.81 27.57 13.30
N MET A 924 -11.38 26.31 13.47
CA MET A 924 -9.99 26.04 13.79
C MET A 924 -9.05 26.31 12.63
N GLN A 925 -9.57 26.59 11.44
CA GLN A 925 -8.73 27.11 10.36
C GLN A 925 -8.49 28.60 10.50
N ARG A 926 -9.47 29.35 11.01
CA ARG A 926 -9.40 30.79 11.02
C ARG A 926 -8.45 31.29 12.09
N LEU A 927 -7.96 32.50 11.91
CA LEU A 927 -6.97 33.13 12.76
C LEU A 927 -7.44 34.50 13.21
N THR A 928 -8.69 34.58 13.65
CA THR A 928 -9.26 35.83 14.14
C THR A 928 -10.30 35.51 15.21
N ALA A 929 -10.83 36.57 15.83
CA ALA A 929 -11.69 36.39 16.99
C ALA A 929 -13.11 35.97 16.62
N GLN A 930 -13.43 35.89 15.32
CA GLN A 930 -14.68 35.27 14.90
C GLN A 930 -14.65 33.76 15.03
N ARG A 931 -13.47 33.19 15.31
CA ARG A 931 -13.34 31.76 15.58
C ARG A 931 -14.27 31.32 16.71
N HIS A 932 -14.36 32.10 17.78
CA HIS A 932 -15.15 31.70 18.93
C HIS A 932 -16.64 31.75 18.62
N PHE A 933 -17.07 32.77 17.87
CA PHE A 933 -18.48 32.89 17.53
C PHE A 933 -18.91 31.77 16.59
N GLN A 934 -17.96 31.17 15.88
CA GLN A 934 -18.30 30.16 14.88
C GLN A 934 -18.38 28.77 15.48
N ILE A 935 -17.71 28.54 16.60
CA ILE A 935 -17.88 27.27 17.31
C ILE A 935 -19.20 27.26 18.07
N PHE A 936 -19.55 28.37 18.71
CA PHE A 936 -20.84 28.47 19.38
C PHE A 936 -21.98 28.38 18.37
N HIS A 937 -21.73 28.84 17.15
CA HIS A 937 -22.70 28.70 16.07
C HIS A 937 -22.75 27.28 15.53
N GLY A 938 -21.74 26.47 15.84
CA GLY A 938 -21.77 25.06 15.49
C GLY A 938 -22.45 24.22 16.54
N LEU A 939 -22.25 24.55 17.82
CA LEU A 939 -22.83 23.76 18.89
C LEU A 939 -24.35 23.78 18.87
N ARG A 940 -24.94 24.88 18.40
CA ARG A 940 -26.39 24.97 18.37
C ARG A 940 -26.98 23.94 17.42
N TYR A 941 -26.24 23.62 16.36
CA TYR A 941 -26.66 22.57 15.44
C TYR A 941 -26.28 21.17 15.94
N LEU A 942 -25.43 21.08 16.96
CA LEU A 942 -25.17 19.79 17.60
C LEU A 942 -26.12 19.56 18.77
N TYR A 943 -26.54 20.62 19.44
CA TYR A 943 -27.49 20.51 20.54
C TYR A 943 -28.90 20.17 20.06
N ARG A 944 -29.23 20.45 18.81
CA ARG A 944 -30.53 20.07 18.28
C ARG A 944 -30.49 18.74 17.58
N TYR A 945 -29.35 18.39 16.97
CA TYR A 945 -29.07 16.98 16.68
C TYR A 945 -29.33 16.12 17.90
N HIS A 946 -28.84 16.55 19.05
CA HIS A 946 -29.11 15.87 20.30
C HIS A 946 -30.61 15.84 20.59
N LYS A 947 -31.24 17.02 20.60
CA LYS A 947 -32.66 17.11 20.93
C LYS A 947 -33.54 16.31 19.98
N ILE A 948 -33.06 16.05 18.76
CA ILE A 948 -33.81 15.23 17.81
C ILE A 948 -33.68 13.75 18.17
N ARG A 949 -32.43 13.25 18.21
CA ARG A 949 -32.23 11.81 18.39
C ARG A 949 -32.75 11.35 19.74
N LYS A 950 -32.58 12.18 20.77
CA LYS A 950 -33.09 11.82 22.09
C LYS A 950 -34.61 11.72 22.09
N SER A 951 -35.29 12.60 21.37
CA SER A 951 -36.73 12.76 21.52
C SER A 951 -37.52 11.91 20.54
N LEU A 952 -37.04 11.82 19.30
CA LEU A 952 -37.83 11.34 18.18
C LEU A 952 -37.42 9.96 17.68
N TYR A 953 -36.43 9.33 18.32
CA TYR A 953 -35.96 8.01 17.95
C TYR A 953 -35.93 7.15 19.20
N THR A 954 -35.63 5.86 19.02
CA THR A 954 -35.69 4.93 20.13
C THR A 954 -34.40 4.99 20.95
N ASP A 955 -34.30 4.11 21.94
CA ASP A 955 -33.20 4.15 22.90
C ASP A 955 -31.98 3.36 22.43
N LEU A 956 -31.57 3.57 21.19
CA LEU A 956 -30.27 3.13 20.68
C LEU A 956 -29.60 4.27 19.94
N GLU A 957 -30.41 5.04 19.20
CA GLU A 957 -29.94 6.30 18.65
C GLU A 957 -29.87 7.38 19.73
N LYS A 958 -30.63 7.21 20.80
CA LYS A 958 -30.51 8.04 21.99
C LYS A 958 -29.14 7.91 22.64
N GLN A 959 -28.42 6.82 22.36
CA GLN A 959 -27.09 6.58 22.90
C GLN A 959 -26.02 7.20 22.02
N GLU A 960 -26.20 7.09 20.71
CA GLU A 960 -25.36 7.78 19.74
C GLU A 960 -25.16 9.25 20.09
N ALA A 961 -26.26 9.94 20.41
CA ALA A 961 -26.22 11.38 20.53
C ALA A 961 -25.40 11.84 21.73
N ASP A 962 -25.29 11.01 22.75
CA ASP A 962 -24.41 11.35 23.87
C ASP A 962 -22.95 11.24 23.47
N TYR A 963 -22.59 10.16 22.79
CA TYR A 963 -21.23 9.96 22.33
C TYR A 963 -20.77 11.08 21.42
N ASN A 964 -21.51 11.33 20.34
CA ASN A 964 -21.07 12.32 19.36
C ASN A 964 -21.03 13.72 19.92
N LEU A 965 -21.77 14.00 20.99
CA LEU A 965 -21.60 15.27 21.70
C LEU A 965 -20.33 15.27 22.53
N GLY A 966 -20.09 14.18 23.26
CA GLY A 966 -18.85 14.07 24.01
C GLY A 966 -17.65 14.06 23.10
N ARG A 967 -17.78 13.44 21.93
CA ARG A 967 -16.70 13.43 20.96
C ARG A 967 -16.46 14.83 20.39
N ALA A 968 -17.45 15.71 20.44
CA ALA A 968 -17.28 17.06 19.95
C ALA A 968 -16.53 17.92 20.96
N PHE A 969 -16.83 17.75 22.24
CA PHE A 969 -16.12 18.50 23.26
C PHE A 969 -14.69 18.02 23.42
N HIS A 970 -14.38 16.81 22.97
CA HIS A 970 -12.99 16.38 22.91
C HIS A 970 -12.27 17.08 21.76
N LEU A 971 -12.98 17.26 20.65
CA LEU A 971 -12.41 17.90 19.47
C LEU A 971 -11.96 19.32 19.78
N ILE A 972 -12.80 20.08 20.47
CA ILE A 972 -12.49 21.47 20.81
C ILE A 972 -11.80 21.57 22.18
N GLY A 973 -11.43 20.44 22.77
CA GLY A 973 -10.56 20.45 23.92
C GLY A 973 -11.23 20.65 25.26
N LEU A 974 -12.56 20.67 25.31
CA LEU A 974 -13.28 20.77 26.59
C LEU A 974 -13.45 19.39 27.19
N VAL A 975 -12.31 18.81 27.56
CA VAL A 975 -12.23 17.38 27.88
C VAL A 975 -13.00 17.04 29.15
N SER A 976 -13.10 17.98 30.09
CA SER A 976 -13.82 17.69 31.33
C SER A 976 -15.31 17.51 31.07
N ILE A 977 -15.82 18.06 29.97
CA ILE A 977 -17.23 17.88 29.62
C ILE A 977 -17.41 16.62 28.79
N ALA A 978 -16.37 16.22 28.05
CA ALA A 978 -16.49 15.03 27.20
C ALA A 978 -16.71 13.78 28.03
N ILE A 979 -15.98 13.63 29.15
CA ILE A 979 -16.15 12.42 29.95
C ILE A 979 -17.53 12.37 30.57
N GLU A 980 -18.16 13.53 30.79
CA GLU A 980 -19.51 13.53 31.33
C GLU A 980 -20.49 12.86 30.38
N TYR A 981 -20.35 13.10 29.08
CA TYR A 981 -21.20 12.44 28.09
C TYR A 981 -20.78 11.00 27.89
N TYR A 982 -19.49 10.72 27.99
CA TYR A 982 -19.01 9.35 27.88
C TYR A 982 -19.47 8.49 29.03
N ASN A 983 -19.63 9.07 30.23
CA ASN A 983 -20.12 8.27 31.36
C ASN A 983 -21.62 8.03 31.25
N ARG A 984 -22.28 8.65 30.28
CA ARG A 984 -23.70 8.40 30.05
C ARG A 984 -23.91 7.21 29.14
N VAL A 985 -23.05 7.06 28.13
CA VAL A 985 -23.19 5.91 27.24
C VAL A 985 -22.73 4.64 27.93
N LEU A 986 -21.91 4.75 28.97
CA LEU A 986 -21.46 3.58 29.72
C LEU A 986 -22.47 3.19 30.78
N GLU A 987 -23.09 4.18 31.42
CA GLU A 987 -23.91 3.95 32.60
C GLU A 987 -25.40 3.87 32.29
N ASN A 988 -25.92 4.79 31.48
CA ASN A 988 -27.36 4.97 31.35
C ASN A 988 -27.99 4.16 30.22
N TYR A 989 -27.23 3.28 29.56
CA TYR A 989 -27.74 2.53 28.43
C TYR A 989 -27.23 1.10 28.51
N ASP A 990 -27.93 0.19 27.81
CA ASP A 990 -27.63 -1.23 27.88
C ASP A 990 -26.84 -1.73 26.69
N ASP A 991 -27.10 -1.24 25.47
CA ASP A 991 -26.35 -1.65 24.30
C ASP A 991 -24.89 -1.25 24.45
N GLY A 992 -23.99 -2.20 24.15
CA GLY A 992 -22.58 -2.06 24.43
C GLY A 992 -21.67 -1.92 23.24
N LYS A 993 -22.20 -1.54 22.09
CA LYS A 993 -21.38 -1.44 20.89
C LYS A 993 -20.72 -0.06 20.79
N LEU A 994 -21.37 0.97 21.32
CA LEU A 994 -20.76 2.29 21.46
C LEU A 994 -20.02 2.46 22.78
N LYS A 995 -20.16 1.54 23.73
CA LYS A 995 -19.48 1.69 25.00
C LYS A 995 -17.98 1.54 24.84
N LYS A 996 -17.54 0.69 23.91
CA LYS A 996 -16.11 0.47 23.74
C LYS A 996 -15.47 1.49 22.82
N HIS A 997 -16.28 2.34 22.18
CA HIS A 997 -15.74 3.54 21.55
C HIS A 997 -15.64 4.67 22.55
N ALA A 998 -16.52 4.68 23.55
CA ALA A 998 -16.48 5.71 24.59
C ALA A 998 -15.44 5.40 25.64
N ALA A 999 -15.23 4.12 25.95
CA ALA A 999 -14.15 3.74 26.85
C ALA A 999 -12.81 3.89 26.16
N TYR A 1000 -12.78 3.77 24.83
CA TYR A 1000 -11.54 4.02 24.10
C TYR A 1000 -11.10 5.46 24.25
N ASN A 1001 -12.04 6.40 24.12
CA ASN A 1001 -11.69 7.81 24.13
C ASN A 1001 -11.56 8.35 25.54
N SER A 1002 -12.19 7.69 26.52
CA SER A 1002 -12.00 8.07 27.91
C SER A 1002 -10.61 7.68 28.39
N ILE A 1003 -10.11 6.53 27.95
CA ILE A 1003 -8.77 6.07 28.29
C ILE A 1003 -7.73 7.10 27.85
N ILE A 1004 -7.88 7.62 26.63
CA ILE A 1004 -6.94 8.60 26.10
C ILE A 1004 -6.92 9.85 26.99
N ILE A 1005 -8.09 10.24 27.48
CA ILE A 1005 -8.17 11.39 28.38
C ILE A 1005 -7.38 11.14 29.64
N TYR A 1006 -7.44 9.90 30.16
CA TYR A 1006 -6.87 9.59 31.45
C TYR A 1006 -5.38 9.34 31.37
N GLN A 1007 -4.89 8.79 30.25
CA GLN A 1007 -3.45 8.68 30.05
C GLN A 1007 -2.79 10.05 30.07
N GLN A 1008 -3.38 11.01 29.37
CA GLN A 1008 -2.83 12.36 29.33
C GLN A 1008 -2.88 13.00 30.72
N SER A 1009 -3.95 12.72 31.48
CA SER A 1009 -4.06 13.22 32.84
C SER A 1009 -3.35 12.35 33.86
N GLY A 1010 -2.68 11.28 33.43
CA GLY A 1010 -1.99 10.41 34.34
C GLY A 1010 -2.88 9.57 35.24
N ASN A 1011 -4.18 9.52 34.96
CA ASN A 1011 -5.12 8.74 35.75
C ASN A 1011 -5.16 7.31 35.24
N VAL A 1012 -3.99 6.67 35.14
CA VAL A 1012 -3.91 5.27 34.71
C VAL A 1012 -4.54 4.33 35.73
N GLU A 1013 -4.80 4.79 36.95
CA GLU A 1013 -5.49 3.97 37.93
C GLU A 1013 -6.89 3.60 37.44
N LEU A 1014 -7.52 4.47 36.67
CA LEU A 1014 -8.87 4.28 36.18
C LEU A 1014 -8.93 3.86 34.72
N ALA A 1015 -7.88 4.11 33.95
CA ALA A 1015 -7.82 3.61 32.59
C ALA A 1015 -7.65 2.10 32.55
N ASP A 1016 -7.14 1.51 33.63
CA ASP A 1016 -7.05 0.05 33.71
C ASP A 1016 -8.40 -0.58 33.99
N HIS A 1017 -9.31 0.16 34.62
CA HIS A 1017 -10.61 -0.37 34.97
C HIS A 1017 -11.53 -0.46 33.75
N LEU A 1018 -11.45 0.53 32.87
CA LEU A 1018 -12.28 0.53 31.67
C LEU A 1018 -11.80 -0.51 30.68
N MET A 1019 -10.49 -0.61 30.49
CA MET A 1019 -9.95 -1.53 29.50
C MET A 1019 -10.27 -2.98 29.89
N GLU A 1020 -10.23 -3.28 31.18
CA GLU A 1020 -10.52 -4.63 31.62
C GLU A 1020 -11.99 -4.98 31.55
N LYS A 1021 -12.85 -3.97 31.54
CA LYS A 1021 -14.29 -4.20 31.59
C LYS A 1021 -14.90 -4.20 30.20
N TYR A 1022 -14.64 -3.16 29.41
CA TYR A 1022 -15.24 -3.01 28.09
C TYR A 1022 -14.35 -3.45 26.95
N LEU A 1023 -13.08 -3.04 26.95
CA LEU A 1023 -12.15 -3.39 25.89
C LEU A 1023 -11.46 -4.73 26.13
N SER A 1024 -11.84 -5.46 27.17
CA SER A 1024 -11.39 -6.84 27.30
C SER A 1024 -12.05 -7.69 26.22
N ILE A 1025 -11.70 -8.96 26.20
CA ILE A 1025 -11.91 -9.77 25.02
C ILE A 1025 -11.91 -11.26 25.35
N ILE B 39 29.57 -9.49 33.62
CA ILE B 39 28.79 -9.57 34.89
C ILE B 39 27.97 -10.87 34.95
N ALA B 40 27.62 -11.44 33.80
CA ALA B 40 26.86 -12.69 33.77
C ALA B 40 26.94 -13.34 32.40
N ASP B 41 26.13 -14.38 32.18
CA ASP B 41 26.16 -15.17 30.96
C ASP B 41 25.81 -14.32 29.74
N GLU B 42 26.30 -14.74 28.58
CA GLU B 42 26.21 -13.99 27.34
C GLU B 42 25.10 -14.51 26.46
N PHE B 43 24.55 -13.61 25.64
CA PHE B 43 23.55 -13.94 24.64
C PHE B 43 23.78 -13.10 23.39
N THR B 44 23.76 -13.77 22.25
CA THR B 44 23.89 -13.09 20.97
C THR B 44 22.62 -12.32 20.66
N LEU B 45 22.77 -11.24 19.89
CA LEU B 45 21.66 -10.39 19.46
C LEU B 45 21.56 -10.29 17.95
N ASP B 46 22.22 -11.18 17.21
CA ASP B 46 21.96 -11.33 15.78
C ASP B 46 20.78 -12.26 15.68
N LEU B 47 19.59 -11.68 15.63
CA LEU B 47 18.33 -12.37 15.80
C LEU B 47 17.34 -11.88 14.76
N PRO B 48 16.22 -12.58 14.60
CA PRO B 48 15.17 -12.08 13.72
C PRO B 48 14.65 -10.72 14.18
N ARG B 49 14.57 -9.79 13.24
CA ARG B 49 14.07 -8.45 13.49
C ARG B 49 12.64 -8.41 13.01
N ILE B 50 11.71 -8.40 13.96
CA ILE B 50 10.32 -8.78 13.69
C ILE B 50 9.41 -7.59 13.93
N PRO B 51 8.17 -7.63 13.45
CA PRO B 51 7.23 -6.54 13.73
C PRO B 51 6.39 -6.80 14.96
N SER B 52 5.85 -5.70 15.51
CA SER B 52 4.95 -5.75 16.64
C SER B 52 3.71 -4.92 16.35
N LEU B 53 2.74 -5.04 17.26
CA LEU B 53 1.43 -4.43 17.10
C LEU B 53 0.93 -4.07 18.49
N GLU B 54 1.13 -2.81 18.89
CA GLU B 54 0.80 -2.38 20.24
C GLU B 54 -0.67 -1.99 20.26
N LEU B 55 -1.50 -2.94 20.65
CA LEU B 55 -2.93 -2.74 20.70
C LEU B 55 -3.31 -1.94 21.95
N PRO B 56 -4.44 -1.21 21.92
CA PRO B 56 -4.97 -0.64 23.16
C PRO B 56 -5.91 -1.58 23.91
N LEU B 57 -5.91 -2.86 23.53
CA LEU B 57 -6.87 -3.83 24.04
C LEU B 57 -6.18 -4.76 25.02
N ASN B 58 -6.99 -5.34 25.92
CA ASN B 58 -6.48 -6.27 26.93
C ASN B 58 -6.60 -7.70 26.41
N VAL B 59 -5.76 -7.98 25.41
CA VAL B 59 -5.71 -9.33 24.84
C VAL B 59 -5.16 -10.28 25.89
N SER B 60 -5.84 -11.40 26.07
CA SER B 60 -5.41 -12.43 27.01
C SER B 60 -4.44 -13.40 26.34
N THR B 61 -4.01 -14.40 27.10
CA THR B 61 -3.05 -15.38 26.62
C THR B 61 -3.67 -16.43 25.71
N LYS B 62 -4.98 -16.58 25.72
CA LYS B 62 -5.63 -17.65 24.96
C LYS B 62 -5.45 -17.41 23.47
N HIS B 63 -5.32 -18.51 22.72
CA HIS B 63 -5.15 -18.41 21.28
C HIS B 63 -6.45 -18.05 20.57
N SER B 64 -7.59 -18.17 21.24
CA SER B 64 -8.84 -17.69 20.69
C SER B 64 -8.99 -16.18 20.89
N SER B 65 -8.33 -15.65 21.92
CA SER B 65 -8.41 -14.22 22.20
C SER B 65 -7.50 -13.42 21.28
N ILE B 66 -6.38 -14.01 20.88
CA ILE B 66 -5.44 -13.31 20.01
C ILE B 66 -5.98 -13.28 18.58
N GLN B 67 -6.45 -14.42 18.08
CA GLN B 67 -6.92 -14.49 16.71
C GLN B 67 -8.13 -13.60 16.48
N LYS B 68 -8.90 -13.33 17.53
CA LYS B 68 -10.00 -12.38 17.41
C LYS B 68 -9.47 -10.96 17.26
N ALA B 69 -8.38 -10.63 17.94
CA ALA B 69 -7.80 -9.30 17.83
C ALA B 69 -7.11 -9.10 16.49
N ILE B 70 -6.63 -10.18 15.89
CA ILE B 70 -6.13 -10.11 14.52
C ILE B 70 -7.30 -9.95 13.56
N LYS B 71 -8.45 -10.55 13.89
CA LYS B 71 -9.61 -10.47 13.02
C LYS B 71 -10.16 -9.06 12.97
N MET B 72 -10.10 -8.34 14.09
CA MET B 72 -10.48 -6.94 14.10
C MET B 72 -9.66 -6.12 13.11
N CYS B 73 -8.35 -6.34 13.08
CA CYS B 73 -7.45 -5.55 12.27
C CYS B 73 -7.39 -6.00 10.81
N GLY B 74 -8.30 -6.87 10.38
CA GLY B 74 -8.43 -7.27 9.01
C GLY B 74 -7.97 -8.69 8.71
N GLY B 75 -7.34 -9.35 9.66
CA GLY B 75 -6.79 -10.68 9.46
C GLY B 75 -5.28 -10.65 9.33
N ILE B 76 -4.68 -11.82 9.54
CA ILE B 76 -3.22 -11.91 9.60
C ILE B 76 -2.59 -11.56 8.26
N GLU B 77 -3.32 -11.76 7.17
CA GLU B 77 -2.79 -11.43 5.86
C GLU B 77 -2.77 -9.92 5.61
N LYS B 78 -3.66 -9.17 6.26
CA LYS B 78 -3.70 -7.72 6.14
C LYS B 78 -2.91 -7.01 7.23
N VAL B 79 -2.51 -7.73 8.28
CA VAL B 79 -1.62 -7.15 9.28
C VAL B 79 -0.20 -7.11 8.75
N LYS B 80 0.15 -8.08 7.90
CA LYS B 80 1.53 -8.18 7.42
C LYS B 80 1.82 -7.16 6.33
N GLU B 81 0.87 -6.96 5.41
CA GLU B 81 1.06 -5.94 4.38
C GLU B 81 1.01 -4.53 4.93
N ALA B 82 0.64 -4.36 6.20
CA ALA B 82 0.75 -3.06 6.85
C ALA B 82 2.16 -2.79 7.36
N PHE B 83 2.93 -3.85 7.63
CA PHE B 83 4.33 -3.67 7.99
C PHE B 83 5.20 -3.54 6.76
N LYS B 84 4.80 -4.19 5.67
CA LYS B 84 5.50 -4.11 4.39
C LYS B 84 4.95 -3.00 3.51
N GLU B 85 4.98 -1.76 4.01
CA GLU B 85 4.57 -0.61 3.23
C GLU B 85 5.43 0.57 3.65
N HIS B 86 5.89 1.33 2.67
CA HIS B 86 6.86 2.39 2.88
C HIS B 86 6.36 3.68 2.26
N GLY B 87 7.01 4.78 2.64
CA GLY B 87 6.68 6.09 2.15
C GLY B 87 6.02 6.95 3.21
N PRO B 88 5.89 8.25 2.95
CA PRO B 88 5.21 9.12 3.92
C PRO B 88 3.73 8.80 4.00
N ILE B 89 3.04 9.54 4.88
CA ILE B 89 1.66 9.25 5.23
C ILE B 89 0.74 9.36 4.01
N GLU B 90 -0.14 8.37 3.86
CA GLU B 90 -1.16 8.25 2.82
C GLU B 90 -0.57 7.81 1.48
N SER B 91 0.75 7.79 1.37
CA SER B 91 1.38 6.78 0.53
C SER B 91 1.36 5.42 1.23
N GLN B 92 1.17 5.44 2.55
CA GLN B 92 0.83 4.28 3.34
C GLN B 92 -0.40 4.61 4.18
N HIS B 93 -1.40 3.74 4.11
CA HIS B 93 -2.54 3.78 5.02
C HIS B 93 -2.48 2.52 5.87
N GLY B 94 -2.61 2.70 7.18
CA GLY B 94 -2.31 1.65 8.12
C GLY B 94 -3.44 0.66 8.28
N LEU B 95 -3.61 0.20 9.51
CA LEU B 95 -4.61 -0.81 9.81
C LEU B 95 -5.91 -0.16 10.25
N GLN B 96 -6.95 -1.00 10.31
CA GLN B 96 -8.30 -0.57 10.60
C GLN B 96 -8.79 -1.40 11.77
N LEU B 97 -8.66 -0.86 12.97
CA LEU B 97 -9.12 -1.55 14.17
C LEU B 97 -10.63 -1.40 14.29
N TYR B 98 -11.34 -2.50 14.04
CA TYR B 98 -12.79 -2.56 14.17
C TYR B 98 -13.11 -3.20 15.51
N LEU B 99 -13.52 -2.37 16.48
CA LEU B 99 -13.72 -2.85 17.84
C LEU B 99 -14.93 -3.77 17.96
N ASN B 100 -15.92 -3.59 17.10
CA ASN B 100 -17.17 -4.35 17.13
C ASN B 100 -17.27 -5.31 15.95
N ASP B 101 -16.17 -5.95 15.61
CA ASP B 101 -16.11 -6.86 14.49
C ASP B 101 -16.81 -8.16 14.84
N ASP B 102 -17.97 -8.38 14.23
CA ASP B 102 -18.68 -9.65 14.35
C ASP B 102 -19.74 -9.72 13.27
N THR B 103 -20.07 -10.95 12.86
CA THR B 103 -20.99 -11.20 11.78
C THR B 103 -22.34 -11.62 12.32
N ASP B 104 -23.40 -11.08 11.74
CA ASP B 104 -24.73 -11.60 11.98
C ASP B 104 -24.88 -12.97 11.32
N SER B 105 -26.03 -13.60 11.54
CA SER B 105 -26.27 -14.92 10.98
C SER B 105 -26.26 -14.92 9.47
N ASP B 106 -26.70 -13.84 8.83
CA ASP B 106 -26.75 -13.76 7.37
C ASP B 106 -25.39 -13.48 6.74
N GLY B 107 -24.31 -13.45 7.52
CA GLY B 107 -22.99 -13.17 6.99
C GLY B 107 -22.66 -11.71 6.88
N SER B 108 -23.61 -10.81 7.14
CA SER B 108 -23.35 -9.39 7.06
C SER B 108 -22.57 -8.91 8.27
N LYS B 109 -21.82 -7.83 8.08
CA LYS B 109 -21.09 -7.22 9.17
C LYS B 109 -22.05 -6.46 10.07
N SER B 110 -22.23 -6.95 11.29
CA SER B 110 -23.01 -6.20 12.27
C SER B 110 -22.29 -4.89 12.56
N TYR B 111 -23.01 -3.79 12.42
CA TYR B 111 -22.44 -2.45 12.53
C TYR B 111 -21.37 -2.26 11.45
N PHE B 112 -21.87 -2.25 10.21
CA PHE B 112 -21.06 -2.15 9.01
C PHE B 112 -20.58 -0.74 8.70
N ASN B 113 -20.73 0.20 9.63
CA ASN B 113 -20.34 1.60 9.47
C ASN B 113 -19.53 2.11 10.65
N GLU B 114 -18.51 1.37 11.06
CA GLU B 114 -17.92 1.57 12.37
C GLU B 114 -16.93 2.72 12.42
N HIS B 115 -16.46 3.20 11.27
CA HIS B 115 -15.46 4.27 11.21
C HIS B 115 -14.25 3.91 12.07
N PRO B 116 -13.39 3.00 11.60
CA PRO B 116 -12.40 2.39 12.50
C PRO B 116 -11.38 3.38 13.03
N VAL B 117 -10.53 2.86 13.91
CA VAL B 117 -9.38 3.57 14.42
C VAL B 117 -8.18 3.21 13.55
N ILE B 118 -7.54 4.21 13.00
CA ILE B 118 -6.45 4.01 12.06
C ILE B 118 -5.14 4.01 12.83
N GLY B 119 -4.33 2.98 12.62
CA GLY B 119 -3.03 2.87 13.24
C GLY B 119 -1.95 2.72 12.21
N LYS B 120 -0.96 3.60 12.26
CA LYS B 120 0.07 3.72 11.25
C LYS B 120 1.42 3.46 11.88
N ARG B 121 2.36 3.01 11.06
CA ARG B 121 3.72 2.72 11.51
C ARG B 121 4.35 3.95 12.14
N VAL B 122 4.89 3.78 13.33
CA VAL B 122 5.62 4.89 13.96
C VAL B 122 6.98 5.03 13.26
N PRO B 123 7.39 6.22 12.84
CA PRO B 123 8.68 6.34 12.15
C PRO B 123 9.82 6.51 13.13
N PHE B 124 10.98 6.00 12.73
CA PHE B 124 12.19 6.08 13.54
C PHE B 124 11.98 5.44 14.90
N ARG B 125 11.72 4.13 14.88
CA ARG B 125 11.47 3.41 16.11
C ARG B 125 12.78 2.99 16.77
N ASP B 126 12.81 3.10 18.09
CA ASP B 126 13.93 2.58 18.85
C ASP B 126 13.79 1.08 19.03
N GLU B 127 14.75 0.33 18.49
CA GLU B 127 14.69 -1.12 18.51
C GLU B 127 14.66 -1.64 19.94
N SER B 128 13.87 -2.69 20.16
CA SER B 128 13.68 -3.26 21.48
C SER B 128 13.80 -4.78 21.38
N VAL B 129 14.48 -5.36 22.35
CA VAL B 129 14.62 -6.80 22.44
C VAL B 129 13.42 -7.34 23.22
N ILE B 130 13.04 -8.57 22.96
CA ILE B 130 12.05 -9.28 23.77
C ILE B 130 12.70 -10.54 24.31
N LEU B 131 12.37 -10.85 25.56
CA LEU B 131 13.01 -11.93 26.31
C LEU B 131 11.99 -12.99 26.63
N LYS B 132 12.34 -14.24 26.36
CA LYS B 132 11.52 -15.36 26.77
C LYS B 132 11.86 -15.75 28.21
N VAL B 133 10.99 -15.39 29.13
CA VAL B 133 11.13 -15.77 30.53
C VAL B 133 10.40 -17.09 30.71
N THR B 134 11.08 -18.07 31.28
CA THR B 134 10.57 -19.41 31.46
C THR B 134 10.59 -19.76 32.93
N MET B 135 9.50 -20.35 33.42
CA MET B 135 9.32 -20.61 34.84
C MET B 135 8.40 -21.81 35.00
N PRO B 136 8.31 -22.36 36.21
CA PRO B 136 7.44 -23.54 36.39
C PRO B 136 5.97 -23.20 36.17
N LYS B 137 5.21 -24.22 35.77
CA LYS B 137 3.79 -24.06 35.55
C LYS B 137 3.09 -23.75 36.85
N GLY B 138 2.40 -22.61 36.89
CA GLY B 138 1.59 -22.23 38.02
C GLY B 138 2.13 -21.11 38.87
N THR B 139 3.22 -20.47 38.46
CA THR B 139 3.83 -19.42 39.28
C THR B 139 3.15 -18.08 39.08
N LEU B 140 2.62 -17.83 37.88
CA LEU B 140 1.90 -16.58 37.64
C LEU B 140 0.60 -16.52 38.41
N SER B 141 -0.09 -17.65 38.54
CA SER B 141 -1.40 -17.66 39.17
C SER B 141 -1.32 -17.27 40.64
N LYS B 142 -0.28 -17.74 41.33
CA LYS B 142 -0.13 -17.49 42.76
C LYS B 142 0.56 -16.19 43.07
N ASN B 143 0.87 -15.37 42.06
CA ASN B 143 1.66 -14.16 42.28
C ASN B 143 1.13 -13.00 41.44
N ASN B 144 -0.19 -12.81 41.43
CA ASN B 144 -0.84 -11.68 40.79
C ASN B 144 -0.68 -11.67 39.27
N ASN B 145 -0.20 -12.76 38.68
CA ASN B 145 -0.01 -12.87 37.24
C ASN B 145 0.89 -11.76 36.72
N SER B 146 2.00 -11.53 37.44
CA SER B 146 2.98 -10.53 37.08
C SER B 146 4.36 -11.18 37.01
N VAL B 147 5.15 -10.76 36.02
CA VAL B 147 6.49 -11.28 35.87
C VAL B 147 7.47 -10.57 36.80
N LYS B 148 7.17 -9.33 37.17
CA LYS B 148 8.03 -8.58 38.09
C LYS B 148 8.20 -9.33 39.39
N ASP B 149 7.11 -9.90 39.92
CA ASP B 149 7.15 -10.56 41.21
C ASP B 149 7.48 -12.04 41.11
N SER B 150 7.10 -12.70 40.01
CA SER B 150 7.37 -14.12 39.85
C SER B 150 8.86 -14.41 39.90
N ILE B 151 9.65 -13.59 39.22
CA ILE B 151 11.10 -13.75 39.24
C ILE B 151 11.64 -13.54 40.64
N LYS B 152 10.99 -12.66 41.41
CA LYS B 152 11.44 -12.38 42.77
C LYS B 152 11.10 -13.52 43.72
N SER B 153 10.14 -14.37 43.35
CA SER B 153 9.73 -15.45 44.24
C SER B 153 10.71 -16.62 44.19
N LEU B 154 11.26 -16.91 43.01
CA LEU B 154 12.15 -18.04 42.78
C LEU B 154 13.58 -17.59 42.47
N LYS B 155 14.03 -16.59 43.24
CA LYS B 155 15.30 -15.89 43.03
C LYS B 155 16.51 -16.79 42.78
N ASP B 156 16.60 -17.92 43.47
CA ASP B 156 17.75 -18.81 43.37
C ASP B 156 17.38 -20.18 42.81
N SER B 157 16.32 -20.28 42.02
CA SER B 157 15.97 -21.54 41.39
C SER B 157 16.76 -21.76 40.11
N ASN B 158 17.00 -23.03 39.81
CA ASN B 158 17.66 -23.41 38.56
C ASN B 158 16.69 -23.46 37.39
N LYS B 159 15.40 -23.23 37.63
CA LYS B 159 14.40 -23.40 36.58
C LYS B 159 14.10 -22.12 35.82
N LEU B 160 14.51 -20.97 36.34
CA LEU B 160 14.39 -19.71 35.61
C LEU B 160 15.39 -19.69 34.46
N ARG B 161 14.89 -19.65 33.24
CA ARG B 161 15.69 -19.47 32.04
C ARG B 161 15.17 -18.26 31.27
N VAL B 162 16.06 -17.31 31.02
CA VAL B 162 15.68 -16.02 30.45
C VAL B 162 16.58 -15.76 29.26
N THR B 163 16.01 -15.80 28.06
CA THR B 163 16.75 -15.78 26.82
C THR B 163 16.09 -14.84 25.81
N PRO B 164 16.84 -13.91 25.21
CA PRO B 164 16.27 -13.14 24.10
C PRO B 164 15.99 -14.04 22.89
N VAL B 165 14.83 -13.81 22.26
CA VAL B 165 14.37 -14.63 21.16
C VAL B 165 14.21 -13.83 19.87
N SER B 166 14.13 -12.51 19.93
CA SER B 166 13.99 -11.70 18.74
C SER B 166 14.19 -10.23 19.09
N ILE B 167 14.18 -9.41 18.05
CA ILE B 167 14.32 -7.97 18.15
C ILE B 167 13.13 -7.34 17.43
N VAL B 168 12.62 -6.23 17.96
CA VAL B 168 11.45 -5.56 17.41
C VAL B 168 11.90 -4.23 16.83
N ASP B 169 12.01 -4.16 15.50
CA ASP B 169 12.40 -2.95 14.80
C ASP B 169 11.22 -2.14 14.27
N ASN B 170 10.02 -2.71 14.27
CA ASN B 170 8.86 -2.11 13.63
C ASN B 170 7.65 -2.36 14.50
N THR B 171 6.83 -1.32 14.66
CA THR B 171 5.61 -1.45 15.43
C THR B 171 4.54 -0.57 14.81
N ILE B 172 3.32 -1.07 14.84
CA ILE B 172 2.12 -0.28 14.60
C ILE B 172 1.48 -0.02 15.94
N LYS B 173 1.10 1.23 16.19
CA LYS B 173 0.40 1.59 17.39
C LYS B 173 -0.67 2.62 17.06
N PHE B 174 -1.70 2.64 17.90
CA PHE B 174 -2.93 3.39 17.63
C PHE B 174 -2.93 4.62 18.50
N ARG B 175 -2.38 5.70 17.97
CA ARG B 175 -2.33 6.98 18.67
C ARG B 175 -3.53 7.85 18.36
N GLU B 176 -4.14 7.67 17.18
CA GLU B 176 -5.30 8.46 16.84
C GLU B 176 -6.47 8.05 17.71
N MET B 177 -7.56 8.79 17.58
CA MET B 177 -8.73 8.62 18.41
C MET B 177 -9.95 8.27 17.57
N SER B 178 -10.92 7.66 18.22
CA SER B 178 -12.09 7.14 17.51
C SER B 178 -12.95 8.28 16.99
N ASP B 179 -13.66 8.02 15.90
CA ASP B 179 -14.36 9.06 15.17
C ASP B 179 -15.82 9.10 15.60
N PHE B 180 -16.55 10.10 15.10
CA PHE B 180 -17.99 10.16 15.32
C PHE B 180 -18.66 8.93 14.72
N GLN B 181 -19.66 8.43 15.44
CA GLN B 181 -20.31 7.17 15.11
C GLN B 181 -21.80 7.39 14.88
N ILE B 182 -22.35 6.61 13.96
CA ILE B 182 -23.73 6.74 13.53
C ILE B 182 -24.36 5.35 13.55
N LYS B 183 -25.60 5.27 14.04
CA LYS B 183 -26.33 4.02 14.17
C LYS B 183 -27.41 3.96 13.10
N LEU B 184 -27.35 2.95 12.25
CA LEU B 184 -28.28 2.77 11.14
C LEU B 184 -29.09 1.49 11.25
N ASP B 185 -29.43 1.09 12.47
CA ASP B 185 -30.12 -0.19 12.66
C ASP B 185 -31.61 -0.07 12.34
N ASN B 186 -32.19 1.11 12.54
CA ASN B 186 -33.60 1.37 12.27
C ASN B 186 -33.81 2.22 11.02
N VAL B 187 -32.78 2.39 10.20
CA VAL B 187 -32.91 3.04 8.90
C VAL B 187 -33.24 1.93 7.90
N PRO B 188 -34.42 1.90 7.29
CA PRO B 188 -34.78 0.72 6.50
C PRO B 188 -34.00 0.57 5.21
N SER B 189 -33.42 1.65 4.67
CA SER B 189 -32.59 1.50 3.49
C SER B 189 -31.30 0.77 3.81
N ALA B 190 -30.73 1.01 4.98
CA ALA B 190 -29.52 0.30 5.38
C ALA B 190 -29.83 -1.17 5.64
N ARG B 191 -31.00 -1.45 6.21
CA ARG B 191 -31.44 -2.83 6.36
C ARG B 191 -31.57 -3.54 5.01
N GLU B 192 -31.87 -2.79 3.95
CA GLU B 192 -32.01 -3.38 2.63
C GLU B 192 -30.65 -3.55 1.96
N PHE B 193 -29.77 -2.58 2.16
CA PHE B 193 -28.39 -2.71 1.71
C PHE B 193 -27.68 -3.85 2.43
N LYS B 194 -27.69 -3.80 3.77
CA LYS B 194 -26.97 -4.76 4.60
C LYS B 194 -27.37 -6.19 4.28
N SER B 195 -28.66 -6.42 4.02
CA SER B 195 -29.14 -7.76 3.73
C SER B 195 -28.89 -8.20 2.29
N SER B 196 -28.47 -7.29 1.41
CA SER B 196 -28.25 -7.61 -0.01
C SER B 196 -26.78 -7.49 -0.38
N PHE B 197 -26.18 -6.32 -0.16
CA PHE B 197 -24.79 -6.10 -0.55
C PHE B 197 -23.82 -6.59 0.51
N GLY B 198 -24.27 -6.74 1.74
CA GLY B 198 -23.43 -7.23 2.83
C GLY B 198 -23.48 -8.74 2.95
N SER B 199 -24.67 -9.29 2.92
CA SER B 199 -24.85 -10.73 2.99
C SER B 199 -24.51 -11.45 1.70
N LEU B 200 -24.58 -10.75 0.56
CA LEU B 200 -24.41 -11.35 -0.76
C LEU B 200 -25.39 -12.50 -0.99
N GLU B 201 -26.56 -12.43 -0.38
CA GLU B 201 -27.61 -13.40 -0.59
C GLU B 201 -28.35 -13.01 -1.86
N TRP B 202 -28.42 -13.93 -2.82
CA TRP B 202 -29.01 -13.60 -4.11
C TRP B 202 -30.53 -13.55 -4.04
N ASN B 203 -31.14 -14.22 -3.05
CA ASN B 203 -32.59 -14.28 -2.98
C ASN B 203 -33.21 -12.91 -2.74
N ASN B 204 -32.51 -12.04 -2.03
CA ASN B 204 -32.97 -10.69 -1.73
C ASN B 204 -32.14 -9.62 -2.41
N PHE B 205 -31.00 -9.98 -3.00
CA PHE B 205 -30.32 -9.10 -3.93
C PHE B 205 -31.18 -8.85 -5.15
N LYS B 206 -31.81 -9.90 -5.67
CA LYS B 206 -32.64 -9.78 -6.87
C LYS B 206 -33.83 -8.88 -6.62
N SER B 207 -34.41 -8.94 -5.41
CA SER B 207 -35.54 -8.08 -5.10
C SER B 207 -35.12 -6.62 -5.03
N PHE B 208 -33.85 -6.35 -4.75
CA PHE B 208 -33.36 -4.98 -4.71
C PHE B 208 -33.20 -4.41 -6.11
N VAL B 209 -32.50 -5.13 -6.98
CA VAL B 209 -32.16 -4.63 -8.30
C VAL B 209 -33.41 -4.48 -9.16
N ASN B 210 -34.42 -5.33 -8.94
CA ASN B 210 -35.69 -5.12 -9.63
C ASN B 210 -36.48 -3.98 -9.03
N SER B 211 -36.04 -3.44 -7.89
CA SER B 211 -36.73 -2.32 -7.24
C SER B 211 -36.19 -0.97 -7.66
N VAL B 212 -34.92 -0.87 -8.02
CA VAL B 212 -34.39 0.43 -8.43
C VAL B 212 -35.06 0.83 -9.75
N PRO B 213 -35.73 1.98 -9.83
CA PRO B 213 -36.32 2.36 -11.11
C PRO B 213 -35.27 2.84 -12.08
N ASP B 214 -35.31 2.29 -13.30
CA ASP B 214 -34.38 2.70 -14.34
C ASP B 214 -34.47 4.19 -14.62
N ASN B 215 -35.65 4.78 -14.41
CA ASN B 215 -35.82 6.24 -14.44
C ASN B 215 -36.66 6.63 -13.24
N ASP B 216 -36.03 7.34 -12.30
CA ASP B 216 -36.71 7.75 -11.08
C ASP B 216 -37.46 9.05 -11.33
N SER B 217 -38.75 9.06 -11.00
CA SER B 217 -39.62 10.17 -11.34
C SER B 217 -39.67 11.28 -10.29
N GLN B 218 -39.10 11.05 -9.11
CA GLN B 218 -39.18 12.00 -8.00
C GLN B 218 -37.88 12.01 -7.19
N PRO B 219 -36.80 12.54 -7.75
CA PRO B 219 -35.57 12.63 -6.96
C PRO B 219 -35.67 13.60 -5.79
N GLN B 220 -36.64 14.51 -5.87
CA GLN B 220 -36.77 15.59 -4.89
C GLN B 220 -37.46 15.17 -3.60
N GLU B 221 -38.00 13.95 -3.53
CA GLU B 221 -38.83 13.52 -2.43
C GLU B 221 -38.07 12.57 -1.52
N ASN B 222 -38.63 12.35 -0.33
CA ASN B 222 -38.07 11.38 0.59
C ASN B 222 -38.15 9.99 -0.02
N ILE B 223 -37.21 9.13 0.39
CA ILE B 223 -37.08 7.81 -0.20
C ILE B 223 -37.93 6.75 0.49
N GLY B 224 -38.75 7.15 1.46
CA GLY B 224 -39.61 6.21 2.17
C GLY B 224 -40.67 5.54 1.30
N ASN B 225 -40.88 6.06 0.10
CA ASN B 225 -41.86 5.50 -0.82
C ASN B 225 -41.30 4.38 -1.70
N LEU B 226 -40.00 4.38 -1.95
CA LEU B 226 -39.35 3.35 -2.75
C LEU B 226 -38.99 2.10 -1.95
N ILE B 227 -39.19 2.11 -0.64
CA ILE B 227 -38.78 1.02 0.24
C ILE B 227 -40.02 0.18 0.55
N LEU B 228 -39.84 -1.14 0.66
CA LEU B 228 -40.94 -2.06 0.87
C LEU B 228 -40.84 -2.81 2.19
N ASP B 229 -39.98 -2.38 3.10
CA ASP B 229 -39.88 -3.02 4.41
C ASP B 229 -41.07 -2.66 5.28
N ARG B 230 -41.22 -1.37 5.59
CA ARG B 230 -42.36 -0.84 6.33
C ARG B 230 -42.51 -1.44 7.73
N SER B 231 -41.42 -1.93 8.32
CA SER B 231 -41.45 -2.54 9.65
C SER B 231 -40.98 -1.57 10.74
N VAL B 232 -40.08 -0.66 10.39
CA VAL B 232 -39.39 0.15 11.41
C VAL B 232 -40.02 1.52 11.60
N LYS B 233 -40.71 2.05 10.59
CA LYS B 233 -41.38 3.34 10.68
C LYS B 233 -40.39 4.46 10.98
N ILE B 234 -39.48 4.69 10.05
CA ILE B 234 -38.60 5.85 10.05
C ILE B 234 -39.48 7.10 10.14
N PRO B 235 -39.06 8.17 10.81
CA PRO B 235 -39.83 9.42 10.74
C PRO B 235 -39.85 9.98 9.33
N SER B 236 -40.91 10.75 9.04
CA SER B 236 -41.11 11.26 7.69
C SER B 236 -40.12 12.35 7.32
N THR B 237 -39.43 12.93 8.30
CA THR B 237 -38.49 14.01 8.07
C THR B 237 -37.03 13.60 8.29
N ASP B 238 -36.70 12.33 8.11
CA ASP B 238 -35.34 11.86 8.32
C ASP B 238 -34.57 11.79 7.01
N PHE B 239 -35.21 11.34 5.93
CA PHE B 239 -34.66 11.34 4.57
C PHE B 239 -33.52 10.36 4.36
N GLN B 240 -33.09 9.65 5.40
CA GLN B 240 -32.21 8.49 5.27
C GLN B 240 -30.88 8.86 4.64
N LEU B 241 -30.33 9.99 5.03
CA LEU B 241 -29.06 10.44 4.46
C LEU B 241 -27.93 9.63 5.07
N PRO B 242 -27.17 8.86 4.30
CA PRO B 242 -26.14 8.02 4.90
C PRO B 242 -24.94 8.84 5.35
N PRO B 243 -24.12 8.32 6.25
CA PRO B 243 -23.06 9.14 6.84
C PRO B 243 -21.81 9.12 5.97
N PRO B 244 -20.87 10.04 6.18
CA PRO B 244 -19.62 10.01 5.43
C PRO B 244 -18.59 9.13 6.11
N PRO B 245 -17.49 8.81 5.42
CA PRO B 245 -16.52 7.86 5.99
C PRO B 245 -15.59 8.45 7.03
N LYS B 246 -15.49 9.77 7.14
CA LYS B 246 -14.62 10.39 8.12
C LYS B 246 -15.21 11.73 8.50
N LEU B 247 -15.71 11.81 9.73
CA LEU B 247 -16.35 13.00 10.28
C LEU B 247 -15.41 13.88 11.07
N SER B 248 -14.38 13.30 11.68
CA SER B 248 -13.35 14.06 12.39
C SER B 248 -12.14 14.22 11.49
N MET B 249 -11.80 15.47 11.16
CA MET B 249 -10.83 15.80 10.12
C MET B 249 -9.84 16.83 10.61
N VAL B 250 -9.26 16.59 11.79
CA VAL B 250 -8.15 17.37 12.31
C VAL B 250 -6.93 16.47 12.49
N THR B 277 -17.56 45.11 23.03
CA THR B 277 -16.84 45.58 21.85
C THR B 277 -17.28 44.83 20.59
N TYR B 278 -18.57 44.48 20.55
CA TYR B 278 -19.17 43.83 19.39
C TYR B 278 -20.59 44.33 19.21
N ILE B 279 -21.10 44.16 17.99
CA ILE B 279 -22.46 44.53 17.63
C ILE B 279 -23.06 43.38 16.84
N LYS B 280 -24.34 43.12 17.07
CA LYS B 280 -25.07 42.18 16.24
C LYS B 280 -25.58 42.91 15.00
N ASN B 281 -25.20 42.41 13.83
CA ASN B 281 -25.71 42.91 12.56
C ASN B 281 -27.01 42.18 12.26
N TYR B 282 -27.86 42.80 11.44
CA TYR B 282 -29.14 42.19 11.06
C TYR B 282 -29.46 42.38 9.58
N GLN B 283 -28.53 42.05 8.69
CA GLN B 283 -28.81 42.23 7.27
C GLN B 283 -29.77 41.16 6.78
N LEU B 284 -30.59 41.53 5.79
CA LEU B 284 -31.56 40.63 5.20
C LEU B 284 -30.93 39.81 4.08
N PHE B 285 -31.37 38.56 3.99
CA PHE B 285 -30.97 37.65 2.93
C PHE B 285 -32.21 37.09 2.28
N VAL B 286 -32.12 36.80 0.98
CA VAL B 286 -33.21 36.23 0.22
C VAL B 286 -32.78 34.85 -0.23
N HIS B 287 -33.51 33.83 0.22
CA HIS B 287 -33.06 32.45 0.10
C HIS B 287 -33.56 31.74 -1.14
N ASP B 288 -34.65 32.22 -1.76
CA ASP B 288 -35.25 31.56 -2.91
C ASP B 288 -35.72 32.60 -3.91
N LEU B 289 -35.49 32.31 -5.20
CA LEU B 289 -35.86 33.17 -6.30
C LEU B 289 -37.12 32.68 -7.00
N SER B 290 -38.07 32.17 -6.23
CA SER B 290 -39.33 31.72 -6.82
C SER B 290 -40.08 32.89 -7.44
N ASP B 291 -41.10 32.57 -8.23
CA ASP B 291 -42.00 33.58 -8.75
C ASP B 291 -42.94 34.15 -7.68
N LYS B 292 -42.91 33.60 -6.47
CA LYS B 292 -43.78 34.00 -5.37
C LYS B 292 -43.04 34.87 -4.36
N THR B 293 -41.73 34.77 -4.30
CA THR B 293 -40.96 35.33 -3.20
C THR B 293 -41.03 36.85 -3.21
N VAL B 294 -40.98 37.43 -2.02
CA VAL B 294 -41.04 38.87 -1.83
C VAL B 294 -39.64 39.40 -1.62
N ILE B 295 -39.38 40.60 -2.13
CA ILE B 295 -38.10 41.27 -2.00
C ILE B 295 -38.24 42.36 -0.94
N PRO B 296 -37.25 42.58 -0.07
CA PRO B 296 -37.36 43.68 0.89
C PRO B 296 -37.42 45.03 0.20
N SER B 297 -38.27 45.91 0.75
CA SER B 297 -38.34 47.32 0.35
C SER B 297 -38.14 48.25 1.53
N GLN B 298 -38.04 47.73 2.75
CA GLN B 298 -37.75 48.52 3.93
C GLN B 298 -36.75 47.73 4.75
N ALA B 299 -35.92 48.45 5.50
CA ALA B 299 -34.66 47.87 5.99
C ALA B 299 -34.84 46.68 6.91
N HIS B 300 -35.27 46.94 8.15
CA HIS B 300 -35.35 45.90 9.18
C HIS B 300 -35.94 46.55 10.42
N GLU B 301 -36.67 45.77 11.22
CA GLU B 301 -37.36 46.35 12.36
C GLU B 301 -36.41 46.79 13.47
N GLN B 302 -35.33 46.06 13.68
CA GLN B 302 -34.39 46.32 14.77
C GLN B 302 -33.33 47.35 14.40
N VAL B 303 -32.79 47.28 13.19
CA VAL B 303 -31.73 48.22 12.79
C VAL B 303 -32.29 49.63 12.73
N LEU B 304 -33.48 49.79 12.17
CA LEU B 304 -34.13 51.10 12.16
C LEU B 304 -34.37 51.59 13.57
N TYR B 305 -34.68 50.68 14.49
CA TYR B 305 -34.82 51.06 15.90
C TYR B 305 -33.47 51.44 16.49
N ASP B 306 -32.44 50.62 16.24
CA ASP B 306 -31.09 50.95 16.71
C ASP B 306 -30.58 52.22 16.05
N PHE B 307 -31.04 52.52 14.83
CA PHE B 307 -30.51 53.64 14.07
C PHE B 307 -31.34 54.90 14.26
N GLU B 308 -32.65 54.78 14.49
CA GLU B 308 -33.46 55.97 14.71
C GLU B 308 -33.11 56.63 16.03
N VAL B 309 -32.83 55.83 17.06
CA VAL B 309 -32.37 56.39 18.33
C VAL B 309 -30.95 56.92 18.19
N ALA B 310 -30.17 56.32 17.29
CA ALA B 310 -28.81 56.80 17.06
C ALA B 310 -28.80 58.23 16.52
N LYS B 311 -29.91 58.67 15.92
CA LYS B 311 -29.96 60.04 15.41
C LYS B 311 -30.12 61.05 16.54
N LYS B 312 -30.95 60.72 17.53
CA LYS B 312 -31.22 61.62 18.65
C LYS B 312 -30.10 61.60 19.68
N THR B 313 -29.86 60.46 20.30
CA THR B 313 -28.64 60.22 21.07
C THR B 313 -27.64 59.61 20.11
N LYS B 314 -26.44 60.16 20.07
CA LYS B 314 -25.50 59.91 18.98
C LYS B 314 -24.54 58.78 19.31
N VAL B 315 -25.01 57.79 20.08
CA VAL B 315 -24.14 56.73 20.60
C VAL B 315 -24.29 55.41 19.84
N TYR B 316 -25.40 55.21 19.12
CA TYR B 316 -25.65 53.95 18.43
C TYR B 316 -25.61 52.78 19.41
N PRO B 317 -26.72 52.48 20.12
CA PRO B 317 -26.68 51.52 21.24
C PRO B 317 -25.91 50.24 20.96
N GLY B 318 -25.05 49.87 21.92
CA GLY B 318 -24.04 48.85 21.74
C GLY B 318 -22.64 49.38 21.57
N THR B 319 -22.42 50.67 21.75
CA THR B 319 -21.14 51.31 21.52
C THR B 319 -20.88 52.36 22.58
N LYS B 320 -19.60 52.71 22.74
CA LYS B 320 -19.21 53.83 23.58
C LYS B 320 -19.31 55.13 22.79
N SER B 321 -19.53 56.23 23.51
CA SER B 321 -19.57 57.54 22.88
C SER B 321 -18.22 57.92 22.26
N ASP B 322 -17.12 57.33 22.76
CA ASP B 322 -15.79 57.69 22.32
C ASP B 322 -15.38 57.02 21.02
N SER B 323 -16.14 56.03 20.54
CA SER B 323 -15.77 55.33 19.32
C SER B 323 -16.13 56.08 18.06
N LYS B 324 -17.09 57.01 18.12
CA LYS B 324 -17.53 57.78 16.96
C LYS B 324 -18.02 56.86 15.84
N PHE B 325 -18.70 55.79 16.22
CA PHE B 325 -19.25 54.86 15.24
C PHE B 325 -20.33 55.54 14.40
N TYR B 326 -21.20 56.32 15.03
CA TYR B 326 -22.30 56.94 14.30
C TYR B 326 -21.80 58.02 13.35
N GLU B 327 -20.90 58.89 13.84
CA GLU B 327 -20.34 59.91 12.96
C GLU B 327 -19.57 59.30 11.80
N SER B 328 -19.03 58.10 11.98
CA SER B 328 -18.42 57.37 10.88
C SER B 328 -19.48 56.77 9.97
N LEU B 329 -20.63 56.42 10.53
CA LEU B 329 -21.68 55.78 9.74
C LEU B 329 -22.26 56.75 8.71
N GLU B 330 -22.67 57.93 9.16
CA GLU B 330 -23.30 58.90 8.26
C GLU B 330 -22.36 59.29 7.13
N GLU B 331 -21.08 59.48 7.42
CA GLU B 331 -20.13 59.82 6.37
C GLU B 331 -19.88 58.64 5.44
N CYS B 332 -20.19 57.42 5.87
CA CYS B 332 -20.21 56.29 4.94
C CYS B 332 -21.58 56.15 4.29
N LEU B 333 -22.64 56.50 5.02
CA LEU B 333 -23.99 56.25 4.53
C LEU B 333 -24.32 57.16 3.35
N LYS B 334 -23.93 58.43 3.42
CA LYS B 334 -24.15 59.32 2.29
C LYS B 334 -23.33 58.92 1.07
N ILE B 335 -22.23 58.19 1.26
CA ILE B 335 -21.45 57.72 0.12
C ILE B 335 -22.21 56.62 -0.61
N LEU B 336 -22.68 55.61 0.12
CA LEU B 336 -23.36 54.48 -0.53
C LEU B 336 -24.64 54.93 -1.23
N ARG B 337 -25.38 55.86 -0.62
CA ARG B 337 -26.62 56.33 -1.22
C ARG B 337 -26.37 56.98 -2.57
N GLU B 338 -25.23 57.65 -2.74
CA GLU B 338 -24.85 58.16 -4.05
C GLU B 338 -24.49 57.04 -5.01
N LEU B 339 -23.82 56.01 -4.49
CA LEU B 339 -23.35 54.93 -5.35
C LEU B 339 -24.50 54.09 -5.88
N PHE B 340 -25.40 53.65 -4.98
CA PHE B 340 -26.53 52.84 -5.43
C PHE B 340 -27.48 53.60 -6.35
N ALA B 341 -27.48 54.93 -6.29
CA ALA B 341 -28.20 55.70 -7.29
C ALA B 341 -27.50 55.63 -8.64
N ARG B 342 -26.17 55.55 -8.63
CA ARG B 342 -25.41 55.50 -9.87
C ARG B 342 -25.32 54.08 -10.41
N ARG B 343 -25.16 53.11 -9.53
CA ARG B 343 -25.01 51.70 -9.90
C ARG B 343 -25.74 50.85 -8.87
N PRO B 344 -26.97 50.39 -9.13
CA PRO B 344 -27.78 49.85 -8.04
C PRO B 344 -27.32 48.53 -7.48
N ILE B 345 -26.45 47.81 -8.18
CA ILE B 345 -25.98 46.49 -7.74
C ILE B 345 -24.47 46.55 -7.63
N TRP B 346 -23.93 45.92 -6.60
CA TRP B 346 -22.56 46.08 -6.17
C TRP B 346 -22.01 44.80 -5.60
N VAL B 347 -20.68 44.74 -5.56
CA VAL B 347 -19.97 43.79 -4.72
C VAL B 347 -19.25 44.60 -3.66
N LYS B 348 -19.20 44.08 -2.43
CA LYS B 348 -18.57 44.80 -1.34
C LYS B 348 -17.08 45.01 -1.60
N ARG B 349 -16.45 44.07 -2.30
CA ARG B 349 -15.04 44.16 -2.64
C ARG B 349 -14.72 45.29 -3.60
N HIS B 350 -15.72 45.82 -4.32
CA HIS B 350 -15.49 47.03 -5.09
C HIS B 350 -15.66 48.27 -4.23
N LEU B 351 -16.46 48.16 -3.16
CA LEU B 351 -16.70 49.30 -2.29
C LEU B 351 -15.53 49.53 -1.34
N ASP B 352 -14.66 48.53 -1.18
CA ASP B 352 -13.50 48.71 -0.32
C ASP B 352 -12.52 49.72 -0.88
N GLY B 353 -12.53 49.95 -2.19
CA GLY B 353 -11.66 50.93 -2.81
C GLY B 353 -12.16 52.34 -2.80
N ILE B 354 -13.33 52.59 -2.21
CA ILE B 354 -13.99 53.88 -2.23
C ILE B 354 -14.10 54.48 -0.84
N VAL B 355 -14.64 53.71 0.11
CA VAL B 355 -14.80 54.21 1.46
C VAL B 355 -13.42 54.25 2.10
N PRO B 356 -13.05 55.31 2.83
CA PRO B 356 -11.71 55.33 3.43
C PRO B 356 -11.53 54.26 4.48
N LYS B 357 -10.31 54.24 5.05
CA LYS B 357 -10.01 53.30 6.12
C LYS B 357 -10.77 53.65 7.39
N LYS B 358 -10.99 54.94 7.63
CA LYS B 358 -11.52 55.39 8.91
C LYS B 358 -12.97 55.01 9.12
N ILE B 359 -13.73 54.75 8.04
CA ILE B 359 -15.16 54.48 8.15
C ILE B 359 -15.52 53.18 7.42
N HIS B 360 -14.57 52.25 7.35
CA HIS B 360 -14.85 50.96 6.71
C HIS B 360 -15.49 49.98 7.68
N HIS B 361 -15.19 50.09 8.97
CA HIS B 361 -15.75 49.17 9.95
C HIS B 361 -17.27 49.28 10.03
N THR B 362 -17.81 50.46 9.74
CA THR B 362 -19.25 50.69 9.82
C THR B 362 -19.96 50.54 8.48
N MET B 363 -19.28 50.03 7.45
CA MET B 363 -19.93 49.83 6.16
C MET B 363 -20.82 48.61 6.17
N LYS B 364 -20.39 47.56 6.87
CA LYS B 364 -21.18 46.33 6.99
C LYS B 364 -22.52 46.57 7.67
N ILE B 365 -22.67 47.68 8.39
CA ILE B 365 -23.95 48.05 8.98
C ILE B 365 -24.75 48.98 8.07
N ALA B 366 -24.10 49.79 7.24
CA ALA B 366 -24.85 50.69 6.36
C ALA B 366 -25.47 49.93 5.20
N LEU B 367 -24.84 48.85 4.77
CA LEU B 367 -25.40 48.03 3.69
C LEU B 367 -26.71 47.39 4.13
N ALA B 368 -26.84 47.09 5.41
CA ALA B 368 -28.03 46.40 5.90
C ALA B 368 -29.27 47.26 5.84
N LEU B 369 -29.13 48.57 6.03
CA LEU B 369 -30.23 49.52 5.94
C LEU B 369 -30.22 50.29 4.63
N ILE B 370 -29.47 49.81 3.63
CA ILE B 370 -29.48 50.35 2.28
C ILE B 370 -29.69 49.23 1.27
N SER B 371 -29.36 47.99 1.64
CA SER B 371 -29.23 46.93 0.65
C SER B 371 -29.55 45.56 1.23
N TYR B 372 -29.92 44.66 0.33
CA TYR B 372 -30.05 43.24 0.59
C TYR B 372 -29.22 42.47 -0.42
N ARG B 373 -29.16 41.15 -0.26
CA ARG B 373 -28.33 40.32 -1.11
C ARG B 373 -28.93 38.93 -1.20
N PHE B 374 -29.06 38.43 -2.42
CA PHE B 374 -29.50 37.07 -2.66
C PHE B 374 -28.41 36.10 -2.23
N THR B 375 -28.83 34.90 -1.81
CA THR B 375 -27.92 33.79 -1.56
C THR B 375 -27.82 32.84 -2.74
N MET B 376 -28.57 33.08 -3.81
CA MET B 376 -28.50 32.25 -5.01
C MET B 376 -29.12 33.03 -6.16
N GLY B 377 -29.11 32.41 -7.33
CA GLY B 377 -29.64 33.01 -8.53
C GLY B 377 -28.57 33.55 -9.44
N PRO B 378 -28.97 34.28 -10.48
CA PRO B 378 -27.98 34.96 -11.33
C PRO B 378 -27.32 36.13 -10.65
N TRP B 379 -28.00 36.78 -9.71
CA TRP B 379 -27.49 37.94 -8.99
C TRP B 379 -26.93 37.52 -7.64
N ARG B 380 -26.27 36.37 -7.60
CA ARG B 380 -25.81 35.72 -6.39
C ARG B 380 -24.72 36.52 -5.69
N ASN B 381 -24.95 36.81 -4.41
CA ASN B 381 -23.96 37.39 -3.51
C ASN B 381 -23.59 38.82 -3.88
N THR B 382 -24.54 39.60 -4.40
CA THR B 382 -24.36 41.02 -4.63
C THR B 382 -25.35 41.82 -3.81
N TYR B 383 -24.91 43.01 -3.42
CA TYR B 383 -25.71 43.91 -2.61
C TYR B 383 -26.59 44.76 -3.51
N ILE B 384 -27.89 44.76 -3.21
CA ILE B 384 -28.90 45.30 -4.13
C ILE B 384 -29.76 46.29 -3.35
N LYS B 385 -30.01 47.44 -3.94
CA LYS B 385 -30.79 48.48 -3.28
C LYS B 385 -32.22 48.00 -3.05
N PHE B 386 -32.89 48.60 -2.07
CA PHE B 386 -34.25 48.20 -1.72
C PHE B 386 -35.24 48.71 -2.76
N GLY B 387 -36.25 47.88 -3.04
CA GLY B 387 -37.25 48.18 -4.03
C GLY B 387 -36.91 47.71 -5.42
N ILE B 388 -35.68 47.27 -5.64
CA ILE B 388 -35.19 46.93 -6.97
C ILE B 388 -35.21 45.42 -7.12
N ASP B 389 -36.19 44.91 -7.87
CA ASP B 389 -36.29 43.49 -8.18
C ASP B 389 -35.66 43.27 -9.54
N PRO B 390 -34.48 42.63 -9.63
CA PRO B 390 -33.81 42.56 -10.93
C PRO B 390 -34.53 41.74 -11.98
N ARG B 391 -35.53 40.95 -11.59
CA ARG B 391 -36.34 40.19 -12.53
C ARG B 391 -37.45 41.03 -13.15
N SER B 392 -37.50 42.33 -12.86
CA SER B 392 -38.57 43.19 -13.33
C SER B 392 -38.23 43.89 -14.64
N SER B 393 -36.94 44.06 -14.94
CA SER B 393 -36.52 44.73 -16.15
C SER B 393 -35.23 44.09 -16.65
N VAL B 394 -35.00 44.21 -17.96
CA VAL B 394 -33.82 43.60 -18.57
C VAL B 394 -32.57 44.46 -18.38
N GLU B 395 -32.72 45.70 -17.93
CA GLU B 395 -31.55 46.55 -17.73
C GLU B 395 -30.66 46.09 -16.59
N TYR B 396 -31.15 45.18 -15.74
CA TYR B 396 -30.34 44.57 -14.69
C TYR B 396 -29.70 43.28 -15.14
N ALA B 397 -29.47 43.11 -16.44
CA ALA B 397 -28.85 41.89 -16.94
C ALA B 397 -27.34 42.02 -17.01
N GLN B 398 -26.84 43.22 -17.29
CA GLN B 398 -25.41 43.44 -17.36
C GLN B 398 -24.73 43.37 -16.00
N TYR B 399 -25.51 43.34 -14.91
CA TYR B 399 -24.95 43.32 -13.57
C TYR B 399 -24.93 41.92 -12.96
N GLN B 400 -25.36 40.89 -13.67
CA GLN B 400 -25.51 39.60 -13.02
C GLN B 400 -24.15 38.93 -12.88
N THR B 401 -24.07 37.97 -11.97
CA THR B 401 -22.81 37.53 -11.40
C THR B 401 -22.23 36.36 -12.18
N GLU B 402 -20.91 36.37 -12.32
CA GLU B 402 -20.16 35.26 -12.88
C GLU B 402 -18.92 35.01 -12.05
N TYR B 403 -18.63 33.75 -11.78
CA TYR B 403 -17.53 33.32 -10.93
C TYR B 403 -16.50 32.59 -11.75
N PHE B 404 -15.25 32.65 -11.29
CA PHE B 404 -14.16 31.91 -11.91
C PHE B 404 -13.16 31.50 -10.83
N LYS B 405 -12.55 30.33 -11.05
CA LYS B 405 -11.59 29.75 -10.13
C LYS B 405 -10.39 29.24 -10.90
N ILE B 406 -9.22 29.40 -10.29
CA ILE B 406 -7.98 28.85 -10.82
C ILE B 406 -7.57 27.69 -9.93
N GLU B 407 -7.41 26.52 -10.53
CA GLU B 407 -7.17 25.29 -9.78
C GLU B 407 -5.67 25.15 -9.52
N ARG B 408 -5.27 25.59 -8.33
CA ARG B 408 -3.87 25.47 -7.92
C ARG B 408 -3.46 23.99 -7.84
N LYS B 409 -4.37 23.14 -7.39
CA LYS B 409 -4.10 21.72 -7.24
C LYS B 409 -3.70 21.05 -8.55
N LEU B 410 -4.18 21.58 -9.68
CA LEU B 410 -3.80 21.09 -11.01
C LEU B 410 -2.75 21.96 -11.66
N LEU B 411 -2.77 23.27 -11.38
CA LEU B 411 -1.72 24.19 -11.77
C LEU B 411 -0.73 24.47 -10.65
N SER B 412 -0.10 23.42 -10.11
CA SER B 412 0.87 23.56 -9.02
C SER B 412 2.26 23.76 -9.61
N SER B 413 2.53 25.01 -9.99
CA SER B 413 3.76 25.36 -10.68
C SER B 413 4.21 26.76 -10.25
N PRO B 414 5.50 27.07 -10.39
CA PRO B 414 5.94 28.45 -10.11
C PRO B 414 5.52 29.44 -11.19
N ILE B 415 5.26 28.96 -12.41
CA ILE B 415 4.83 29.84 -13.50
C ILE B 415 3.52 30.52 -13.14
N VAL B 416 2.70 29.90 -12.29
CA VAL B 416 1.36 30.39 -12.03
C VAL B 416 1.36 31.38 -10.89
N LYS B 417 2.05 31.05 -9.79
CA LYS B 417 1.93 31.85 -8.58
C LYS B 417 2.66 33.19 -8.66
N LYS B 418 3.28 33.52 -9.80
CA LYS B 418 3.75 34.87 -10.09
C LYS B 418 2.84 35.61 -11.05
N ASN B 419 2.14 34.90 -11.94
CA ASN B 419 1.27 35.53 -12.91
C ASN B 419 -0.09 35.88 -12.33
N VAL B 420 -0.60 35.07 -11.41
CA VAL B 420 -1.81 35.43 -10.67
C VAL B 420 -1.43 36.57 -9.73
N PRO B 421 -2.02 37.76 -9.83
CA PRO B 421 -1.63 38.81 -8.91
C PRO B 421 -2.24 38.56 -7.54
N LYS B 422 -1.61 39.11 -6.51
CA LYS B 422 -2.03 38.81 -5.16
C LYS B 422 -3.32 39.57 -4.85
N PRO B 423 -4.11 39.09 -3.90
CA PRO B 423 -5.44 39.68 -3.69
C PRO B 423 -5.35 41.11 -3.22
N PRO B 424 -6.49 41.80 -3.10
CA PRO B 424 -6.45 43.15 -2.60
C PRO B 424 -6.15 43.16 -1.11
N PRO B 425 -5.99 44.34 -0.52
CA PRO B 425 -6.05 44.42 0.94
C PRO B 425 -7.48 44.28 1.42
N LEU B 426 -7.70 44.33 2.73
CA LEU B 426 -9.07 44.42 3.23
C LEU B 426 -9.70 45.74 2.80
N VAL B 427 -8.88 46.77 2.60
CA VAL B 427 -9.35 48.08 2.20
C VAL B 427 -8.19 48.82 1.57
N PHE B 428 -8.48 49.63 0.56
CA PHE B 428 -7.44 50.27 -0.25
C PHE B 428 -8.00 51.54 -0.86
N GLU B 429 -7.19 52.16 -1.71
CA GLU B 429 -7.58 53.36 -2.45
C GLU B 429 -7.69 52.99 -3.92
N SER B 430 -8.76 53.45 -4.55
CA SER B 430 -9.00 53.10 -5.94
C SER B 430 -8.15 53.95 -6.88
N ASP B 431 -7.51 53.27 -7.83
CA ASP B 431 -6.81 54.00 -8.88
C ASP B 431 -7.77 54.84 -9.70
N THR B 432 -8.99 54.35 -9.90
CA THR B 432 -10.06 55.12 -10.50
C THR B 432 -10.74 55.93 -9.39
N PRO B 433 -10.71 57.27 -9.43
CA PRO B 433 -11.19 58.02 -8.26
C PRO B 433 -12.68 57.93 -8.05
N GLY B 434 -13.09 57.25 -6.98
CA GLY B 434 -14.49 57.13 -6.65
C GLY B 434 -15.23 56.07 -7.43
N GLY B 435 -14.56 55.01 -7.83
CA GLY B 435 -15.19 53.97 -8.62
C GLY B 435 -14.41 52.67 -8.64
N ILE B 436 -14.89 51.73 -9.45
CA ILE B 436 -14.25 50.43 -9.57
C ILE B 436 -12.89 50.62 -10.24
N ASP B 437 -11.92 49.83 -9.82
CA ASP B 437 -10.58 49.93 -10.39
C ASP B 437 -10.57 49.35 -11.81
N SER B 438 -9.48 49.61 -12.51
CA SER B 438 -9.17 48.87 -13.73
C SER B 438 -8.51 47.54 -13.44
N ARG B 439 -8.39 47.16 -12.15
CA ARG B 439 -7.73 45.92 -11.77
C ARG B 439 -8.72 44.84 -11.38
N PHE B 440 -9.98 45.21 -11.15
CA PHE B 440 -11.05 44.24 -11.10
C PHE B 440 -11.55 43.88 -12.49
N LYS B 441 -11.33 44.76 -13.46
CA LYS B 441 -11.88 44.59 -14.79
C LYS B 441 -11.01 43.67 -15.64
N PHE B 442 -11.66 42.97 -16.55
CA PHE B 442 -11.04 42.01 -17.43
C PHE B 442 -11.01 42.58 -18.85
N ASP B 443 -9.82 42.67 -19.44
CA ASP B 443 -9.64 43.27 -20.75
C ASP B 443 -8.64 42.49 -21.61
N GLY B 444 -8.56 41.18 -21.42
CA GLY B 444 -7.67 40.35 -22.19
C GLY B 444 -6.24 40.30 -21.71
N LYS B 445 -5.91 41.06 -20.66
CA LYS B 445 -4.59 41.06 -20.06
C LYS B 445 -4.75 41.34 -18.58
N ARG B 446 -3.70 41.09 -17.79
CA ARG B 446 -3.72 41.45 -16.39
C ARG B 446 -4.86 40.79 -15.64
N ILE B 447 -4.71 39.50 -15.34
CA ILE B 447 -5.69 38.73 -14.54
C ILE B 447 -6.21 39.62 -13.40
N PRO B 448 -7.51 39.82 -13.25
CA PRO B 448 -7.95 40.70 -12.18
C PRO B 448 -7.70 40.11 -10.81
N TRP B 449 -7.59 40.99 -9.82
CA TRP B 449 -7.40 40.62 -8.43
C TRP B 449 -8.51 39.78 -7.86
N TYR B 450 -9.70 39.80 -8.46
CA TYR B 450 -10.91 39.26 -7.83
C TYR B 450 -11.77 38.69 -8.93
N LEU B 451 -11.98 37.38 -8.91
CA LEU B 451 -12.44 36.63 -10.06
C LEU B 451 -13.94 36.39 -10.11
N MET B 452 -14.67 36.75 -9.07
CA MET B 452 -16.11 36.88 -9.20
C MET B 452 -16.36 38.28 -9.73
N LEU B 453 -17.01 38.39 -10.88
CA LEU B 453 -17.06 39.65 -11.59
C LEU B 453 -18.27 39.66 -12.51
N GLN B 454 -18.94 40.80 -12.56
CA GLN B 454 -20.19 40.96 -13.25
C GLN B 454 -19.98 41.04 -14.76
N ILE B 455 -21.09 40.86 -15.49
CA ILE B 455 -21.05 40.95 -16.94
C ILE B 455 -20.65 42.36 -17.37
N ASP B 456 -20.91 43.37 -16.54
CA ASP B 456 -20.61 44.75 -16.90
C ASP B 456 -19.11 44.99 -17.00
N LEU B 457 -18.29 44.11 -16.43
CA LEU B 457 -16.84 44.28 -16.42
C LEU B 457 -16.14 43.55 -17.55
N LEU B 458 -16.66 42.38 -17.95
CA LEU B 458 -16.09 41.60 -19.04
C LEU B 458 -16.09 42.34 -20.37
N ILE B 459 -17.07 43.23 -20.61
CA ILE B 459 -17.30 43.76 -21.94
C ILE B 459 -16.15 44.61 -22.47
N GLY B 460 -15.18 44.99 -21.63
CA GLY B 460 -14.01 45.68 -22.14
C GLY B 460 -13.22 44.83 -23.11
N GLU B 461 -13.32 43.53 -23.02
CA GLU B 461 -12.63 42.63 -23.93
C GLU B 461 -13.37 42.67 -25.27
N PRO B 462 -12.68 42.83 -26.42
CA PRO B 462 -13.42 43.02 -27.67
C PRO B 462 -14.30 41.85 -28.08
N ASN B 463 -13.79 40.62 -27.95
CA ASN B 463 -14.54 39.47 -28.42
C ASN B 463 -15.78 39.21 -27.58
N ILE B 464 -15.72 39.53 -26.29
CA ILE B 464 -16.88 39.36 -25.43
C ILE B 464 -17.89 40.49 -25.67
N ALA B 465 -17.43 41.63 -26.18
CA ALA B 465 -18.35 42.71 -26.49
C ALA B 465 -19.25 42.34 -27.65
N GLU B 466 -18.66 42.01 -28.80
CA GLU B 466 -19.41 41.65 -29.99
C GLU B 466 -20.25 40.40 -29.83
N VAL B 467 -19.99 39.59 -28.79
CA VAL B 467 -20.96 38.59 -28.34
C VAL B 467 -22.08 39.27 -27.57
N PHE B 468 -21.72 40.20 -26.68
CA PHE B 468 -22.69 40.89 -25.85
C PHE B 468 -23.60 41.78 -26.68
N HIS B 469 -23.06 42.41 -27.71
CA HIS B 469 -23.83 43.31 -28.56
C HIS B 469 -24.59 42.60 -29.67
N ASN B 470 -24.69 41.27 -29.62
CA ASN B 470 -25.52 40.50 -30.52
C ASN B 470 -26.46 39.55 -29.77
N VAL B 471 -26.61 39.71 -28.46
CA VAL B 471 -27.45 38.81 -27.69
C VAL B 471 -28.93 39.05 -27.99
N GLU B 472 -29.73 38.02 -27.75
CA GLU B 472 -31.18 38.12 -27.70
C GLU B 472 -31.61 37.83 -26.28
N TYR B 473 -32.27 38.78 -25.64
CA TYR B 473 -32.64 38.64 -24.25
C TYR B 473 -33.92 37.81 -24.11
N LEU B 474 -34.03 37.11 -22.99
CA LEU B 474 -35.24 36.37 -22.70
C LEU B 474 -36.35 37.32 -22.27
N ASP B 475 -37.59 36.90 -22.54
CA ASP B 475 -38.75 37.69 -22.14
C ASP B 475 -39.04 37.58 -20.65
N LYS B 476 -38.65 36.48 -20.01
CA LYS B 476 -38.88 36.26 -18.60
C LYS B 476 -37.59 35.73 -17.98
N ALA B 477 -37.24 36.28 -16.82
CA ALA B 477 -35.96 35.97 -16.19
C ALA B 477 -35.89 34.52 -15.76
N ASN B 478 -34.91 33.80 -16.29
CA ASN B 478 -34.65 32.43 -15.89
C ASN B 478 -33.98 32.42 -14.52
N GLU B 479 -34.34 31.44 -13.68
CA GLU B 479 -33.73 31.31 -12.36
C GLU B 479 -32.25 30.99 -12.44
N LEU B 480 -31.76 30.49 -13.57
CA LEU B 480 -30.34 30.47 -13.87
C LEU B 480 -30.16 30.77 -15.34
N THR B 481 -29.04 31.43 -15.65
CA THR B 481 -28.73 32.09 -16.92
C THR B 481 -29.42 33.44 -17.05
N GLY B 482 -30.24 33.81 -16.08
CA GLY B 482 -30.79 35.15 -16.01
C GLY B 482 -31.60 35.52 -17.24
N TRP B 483 -31.42 36.75 -17.69
CA TRP B 483 -32.03 37.23 -18.91
C TRP B 483 -31.38 36.67 -20.16
N PHE B 484 -30.14 36.19 -20.06
CA PHE B 484 -29.42 35.67 -21.21
C PHE B 484 -29.81 34.23 -21.48
N LYS B 485 -29.74 33.85 -22.75
CA LYS B 485 -29.81 32.44 -23.11
C LYS B 485 -28.68 31.68 -22.45
N GLU B 486 -28.80 30.36 -22.42
CA GLU B 486 -27.68 29.53 -21.98
C GLU B 486 -26.57 29.57 -23.01
N LEU B 487 -26.92 29.74 -24.28
CA LEU B 487 -25.91 29.76 -25.34
C LEU B 487 -25.02 30.98 -25.20
N ASP B 488 -25.61 32.18 -25.26
CA ASP B 488 -24.83 33.41 -25.29
C ASP B 488 -24.03 33.66 -24.01
N LEU B 489 -24.26 32.88 -22.97
CA LEU B 489 -23.54 33.02 -21.71
C LEU B 489 -22.36 32.06 -21.61
N VAL B 490 -22.52 30.82 -22.06
CA VAL B 490 -21.36 29.93 -22.15
C VAL B 490 -20.41 30.43 -23.22
N LYS B 491 -20.96 31.06 -24.25
CA LYS B 491 -20.15 31.75 -25.25
C LYS B 491 -19.29 32.83 -24.59
N ILE B 492 -19.79 33.43 -23.51
CA ILE B 492 -19.01 34.40 -22.75
C ILE B 492 -18.11 33.69 -21.75
N ARG B 493 -18.61 32.63 -21.12
CA ARG B 493 -17.83 31.98 -20.08
C ARG B 493 -16.65 31.23 -20.66
N ARG B 494 -16.83 30.58 -21.80
CA ARG B 494 -15.76 29.73 -22.33
C ARG B 494 -14.61 30.59 -22.86
N ILE B 495 -14.91 31.78 -23.35
CA ILE B 495 -13.85 32.69 -23.76
C ILE B 495 -12.99 33.08 -22.57
N VAL B 496 -13.62 33.40 -21.44
CA VAL B 496 -12.86 33.88 -20.29
C VAL B 496 -12.06 32.76 -19.68
N LYS B 497 -12.57 31.53 -19.72
CA LYS B 497 -11.80 30.38 -19.26
C LYS B 497 -10.58 30.17 -20.14
N TYR B 498 -10.71 30.41 -21.44
CA TYR B 498 -9.59 30.23 -22.34
C TYR B 498 -8.56 31.34 -22.15
N GLU B 499 -9.01 32.58 -21.97
CA GLU B 499 -8.08 33.69 -21.89
C GLU B 499 -7.33 33.70 -20.56
N LEU B 500 -8.01 33.36 -19.46
CA LEU B 500 -7.32 33.33 -18.18
C LEU B 500 -6.32 32.18 -18.11
N GLY B 501 -6.69 31.01 -18.63
CA GLY B 501 -5.76 29.90 -18.63
C GLY B 501 -4.50 30.19 -19.43
N CYS B 502 -4.63 31.05 -20.45
CA CYS B 502 -3.47 31.41 -21.26
C CYS B 502 -2.58 32.40 -20.53
N MET B 503 -3.16 33.48 -19.98
CA MET B 503 -2.33 34.51 -19.35
C MET B 503 -1.80 34.06 -17.99
N VAL B 504 -2.33 32.98 -17.44
CA VAL B 504 -1.67 32.35 -16.30
C VAL B 504 -0.34 31.76 -16.74
N GLN B 505 -0.32 31.07 -17.86
CA GLN B 505 0.90 30.56 -18.45
C GLN B 505 1.76 31.65 -19.09
N GLY B 506 1.28 32.89 -19.15
CA GLY B 506 2.06 33.98 -19.72
C GLY B 506 2.01 34.06 -21.22
N ASN B 507 0.94 33.62 -21.85
CA ASN B 507 0.89 33.56 -23.31
C ASN B 507 0.52 34.90 -23.92
N TYR B 508 -0.69 35.38 -23.65
CA TYR B 508 -1.20 36.65 -24.18
C TYR B 508 -1.24 36.73 -25.70
N GLU B 509 -1.20 35.58 -26.40
CA GLU B 509 -1.14 35.60 -27.87
C GLU B 509 -2.52 35.36 -28.49
N TYR B 510 -3.24 34.36 -28.00
CA TYR B 510 -4.64 34.14 -28.38
C TYR B 510 -4.88 33.84 -29.86
N ASN B 511 -4.56 32.61 -30.27
CA ASN B 511 -5.05 32.01 -31.50
C ASN B 511 -6.47 32.44 -31.82
N LYS B 512 -6.70 32.89 -33.06
CA LYS B 512 -7.98 33.53 -33.40
C LYS B 512 -9.02 32.51 -33.84
N TYR B 513 -8.59 31.35 -34.32
CA TYR B 513 -9.55 30.37 -34.82
C TYR B 513 -10.34 29.71 -33.70
N LYS B 514 -9.67 29.42 -32.58
CA LYS B 514 -10.38 28.92 -31.42
C LYS B 514 -11.22 30.02 -30.80
N LEU B 515 -10.72 31.25 -30.82
CA LEU B 515 -11.43 32.37 -30.21
C LEU B 515 -12.55 32.88 -31.11
N LYS B 516 -12.54 32.47 -32.39
CA LYS B 516 -13.61 32.85 -33.32
C LYS B 516 -14.70 31.79 -33.35
N TYR B 517 -14.33 30.52 -33.10
CA TYR B 517 -15.31 29.44 -33.10
C TYR B 517 -16.37 29.65 -32.02
N PHE B 518 -15.96 30.21 -30.89
CA PHE B 518 -16.90 30.45 -29.81
C PHE B 518 -17.97 31.45 -30.22
N LYS B 519 -17.55 32.57 -30.81
CA LYS B 519 -18.50 33.62 -31.18
C LYS B 519 -19.52 33.12 -32.19
N THR B 520 -19.13 32.20 -33.07
CA THR B 520 -20.05 31.59 -34.04
C THR B 520 -20.55 30.23 -33.61
N MET B 521 -20.39 29.87 -32.34
CA MET B 521 -20.86 28.59 -31.85
C MET B 521 -22.38 28.57 -31.78
N LEU B 522 -22.96 27.37 -31.83
CA LEU B 522 -24.39 27.17 -31.71
C LEU B 522 -24.77 26.17 -30.63
N PHE B 523 -23.99 25.11 -30.44
CA PHE B 523 -24.16 24.21 -29.31
C PHE B 523 -25.53 23.56 -29.27
N GLY B 580 -10.09 20.55 -16.93
CA GLY B 580 -10.04 21.97 -17.25
C GLY B 580 -9.22 22.76 -16.25
N ALA B 581 -8.40 23.66 -16.77
CA ALA B 581 -7.52 24.45 -15.90
C ALA B 581 -8.30 25.48 -15.10
N ILE B 582 -9.10 26.30 -15.78
CA ILE B 582 -9.93 27.31 -15.15
C ILE B 582 -11.31 26.69 -14.92
N THR B 583 -11.91 27.00 -13.78
CA THR B 583 -13.19 26.45 -13.39
C THR B 583 -14.04 27.54 -12.75
N GLU B 584 -15.35 27.40 -12.90
CA GLU B 584 -16.30 28.47 -12.63
C GLU B 584 -16.91 28.42 -11.23
N GLU B 585 -16.44 27.53 -10.37
CA GLU B 585 -16.83 27.57 -8.97
C GLU B 585 -16.44 28.91 -8.36
N PRO B 586 -17.02 29.27 -7.21
CA PRO B 586 -16.53 30.45 -6.50
C PRO B 586 -15.11 30.22 -5.97
N ASP B 587 -14.24 31.20 -6.21
CA ASP B 587 -12.88 31.11 -5.73
C ASP B 587 -12.85 31.18 -4.20
N ASP B 588 -11.82 30.59 -3.61
CA ASP B 588 -11.71 30.59 -2.15
C ASP B 588 -11.55 32.00 -1.60
N ALA B 589 -11.00 32.91 -2.39
CA ALA B 589 -10.94 34.31 -1.96
C ALA B 589 -12.33 34.90 -1.80
N ALA B 590 -13.31 34.40 -2.55
CA ALA B 590 -14.68 34.87 -2.46
C ALA B 590 -15.41 34.27 -1.27
N LEU B 591 -15.35 32.93 -1.13
CA LEU B 591 -16.01 32.25 -0.03
C LEU B 591 -15.55 32.78 1.31
N GLU B 592 -14.25 33.05 1.44
CA GLU B 592 -13.73 33.65 2.66
C GLU B 592 -14.26 35.05 2.90
N ASN B 593 -14.68 35.76 1.86
CA ASN B 593 -15.28 37.07 2.00
C ASN B 593 -16.80 37.02 2.15
N GLU B 594 -17.43 35.93 1.72
CA GLU B 594 -18.87 35.78 1.97
C GLU B 594 -19.15 35.53 3.44
N GLU B 595 -18.34 34.67 4.08
CA GLU B 595 -18.57 34.38 5.49
C GLU B 595 -18.35 35.62 6.35
N MET B 596 -17.33 36.42 6.02
CA MET B 596 -17.11 37.66 6.76
C MET B 596 -18.23 38.66 6.54
N ASP B 597 -19.04 38.47 5.50
CA ASP B 597 -20.19 39.32 5.26
C ASP B 597 -21.46 38.77 5.88
N THR B 598 -21.61 37.45 5.91
CA THR B 598 -22.78 36.82 6.54
C THR B 598 -22.66 36.74 8.04
N ASP B 599 -21.44 36.80 8.58
CA ASP B 599 -21.26 36.86 10.03
C ASP B 599 -22.01 38.05 10.60
N GLN B 600 -22.90 37.78 11.54
CA GLN B 600 -23.73 38.81 12.13
C GLN B 600 -23.03 39.62 13.22
N ASN B 601 -21.71 39.44 13.40
CA ASN B 601 -20.95 40.09 14.45
C ASN B 601 -19.76 40.82 13.84
N LEU B 602 -19.42 41.97 14.41
CA LEU B 602 -18.34 42.81 13.91
C LEU B 602 -17.69 43.57 15.06
N LYS B 603 -16.41 43.88 14.90
CA LYS B 603 -15.68 44.69 15.87
C LYS B 603 -15.97 46.16 15.65
N VAL B 604 -16.19 46.88 16.75
CA VAL B 604 -16.41 48.33 16.69
C VAL B 604 -15.12 49.14 16.58
N PRO B 605 -14.00 48.80 17.24
CA PRO B 605 -12.85 49.70 17.16
C PRO B 605 -12.27 49.71 15.74
N ALA B 606 -11.86 50.89 15.30
CA ALA B 606 -11.31 51.08 13.97
C ALA B 606 -10.02 50.28 13.79
N UNK B 664 -15.18 21.72 35.36
CA UNK B 664 -15.38 22.97 34.63
C UNK B 664 -16.61 22.88 33.74
N UNK B 665 -17.66 22.23 34.22
CA UNK B 665 -18.90 22.08 33.48
C UNK B 665 -19.75 23.35 33.61
N UNK B 666 -19.65 23.99 34.77
CA UNK B 666 -20.39 25.23 35.02
C UNK B 666 -19.59 26.43 34.56
N UNK B 667 -18.27 26.40 34.80
CA UNK B 667 -17.39 27.49 34.41
C UNK B 667 -17.38 27.66 32.90
N UNK B 668 -17.33 26.54 32.18
CA UNK B 668 -17.39 26.55 30.73
C UNK B 668 -18.77 26.97 30.24
N UNK B 669 -19.79 26.71 31.06
CA UNK B 669 -21.16 27.12 30.73
C UNK B 669 -21.34 28.61 30.93
N UNK B 670 -20.65 29.16 31.93
CA UNK B 670 -20.73 30.59 32.22
C UNK B 670 -19.76 31.39 31.36
N UNK B 671 -18.64 30.78 30.99
CA UNK B 671 -17.64 31.44 30.17
C UNK B 671 -18.20 31.83 28.81
N UNK B 672 -18.98 30.94 28.22
CA UNK B 672 -19.60 31.19 26.92
C UNK B 672 -20.58 32.36 27.03
N UNK B 673 -21.58 32.20 27.89
CA UNK B 673 -22.58 33.23 28.11
C UNK B 673 -23.36 33.57 26.84
N UNK B 674 -23.49 32.61 25.93
CA UNK B 674 -24.21 32.81 24.69
C UNK B 674 -25.71 32.80 24.93
N UNK B 675 -26.46 33.42 24.01
CA UNK B 675 -27.91 33.46 24.12
C UNK B 675 -28.55 32.13 23.72
N UNK B 676 -27.78 31.26 23.04
CA UNK B 676 -28.27 29.95 22.62
C UNK B 676 -27.32 28.85 23.06
N UNK B 677 -26.03 29.06 22.81
CA UNK B 677 -25.00 28.10 23.18
C UNK B 677 -24.97 27.83 24.68
N UNK B 678 -25.25 28.87 25.46
CA UNK B 678 -25.28 28.75 26.91
C UNK B 678 -26.66 28.30 27.42
N UNK B 679 -27.68 28.46 26.60
CA UNK B 679 -29.02 28.06 26.97
C UNK B 679 -29.13 26.54 27.01
N UNK B 680 -28.93 25.92 25.85
CA UNK B 680 -29.03 24.47 25.73
C UNK B 680 -27.97 23.75 26.57
N UNK B 681 -26.80 24.38 26.71
CA UNK B 681 -25.72 23.82 27.50
C UNK B 681 -26.09 23.68 28.96
N UNK B 682 -26.98 24.54 29.44
CA UNK B 682 -27.44 24.48 30.82
C UNK B 682 -28.53 23.42 30.98
N UNK B 683 -29.36 23.28 29.95
CA UNK B 683 -30.44 22.30 29.95
C UNK B 683 -29.91 20.87 30.00
N UNK B 684 -28.72 20.65 29.43
CA UNK B 684 -28.12 19.31 29.37
C UNK B 684 -27.17 19.09 30.54
N UNK B 685 -27.51 19.64 31.70
CA UNK B 685 -26.67 19.51 32.89
C UNK B 685 -27.36 20.15 34.10
N VAL C 3 38.16 -17.41 10.85
CA VAL C 3 36.90 -18.02 11.38
C VAL C 3 36.61 -17.44 12.74
N ASN C 4 35.65 -16.52 12.80
CA ASN C 4 35.27 -15.85 14.03
C ASN C 4 33.99 -16.38 14.65
N THR C 5 33.26 -17.26 13.95
CA THR C 5 31.92 -17.64 14.35
C THR C 5 31.62 -19.06 13.88
N ILE C 6 30.92 -19.82 14.72
CA ILE C 6 30.56 -21.20 14.44
C ILE C 6 29.14 -21.43 14.89
N TYR C 7 28.37 -22.12 14.04
CA TYR C 7 27.09 -22.70 14.40
C TYR C 7 27.24 -24.21 14.49
N ILE C 8 26.50 -24.82 15.40
CA ILE C 8 26.41 -26.27 15.48
C ILE C 8 24.93 -26.61 15.66
N ALA C 9 24.49 -27.70 15.07
CA ALA C 9 23.10 -28.08 15.04
C ALA C 9 22.97 -29.60 15.00
N ARG C 10 21.89 -30.11 15.59
CA ARG C 10 21.61 -31.53 15.59
C ARG C 10 20.78 -31.89 14.37
N HIS C 11 20.79 -33.18 14.02
CA HIS C 11 20.16 -33.67 12.79
C HIS C 11 18.67 -33.40 12.71
N GLY C 12 17.88 -33.85 13.67
CA GLY C 12 16.45 -33.72 13.59
C GLY C 12 15.74 -34.92 14.18
N TYR C 13 14.45 -35.02 13.85
CA TYR C 13 13.59 -36.07 14.36
C TYR C 13 13.67 -37.31 13.47
N ARG C 14 14.26 -38.38 13.98
CA ARG C 14 14.39 -39.62 13.24
C ARG C 14 13.03 -40.30 13.07
N SER C 15 13.04 -41.42 12.34
CA SER C 15 11.81 -42.16 12.11
C SER C 15 11.55 -43.19 13.21
N ASN C 16 12.60 -43.80 13.75
CA ASN C 16 12.42 -44.80 14.80
C ASN C 16 11.79 -44.21 16.06
N TRP C 17 11.94 -42.91 16.28
CA TRP C 17 11.30 -42.23 17.39
C TRP C 17 9.79 -42.11 17.23
N LEU C 18 9.25 -42.47 16.08
CA LEU C 18 7.82 -42.49 15.90
C LEU C 18 7.22 -43.54 16.82
N PRO C 19 6.00 -43.34 17.36
CA PRO C 19 5.44 -44.38 18.24
C PRO C 19 5.03 -45.63 17.49
N GLU C 20 4.56 -45.51 16.26
CA GLU C 20 4.21 -46.69 15.47
C GLU C 20 5.44 -47.51 15.07
N GLY C 21 6.64 -46.95 15.17
CA GLY C 21 7.86 -47.72 15.06
C GLY C 21 8.65 -47.48 13.80
N PRO C 22 9.82 -48.11 13.69
CA PRO C 22 10.74 -47.89 12.55
C PRO C 22 10.37 -48.71 11.31
N TYR C 23 9.44 -48.20 10.53
CA TYR C 23 9.05 -48.81 9.27
C TYR C 23 10.06 -48.51 8.16
N PRO C 24 10.59 -47.28 8.01
CA PRO C 24 11.56 -47.04 6.94
C PRO C 24 12.84 -47.83 7.16
N ASP C 25 13.55 -48.07 6.06
CA ASP C 25 14.79 -48.81 6.00
C ASP C 25 15.94 -47.86 5.70
N PRO C 26 17.18 -48.15 6.13
CA PRO C 26 18.30 -47.30 5.69
C PRO C 26 18.47 -47.31 4.18
N LEU C 27 18.27 -46.15 3.55
CA LEU C 27 18.36 -46.06 2.10
C LEU C 27 19.75 -46.38 1.57
N THR C 28 20.79 -46.13 2.38
CA THR C 28 22.15 -46.41 1.98
C THR C 28 22.56 -47.85 2.23
N GLY C 29 21.80 -48.59 3.04
CA GLY C 29 22.13 -49.97 3.36
C GLY C 29 22.97 -50.15 4.59
N ILE C 30 23.58 -49.09 5.10
CA ILE C 30 24.40 -49.19 6.30
C ILE C 30 23.49 -49.31 7.51
N ASP C 31 23.96 -50.04 8.51
CA ASP C 31 23.17 -50.27 9.72
C ASP C 31 22.96 -48.97 10.48
N SER C 32 21.73 -48.76 10.94
CA SER C 32 21.37 -47.62 11.78
C SER C 32 21.56 -46.28 11.07
N ASP C 33 21.60 -46.30 9.73
CA ASP C 33 21.62 -45.07 8.93
C ASP C 33 20.21 -44.63 8.54
N VAL C 34 19.34 -44.47 9.52
CA VAL C 34 17.90 -44.38 9.29
C VAL C 34 17.58 -42.99 8.76
N PRO C 35 16.61 -42.82 7.86
CA PRO C 35 16.22 -41.47 7.44
C PRO C 35 15.35 -40.78 8.49
N LEU C 36 14.98 -39.55 8.18
CA LEU C 36 14.15 -38.76 9.06
C LEU C 36 12.67 -39.01 8.80
N ALA C 37 11.85 -38.65 9.78
CA ALA C 37 10.41 -38.60 9.60
C ALA C 37 10.04 -37.28 8.93
N GLU C 38 8.78 -37.22 8.46
CA GLU C 38 8.31 -35.99 7.83
C GLU C 38 8.28 -34.83 8.82
N HIS C 39 8.15 -35.12 10.12
CA HIS C 39 8.22 -34.07 11.11
C HIS C 39 9.64 -33.55 11.26
N GLY C 40 10.63 -34.43 11.10
CA GLY C 40 12.01 -33.99 11.14
C GLY C 40 12.41 -33.15 9.95
N VAL C 41 11.69 -33.31 8.83
CA VAL C 41 11.96 -32.47 7.66
C VAL C 41 11.34 -31.10 7.83
N GLN C 42 10.19 -31.00 8.49
CA GLN C 42 9.59 -29.70 8.75
C GLN C 42 10.43 -28.91 9.74
N GLN C 43 11.16 -29.61 10.62
CA GLN C 43 12.11 -28.93 11.49
C GLN C 43 13.22 -28.27 10.69
N ALA C 44 13.83 -29.02 9.77
CA ALA C 44 15.01 -28.53 9.07
C ALA C 44 14.68 -27.35 8.18
N LYS C 45 13.46 -27.28 7.67
CA LYS C 45 13.03 -26.11 6.92
C LYS C 45 12.87 -24.91 7.84
N GLU C 46 12.38 -25.14 9.06
CA GLU C 46 12.23 -24.07 10.04
C GLU C 46 13.58 -23.57 10.56
N LEU C 47 14.61 -24.42 10.53
CA LEU C 47 15.95 -23.95 10.85
C LEU C 47 16.53 -23.13 9.72
N ALA C 48 16.08 -23.37 8.49
CA ALA C 48 16.58 -22.61 7.36
C ALA C 48 15.99 -21.20 7.34
N HIS C 49 14.67 -21.10 7.46
CA HIS C 49 14.03 -19.79 7.50
C HIS C 49 14.43 -18.98 8.72
N TYR C 50 14.95 -19.61 9.77
CA TYR C 50 15.46 -18.87 10.92
C TYR C 50 16.84 -18.30 10.62
N LEU C 51 17.77 -19.16 10.19
CA LEU C 51 19.08 -18.70 9.76
C LEU C 51 18.97 -17.66 8.66
N LEU C 52 18.05 -17.86 7.73
CA LEU C 52 17.84 -16.93 6.63
C LEU C 52 17.30 -15.58 7.10
N SER C 53 16.84 -15.49 8.34
CA SER C 53 16.43 -14.23 8.94
C SER C 53 17.53 -13.53 9.71
N LEU C 54 18.71 -14.12 9.80
CA LEU C 54 19.82 -13.57 10.55
C LEU C 54 20.68 -12.67 9.66
N ASP C 55 21.69 -12.06 10.27
CA ASP C 55 22.69 -11.29 9.54
C ASP C 55 23.93 -12.10 9.18
N ASN C 56 24.65 -12.64 10.18
CA ASN C 56 25.84 -13.45 9.90
C ASN C 56 25.40 -14.87 9.62
N GLN C 57 24.75 -15.04 8.49
CA GLN C 57 24.37 -16.37 8.02
C GLN C 57 25.61 -17.21 7.81
N PRO C 58 25.52 -18.53 7.92
CA PRO C 58 26.69 -19.35 7.65
C PRO C 58 27.09 -19.31 6.19
N GLU C 59 28.37 -19.56 5.95
CA GLU C 59 28.97 -19.48 4.63
C GLU C 59 29.45 -20.83 4.12
N ALA C 60 29.49 -21.85 4.98
CA ALA C 60 29.81 -23.20 4.57
C ALA C 60 29.24 -24.17 5.60
N ALA C 61 28.88 -25.36 5.14
CA ALA C 61 28.22 -26.36 5.96
C ALA C 61 29.02 -27.65 5.93
N PHE C 62 29.36 -28.15 7.12
CA PHE C 62 30.18 -29.35 7.28
C PHE C 62 29.34 -30.40 7.99
N ALA C 63 28.61 -31.19 7.20
CA ALA C 63 27.75 -32.23 7.72
C ALA C 63 28.50 -33.54 7.92
N SER C 64 27.92 -34.39 8.76
CA SER C 64 28.44 -35.73 8.93
C SER C 64 27.91 -36.62 7.81
N PRO C 65 28.60 -37.71 7.46
CA PRO C 65 28.14 -38.51 6.31
C PRO C 65 26.84 -39.26 6.53
N PHE C 66 26.33 -39.35 7.75
CA PHE C 66 25.10 -40.09 7.99
C PHE C 66 23.95 -39.48 7.22
N TYR C 67 23.01 -40.34 6.83
CA TYR C 67 22.03 -39.96 5.82
C TYR C 67 21.06 -38.90 6.34
N ARG C 68 20.81 -38.88 7.64
CA ARG C 68 19.83 -37.96 8.19
C ARG C 68 20.41 -36.59 8.44
N CYS C 69 21.73 -36.51 8.64
CA CYS C 69 22.37 -35.21 8.77
C CYS C 69 22.46 -34.50 7.43
N LEU C 70 22.42 -35.27 6.33
CA LEU C 70 22.39 -34.65 5.01
C LEU C 70 21.00 -34.13 4.68
N GLU C 71 19.96 -34.86 5.09
CA GLU C 71 18.60 -34.36 4.90
C GLU C 71 18.34 -33.08 5.68
N THR C 72 18.99 -32.91 6.83
CA THR C 72 18.83 -31.70 7.61
C THR C 72 19.44 -30.50 6.90
N VAL C 73 20.61 -30.69 6.30
CA VAL C 73 21.35 -29.58 5.73
C VAL C 73 21.02 -29.36 4.25
N GLN C 74 20.29 -30.27 3.62
CA GLN C 74 19.88 -30.08 2.24
C GLN C 74 19.04 -28.82 2.04
N PRO C 75 17.94 -28.59 2.79
CA PRO C 75 17.22 -27.32 2.59
C PRO C 75 17.99 -26.12 3.07
N ILE C 76 18.88 -26.29 4.05
CA ILE C 76 19.71 -25.17 4.49
C ILE C 76 20.68 -24.77 3.38
N ALA C 77 21.08 -25.73 2.55
CA ALA C 77 21.98 -25.43 1.45
C ALA C 77 21.25 -24.78 0.29
N LYS C 78 20.05 -25.28 -0.02
CA LYS C 78 19.28 -24.72 -1.12
C LYS C 78 18.81 -23.31 -0.80
N LEU C 79 18.34 -23.08 0.42
CA LEU C 79 17.84 -21.76 0.81
C LEU C 79 18.95 -20.72 0.85
N LEU C 80 20.06 -21.05 1.51
CA LEU C 80 21.16 -20.11 1.68
C LEU C 80 22.15 -20.16 0.52
N GLU C 81 22.04 -21.14 -0.37
CA GLU C 81 22.95 -21.31 -1.49
C GLU C 81 24.40 -21.40 -1.00
N ILE C 82 24.69 -22.43 -0.23
CA ILE C 82 26.03 -22.64 0.33
C ILE C 82 26.53 -24.02 -0.04
N PRO C 83 27.84 -24.25 0.06
CA PRO C 83 28.35 -25.60 -0.17
C PRO C 83 28.14 -26.49 1.04
N VAL C 84 28.05 -27.79 0.78
CA VAL C 84 27.93 -28.81 1.80
C VAL C 84 29.09 -29.78 1.65
N TYR C 85 29.90 -29.89 2.69
CA TYR C 85 31.05 -30.78 2.72
C TYR C 85 30.83 -31.86 3.76
N LEU C 86 31.25 -33.08 3.44
CA LEU C 86 31.22 -34.18 4.37
C LEU C 86 32.43 -34.09 5.29
N GLU C 87 32.21 -34.38 6.57
CA GLU C 87 33.25 -34.37 7.59
C GLU C 87 33.01 -35.58 8.47
N ARG C 88 33.84 -36.60 8.30
CA ARG C 88 33.64 -37.85 9.02
C ARG C 88 34.08 -37.74 10.47
N GLY C 89 34.87 -36.72 10.82
CA GLY C 89 35.37 -36.59 12.17
C GLY C 89 34.32 -36.19 13.18
N ILE C 90 33.13 -35.78 12.73
CA ILE C 90 32.02 -35.42 13.61
C ILE C 90 30.91 -36.48 13.57
N GLY C 91 31.26 -37.73 13.30
CA GLY C 91 30.31 -38.80 13.35
C GLY C 91 29.90 -39.11 14.78
N GLU C 92 29.04 -40.12 14.91
CA GLU C 92 28.52 -40.47 16.23
C GLU C 92 29.59 -41.12 17.08
N TRP C 93 29.39 -41.03 18.39
CA TRP C 93 30.20 -41.75 19.35
C TRP C 93 29.59 -43.11 19.62
N TYR C 94 30.23 -44.16 19.13
CA TYR C 94 29.78 -45.54 19.32
C TYR C 94 30.69 -46.21 20.33
N ARG C 95 30.11 -46.60 21.47
CA ARG C 95 30.86 -47.37 22.44
C ARG C 95 31.23 -48.73 21.83
N PRO C 96 32.24 -49.42 22.36
CA PRO C 96 32.65 -50.69 21.73
C PRO C 96 31.70 -51.84 21.99
N ASP C 97 30.64 -51.64 22.77
CA ASP C 97 29.71 -52.72 23.11
C ASP C 97 28.44 -52.70 22.27
N ARG C 98 28.47 -52.13 21.06
CA ARG C 98 27.32 -52.24 20.16
C ARG C 98 27.14 -53.68 19.73
N LYS C 99 25.96 -54.24 19.97
CA LYS C 99 25.75 -55.66 19.70
C LYS C 99 25.69 -55.99 18.21
N PRO C 100 24.82 -55.37 17.40
CA PRO C 100 24.75 -55.79 16.00
C PRO C 100 26.00 -55.46 15.19
N VAL C 101 26.41 -54.19 15.16
CA VAL C 101 27.63 -53.78 14.49
C VAL C 101 27.92 -52.35 14.88
N ILE C 102 29.20 -51.96 14.81
CA ILE C 102 29.60 -50.56 14.86
C ILE C 102 29.58 -50.04 13.42
N PRO C 103 28.58 -49.27 13.01
CA PRO C 103 28.53 -48.85 11.61
C PRO C 103 29.55 -47.79 11.30
N VAL C 104 30.04 -47.81 10.07
CA VAL C 104 30.81 -46.71 9.49
C VAL C 104 29.99 -46.16 8.32
N PRO C 105 29.78 -44.85 8.22
CA PRO C 105 28.82 -44.34 7.25
C PRO C 105 29.39 -44.34 5.84
N ALA C 106 28.56 -43.89 4.91
CA ALA C 106 28.89 -43.98 3.50
C ALA C 106 29.79 -42.83 3.06
N GLY C 107 30.21 -42.89 1.79
CA GLY C 107 31.04 -41.86 1.21
C GLY C 107 30.25 -40.94 0.31
N TYR C 108 30.99 -40.30 -0.61
CA TYR C 108 30.38 -39.36 -1.54
C TYR C 108 29.56 -40.06 -2.62
N GLU C 109 30.13 -41.11 -3.22
CA GLU C 109 29.52 -41.73 -4.38
C GLU C 109 28.14 -42.31 -4.10
N ILE C 110 27.90 -42.77 -2.88
CA ILE C 110 26.60 -43.31 -2.51
C ILE C 110 25.61 -42.20 -2.18
N LEU C 111 26.08 -41.16 -1.50
CA LEU C 111 25.17 -40.12 -1.02
C LEU C 111 24.91 -39.08 -2.09
N SER C 112 25.83 -38.93 -3.05
CA SER C 112 25.60 -38.04 -4.17
C SER C 112 24.43 -38.49 -5.03
N LYS C 113 24.15 -39.79 -5.05
CA LYS C 113 23.00 -40.31 -5.80
C LYS C 113 21.68 -39.86 -5.19
N PHE C 114 21.60 -39.84 -3.86
CA PHE C 114 20.41 -39.35 -3.17
C PHE C 114 20.37 -37.83 -3.10
N PHE C 115 21.54 -37.19 -3.00
CA PHE C 115 21.66 -35.73 -2.85
C PHE C 115 22.46 -35.17 -4.01
N PRO C 116 21.85 -35.07 -5.20
CA PRO C 116 22.61 -34.67 -6.38
C PRO C 116 22.86 -33.16 -6.38
N GLY C 117 24.13 -32.79 -6.58
CA GLY C 117 24.49 -31.40 -6.76
C GLY C 117 24.77 -30.64 -5.49
N VAL C 118 24.12 -31.05 -4.40
CA VAL C 118 24.26 -30.33 -3.14
C VAL C 118 25.66 -30.53 -2.56
N ILE C 119 26.10 -31.79 -2.49
CA ILE C 119 27.35 -32.10 -1.82
C ILE C 119 28.51 -31.68 -2.70
N SER C 120 29.59 -31.21 -2.06
CA SER C 120 30.81 -30.82 -2.74
C SER C 120 31.96 -31.70 -2.25
N GLN C 121 32.69 -32.30 -3.19
CA GLN C 121 33.70 -33.31 -2.88
C GLN C 121 35.12 -32.76 -2.80
N GLU C 122 35.30 -31.44 -2.73
CA GLU C 122 36.64 -30.89 -2.55
C GLU C 122 37.25 -31.31 -1.22
N TRP C 123 36.43 -31.54 -0.21
CA TRP C 123 36.87 -31.59 1.18
C TRP C 123 37.00 -33.04 1.63
N ASP C 124 38.23 -33.54 1.65
CA ASP C 124 38.51 -34.82 2.26
C ASP C 124 38.50 -34.68 3.77
N SER C 125 38.02 -35.71 4.46
CA SER C 125 37.90 -35.68 5.90
C SER C 125 39.25 -35.55 6.58
N THR C 126 39.31 -34.76 7.65
CA THR C 126 40.55 -34.53 8.36
C THR C 126 40.91 -35.68 9.28
N LEU C 127 39.90 -36.41 9.75
CA LEU C 127 40.11 -37.44 10.77
C LEU C 127 38.91 -38.37 10.74
N THR C 128 39.17 -39.64 11.07
CA THR C 128 38.18 -40.69 11.01
C THR C 128 38.03 -41.30 12.39
N PRO C 129 36.80 -41.43 12.94
CA PRO C 129 36.66 -42.12 14.23
C PRO C 129 37.17 -43.55 14.19
N ASN C 130 37.52 -44.09 15.34
CA ASN C 130 38.04 -45.45 15.42
C ASN C 130 36.94 -46.43 15.02
N GLU C 131 37.20 -47.23 13.99
CA GLU C 131 36.21 -48.14 13.45
C GLU C 131 35.83 -49.25 14.43
N LYS C 132 36.69 -49.55 15.40
CA LYS C 132 36.37 -50.50 16.45
C LYS C 132 35.42 -49.91 17.50
N GLY C 133 35.21 -48.60 17.48
CA GLY C 133 34.48 -47.92 18.52
C GLY C 133 35.43 -47.34 19.54
N GLU C 134 34.95 -46.39 20.34
CA GLU C 134 35.82 -45.64 21.23
C GLU C 134 35.03 -45.24 22.47
N THR C 135 35.67 -45.41 23.63
CA THR C 135 35.06 -45.02 24.89
C THR C 135 35.01 -43.51 25.01
N GLU C 136 34.54 -43.05 26.17
CA GLU C 136 34.23 -41.63 26.35
C GLU C 136 35.50 -40.80 26.44
N GLN C 137 36.53 -41.32 27.10
CA GLN C 137 37.78 -40.57 27.20
C GLN C 137 38.48 -40.48 25.85
N GLU C 138 38.30 -41.49 24.99
CA GLU C 138 38.86 -41.43 23.65
C GLU C 138 38.04 -40.51 22.76
N MET C 139 36.75 -40.36 23.06
CA MET C 139 35.90 -39.47 22.29
C MET C 139 36.34 -38.03 22.43
N TYR C 140 36.59 -37.60 23.66
CA TYR C 140 36.81 -36.18 23.90
C TYR C 140 38.17 -35.72 23.40
N MET C 141 39.20 -36.56 23.55
CA MET C 141 40.50 -36.19 22.99
C MET C 141 40.47 -36.18 21.48
N ARG C 142 39.58 -36.99 20.88
CA ARG C 142 39.42 -36.94 19.44
C ARG C 142 38.86 -35.59 19.01
N PHE C 143 37.99 -35.01 19.82
CA PHE C 143 37.47 -33.68 19.53
C PHE C 143 38.40 -32.57 20.00
N LYS C 144 39.45 -32.91 20.76
CA LYS C 144 40.53 -31.95 20.98
C LYS C 144 41.42 -31.85 19.74
N LYS C 145 41.63 -32.98 19.05
CA LYS C 145 42.44 -32.98 17.84
C LYS C 145 41.67 -32.36 16.67
N PHE C 146 40.35 -32.46 16.69
CA PHE C 146 39.57 -32.08 15.52
C PHE C 146 39.66 -30.58 15.24
N TRP C 147 39.54 -29.76 16.28
CA TRP C 147 39.44 -28.32 16.05
C TRP C 147 40.71 -27.70 15.49
N PRO C 148 41.90 -27.97 16.01
CA PRO C 148 43.09 -27.37 15.41
C PRO C 148 43.34 -27.83 13.99
N LEU C 149 43.06 -29.10 13.70
CA LEU C 149 43.28 -29.64 12.36
C LEU C 149 42.19 -29.20 11.39
N PHE C 150 40.97 -29.02 11.89
CA PHE C 150 39.86 -28.65 11.03
C PHE C 150 39.94 -27.19 10.61
N ILE C 151 40.04 -26.29 11.59
CA ILE C 151 40.07 -24.86 11.31
C ILE C 151 41.26 -24.51 10.42
N GLU C 152 42.42 -25.09 10.72
CA GLU C 152 43.61 -24.77 9.93
C GLU C 152 43.51 -25.28 8.50
N ARG C 153 42.63 -26.26 8.24
CA ARG C 153 42.34 -26.67 6.87
C ARG C 153 41.20 -25.87 6.27
N VAL C 154 40.46 -25.11 7.08
CA VAL C 154 39.48 -24.17 6.56
C VAL C 154 40.14 -22.83 6.28
N GLU C 155 41.02 -22.40 7.17
CA GLU C 155 41.66 -21.10 7.06
C GLU C 155 42.81 -21.07 6.06
N LYS C 156 43.00 -22.13 5.27
CA LYS C 156 43.96 -22.11 4.17
C LYS C 156 43.38 -22.62 2.85
N GLU C 157 42.38 -23.49 2.88
CA GLU C 157 41.65 -23.82 1.66
C GLU C 157 40.56 -22.80 1.40
N TYR C 158 40.07 -22.14 2.45
CA TYR C 158 39.01 -21.13 2.34
C TYR C 158 39.31 -19.99 3.30
N PRO C 159 40.31 -19.15 3.00
CA PRO C 159 40.63 -18.05 3.91
C PRO C 159 39.54 -17.03 4.09
N ASN C 160 38.58 -16.98 3.16
CA ASN C 160 37.52 -15.98 3.21
C ASN C 160 36.36 -16.38 4.11
N VAL C 161 36.13 -17.68 4.30
CA VAL C 161 35.03 -18.13 5.15
C VAL C 161 35.31 -17.73 6.58
N GLU C 162 34.37 -16.98 7.17
CA GLU C 162 34.45 -16.53 8.56
C GLU C 162 33.38 -17.14 9.45
N CYS C 163 32.29 -17.63 8.88
CA CYS C 163 31.24 -18.30 9.64
C CYS C 163 30.93 -19.63 8.97
N ILE C 164 30.64 -20.65 9.78
CA ILE C 164 30.36 -21.99 9.28
C ILE C 164 29.27 -22.63 10.12
N LEU C 165 28.67 -23.67 9.54
CA LEU C 165 27.64 -24.48 10.17
C LEU C 165 28.13 -25.92 10.22
N LEU C 166 27.89 -26.58 11.33
CA LEU C 166 28.13 -28.01 11.47
C LEU C 166 26.84 -28.70 11.85
N VAL C 167 26.45 -29.69 11.06
CA VAL C 167 25.26 -30.49 11.31
C VAL C 167 25.73 -31.86 11.73
N THR C 168 25.46 -32.20 12.99
CA THR C 168 26.10 -33.34 13.64
C THR C 168 25.10 -33.96 14.61
N HIS C 169 25.60 -34.78 15.52
CA HIS C 169 24.79 -35.55 16.44
C HIS C 169 24.95 -35.00 17.86
N ALA C 170 24.17 -35.57 18.78
CA ALA C 170 24.10 -35.02 20.13
C ALA C 170 25.41 -35.21 20.88
N ALA C 171 25.91 -36.44 20.92
CA ALA C 171 27.13 -36.73 21.66
C ALA C 171 28.31 -35.92 21.13
N SER C 172 28.36 -35.72 19.81
CA SER C 172 29.38 -34.87 19.23
C SER C 172 29.12 -33.41 19.55
N LYS C 173 27.86 -32.99 19.41
CA LYS C 173 27.49 -31.59 19.58
C LYS C 173 27.83 -31.07 20.96
N ILE C 174 27.86 -31.95 21.96
CA ILE C 174 28.15 -31.53 23.32
C ILE C 174 29.65 -31.59 23.59
N ALA C 175 30.37 -32.45 22.87
CA ALA C 175 31.82 -32.52 23.02
C ALA C 175 32.51 -31.46 22.14
N LEU C 176 31.91 -31.16 20.99
CA LEU C 176 32.42 -30.08 20.15
C LEU C 176 32.33 -28.74 20.87
N GLY C 177 31.33 -28.59 21.73
CA GLY C 177 31.20 -27.34 22.48
C GLY C 177 32.19 -27.25 23.63
N MET C 178 32.22 -28.27 24.48
CA MET C 178 33.08 -28.25 25.65
C MET C 178 34.54 -28.19 25.26
N SER C 179 34.94 -28.98 24.27
CA SER C 179 36.31 -28.97 23.79
C SER C 179 36.71 -27.60 23.25
N LEU C 180 35.78 -26.92 22.59
CA LEU C 180 36.06 -25.60 22.05
C LEU C 180 36.20 -24.57 23.16
N LEU C 181 35.33 -24.65 24.17
CA LEU C 181 35.38 -23.74 25.29
C LEU C 181 36.50 -24.07 26.26
N GLY C 182 37.03 -25.29 26.21
CA GLY C 182 38.22 -25.63 26.95
C GLY C 182 38.00 -26.25 28.30
N TYR C 183 37.03 -27.15 28.42
CA TYR C 183 36.79 -27.89 29.66
C TYR C 183 37.59 -29.18 29.65
N ASP C 184 37.61 -29.88 30.78
CA ASP C 184 38.42 -31.07 30.96
C ASP C 184 37.71 -32.35 30.57
N ASN C 185 36.42 -32.47 30.87
CA ASN C 185 35.59 -33.55 30.37
C ASN C 185 34.25 -32.96 29.94
N PRO C 186 33.50 -33.65 29.08
CA PRO C 186 32.31 -33.02 28.51
C PRO C 186 31.09 -33.08 29.41
N ARG C 187 30.99 -34.05 30.30
CA ARG C 187 29.80 -34.25 31.09
C ARG C 187 29.68 -33.30 32.27
N MET C 188 30.64 -32.38 32.46
CA MET C 188 30.49 -31.38 33.49
C MET C 188 29.59 -30.25 33.00
N SER C 189 29.17 -29.40 33.93
CA SER C 189 28.32 -28.28 33.60
C SER C 189 29.17 -27.11 33.12
N LEU C 190 28.51 -26.18 32.43
CA LEU C 190 29.22 -25.04 31.87
C LEU C 190 29.86 -24.18 32.95
N ASN C 191 29.04 -23.50 33.76
CA ASN C 191 29.60 -22.52 34.68
C ASN C 191 29.71 -23.06 36.10
N GLU C 192 28.58 -23.21 36.81
CA GLU C 192 28.55 -24.07 37.99
C GLU C 192 27.17 -24.65 38.27
N ASN C 193 26.16 -24.25 37.48
CA ASN C 193 24.78 -24.27 37.95
C ASN C 193 24.00 -25.44 37.37
N GLY C 194 24.70 -26.53 37.04
CA GLY C 194 24.02 -27.66 36.46
C GLY C 194 23.47 -27.43 35.08
N ASP C 195 23.83 -26.32 34.42
CA ASP C 195 23.28 -25.97 33.12
C ASP C 195 24.17 -26.56 32.03
N LYS C 196 23.80 -27.75 31.56
CA LYS C 196 24.49 -28.40 30.47
C LYS C 196 24.12 -27.72 29.15
N ILE C 197 24.72 -28.17 28.06
CA ILE C 197 24.34 -27.71 26.74
C ILE C 197 23.07 -28.42 26.31
N ARG C 198 22.03 -27.66 26.00
CA ARG C 198 20.78 -28.23 25.56
C ARG C 198 20.94 -28.71 24.12
N SER C 199 20.76 -30.01 23.92
CA SER C 199 21.05 -30.67 22.64
C SER C 199 19.79 -31.28 22.05
N GLY C 200 18.71 -30.50 22.06
CA GLY C 200 17.46 -31.00 21.53
C GLY C 200 17.51 -31.27 20.05
N SER C 201 16.41 -31.82 19.54
CA SER C 201 16.31 -32.15 18.14
C SER C 201 16.31 -30.90 17.28
N CYS C 202 17.19 -30.88 16.29
CA CYS C 202 17.38 -29.74 15.39
C CYS C 202 17.68 -28.47 16.18
N SER C 203 18.39 -28.59 17.29
CA SER C 203 18.81 -27.42 18.04
C SER C 203 19.83 -26.61 17.26
N LEU C 204 20.24 -25.50 17.84
CA LEU C 204 21.20 -24.60 17.22
C LEU C 204 22.04 -23.95 18.31
N ASP C 205 23.34 -24.13 18.25
CA ASP C 205 24.28 -23.46 19.13
C ASP C 205 25.03 -22.38 18.36
N LYS C 206 25.89 -21.67 19.08
CA LYS C 206 26.54 -20.49 18.55
C LYS C 206 27.79 -20.21 19.37
N TYR C 207 28.94 -20.18 18.72
CA TYR C 207 30.21 -19.94 19.36
C TYR C 207 30.91 -18.79 18.67
N GLU C 208 30.97 -17.64 19.34
CA GLU C 208 31.63 -16.46 18.85
C GLU C 208 32.95 -16.31 19.59
N ILE C 209 33.88 -15.57 18.98
CA ILE C 209 35.20 -15.39 19.57
C ILE C 209 35.15 -14.25 20.57
N LEU C 210 35.87 -14.43 21.68
CA LEU C 210 35.80 -13.49 22.79
C LEU C 210 36.67 -12.27 22.53
N LYS C 211 36.08 -11.10 22.61
CA LYS C 211 36.81 -9.86 22.40
C LYS C 211 37.80 -9.62 23.54
N THR C 227 45.81 -8.19 15.54
CA THR C 227 46.20 -9.12 14.49
C THR C 227 45.48 -10.46 14.62
N TYR C 228 45.57 -11.27 13.58
CA TYR C 228 44.97 -12.60 13.60
C TYR C 228 45.95 -13.60 14.19
N ILE C 229 45.41 -14.51 14.99
CA ILE C 229 46.21 -15.38 15.85
C ILE C 229 45.86 -16.84 15.55
N PRO C 230 46.72 -17.80 15.88
CA PRO C 230 46.36 -19.20 15.65
C PRO C 230 45.18 -19.62 16.51
N PHE C 231 44.60 -20.76 16.16
CA PHE C 231 43.37 -21.20 16.79
C PHE C 231 43.53 -21.41 18.29
N SER C 232 44.47 -22.28 18.67
CA SER C 232 44.57 -22.74 20.06
C SER C 232 44.82 -21.62 21.06
N ASP C 233 45.20 -20.43 20.61
CA ASP C 233 45.32 -19.26 21.48
C ASP C 233 44.04 -18.44 21.54
N ARG C 234 43.03 -18.76 20.74
CA ARG C 234 41.78 -18.03 20.75
C ARG C 234 40.91 -18.44 21.92
N LYS C 235 39.92 -17.60 22.23
CA LYS C 235 38.97 -17.84 23.30
C LYS C 235 37.55 -17.66 22.79
N TRP C 236 36.71 -18.65 23.06
CA TRP C 236 35.35 -18.71 22.54
C TRP C 236 34.37 -18.61 23.69
N VAL C 237 33.13 -18.23 23.36
CA VAL C 237 32.04 -18.18 24.31
C VAL C 237 30.77 -18.70 23.66
N LEU C 238 29.90 -19.30 24.46
CA LEU C 238 28.64 -19.85 23.99
C LEU C 238 27.57 -18.77 24.14
N THR C 239 26.83 -18.53 23.06
CA THR C 239 25.92 -17.40 22.97
C THR C 239 24.51 -17.77 22.52
N MET C 240 24.22 -19.06 22.31
CA MET C 240 22.86 -19.48 22.03
C MET C 240 22.40 -20.63 22.92
N ASN C 241 23.25 -21.64 23.09
CA ASN C 241 22.96 -22.81 23.92
C ASN C 241 21.60 -23.44 23.61
N GLY C 242 21.44 -23.96 22.40
CA GLY C 242 20.25 -24.74 22.10
C GLY C 242 19.00 -23.92 21.94
N ASN C 243 18.96 -23.06 20.93
CA ASN C 243 17.73 -22.37 20.59
C ASN C 243 16.80 -23.33 19.85
N THR C 244 15.58 -23.45 20.37
CA THR C 244 14.51 -24.21 19.74
C THR C 244 13.25 -23.38 19.59
N GLU C 245 13.34 -22.05 19.60
CA GLU C 245 12.16 -21.21 19.54
C GLU C 245 11.62 -21.11 18.11
N PHE C 246 12.49 -21.24 17.11
CA PHE C 246 12.05 -21.30 15.73
C PHE C 246 11.21 -22.54 15.43
N LEU C 247 11.22 -23.53 16.31
CA LEU C 247 10.47 -24.75 16.09
C LEU C 247 9.04 -24.58 16.54
N SER C 248 8.12 -25.17 15.78
CA SER C 248 6.70 -25.12 16.10
C SER C 248 6.33 -26.10 17.21
N SER C 249 7.28 -26.89 17.74
CA SER C 249 6.96 -27.91 18.72
C SER C 249 7.96 -28.01 19.87
N GLY C 250 8.98 -27.16 19.93
CA GLY C 250 9.91 -27.20 21.05
C GLY C 250 10.90 -28.33 20.93
N GLU C 251 11.76 -28.41 21.94
CA GLU C 251 12.77 -29.46 21.98
C GLU C 251 12.12 -30.77 22.36
N GLU C 252 12.36 -31.80 21.57
CA GLU C 252 11.66 -33.06 21.72
C GLU C 252 12.47 -34.09 22.51
N MET C 253 13.70 -34.37 22.09
CA MET C 253 14.42 -35.57 22.50
C MET C 253 15.84 -35.22 22.94
N ASN C 254 15.96 -34.26 23.85
CA ASN C 254 17.26 -33.87 24.40
C ASN C 254 18.04 -35.07 24.91
N TRP C 255 19.36 -34.95 24.89
CA TRP C 255 20.28 -36.00 25.30
C TRP C 255 21.47 -35.36 26.01
N ASN C 256 21.90 -35.98 27.10
CA ASN C 256 23.15 -35.61 27.74
C ASN C 256 23.80 -36.87 28.30
N PHE C 257 25.07 -36.74 28.69
CA PHE C 257 25.88 -37.91 28.98
C PHE C 257 25.40 -38.68 30.20
N ASP C 258 24.52 -38.09 31.02
CA ASP C 258 23.93 -38.82 32.12
C ASP C 258 22.85 -39.81 31.68
N CYS C 259 22.47 -39.80 30.40
CA CYS C 259 21.40 -40.65 29.90
C CYS C 259 21.91 -41.95 29.25
N VAL C 260 23.22 -42.12 29.11
CA VAL C 260 23.77 -43.32 28.48
C VAL C 260 23.43 -44.55 29.32
N GLU C 290 6.71 -29.63 34.44
CA GLU C 290 5.82 -28.57 33.97
C GLU C 290 6.58 -27.27 33.87
N VAL C 291 6.20 -26.44 32.89
CA VAL C 291 6.93 -25.20 32.62
C VAL C 291 6.06 -24.31 31.74
N GLU C 292 6.21 -22.99 31.93
CA GLU C 292 5.45 -21.99 31.20
C GLU C 292 6.40 -20.89 30.70
N THR C 293 5.99 -20.24 29.62
CA THR C 293 6.78 -19.20 28.97
C THR C 293 5.98 -17.90 28.93
N VAL C 294 6.64 -16.79 29.20
CA VAL C 294 6.06 -15.46 29.05
C VAL C 294 7.12 -14.55 28.49
N TYR C 295 6.67 -13.55 27.75
CA TYR C 295 7.54 -12.65 27.00
C TYR C 295 7.47 -11.25 27.59
N ILE C 296 8.62 -10.57 27.62
CA ILE C 296 8.71 -9.19 28.08
C ILE C 296 9.64 -8.44 27.14
N SER C 297 9.34 -7.17 26.93
CA SER C 297 10.11 -6.33 26.03
C SER C 297 11.10 -5.49 26.83
N VAL C 298 12.16 -5.05 26.16
CA VAL C 298 13.20 -4.24 26.75
C VAL C 298 13.47 -3.05 25.85
N ASP C 299 12.79 -1.94 26.12
CA ASP C 299 12.91 -0.77 25.27
C ASP C 299 14.16 0.03 25.60
N ILE C 300 14.67 0.72 24.59
CA ILE C 300 15.91 1.50 24.67
C ILE C 300 15.59 2.87 24.09
N PRO C 301 14.91 3.75 24.83
CA PRO C 301 14.41 4.98 24.20
C PRO C 301 15.48 6.04 24.09
N SER C 302 15.52 6.70 22.94
CA SER C 302 16.37 7.86 22.75
C SER C 302 15.67 9.12 23.27
N GLY C 303 16.48 10.12 23.61
CA GLY C 303 16.00 11.39 24.08
C GLY C 303 16.25 12.49 23.07
N ASN C 304 16.02 12.18 21.80
CA ASN C 304 16.33 13.07 20.70
C ASN C 304 15.19 13.05 19.70
N TYR C 305 15.21 14.01 18.78
CA TYR C 305 14.11 14.18 17.84
C TYR C 305 14.35 13.36 16.57
N LYS C 306 13.54 12.31 16.39
CA LYS C 306 13.47 11.56 15.14
C LYS C 306 14.83 10.97 14.76
N GLU C 307 15.47 10.33 15.74
CA GLU C 307 16.65 9.52 15.48
C GLU C 307 16.53 8.26 16.31
N ARG C 308 16.83 7.13 15.69
CA ARG C 308 16.51 5.81 16.21
C ARG C 308 17.77 5.11 16.70
N THR C 309 17.69 4.54 17.90
CA THR C 309 18.74 3.65 18.36
C THR C 309 18.76 2.41 17.48
N GLU C 310 19.85 1.66 17.56
CA GLU C 310 20.02 0.46 16.76
C GLU C 310 20.91 -0.52 17.51
N ILE C 311 20.83 -1.77 17.07
CA ILE C 311 21.66 -2.85 17.60
C ILE C 311 22.54 -3.33 16.46
N ALA C 312 23.81 -3.60 16.76
CA ALA C 312 24.84 -3.71 15.75
C ALA C 312 24.84 -5.02 14.97
N LYS C 313 23.88 -5.91 15.25
CA LYS C 313 23.76 -7.21 14.59
C LYS C 313 24.93 -8.15 14.89
N SER C 314 25.78 -7.77 15.86
CA SER C 314 26.83 -8.63 16.39
C SER C 314 27.00 -8.43 17.89
N ALA C 315 25.99 -7.88 18.54
CA ALA C 315 26.11 -7.42 19.91
C ALA C 315 26.00 -8.59 20.89
N ILE C 316 26.25 -8.28 22.15
CA ILE C 316 26.23 -9.24 23.24
C ILE C 316 25.42 -8.62 24.37
N LEU C 317 24.64 -9.45 25.06
CA LEU C 317 23.81 -9.03 26.17
C LEU C 317 24.08 -9.85 27.41
N GLN C 318 24.21 -9.16 28.53
CA GLN C 318 24.31 -9.75 29.85
C GLN C 318 23.31 -9.04 30.73
N TYR C 319 22.61 -9.81 31.57
CA TYR C 319 21.67 -9.25 32.51
C TYR C 319 22.07 -9.62 33.92
N SER C 320 21.60 -8.82 34.86
CA SER C 320 21.82 -9.06 36.28
C SER C 320 20.88 -8.16 37.05
N GLY C 321 20.66 -8.51 38.32
CA GLY C 321 19.68 -7.79 39.10
C GLY C 321 18.28 -7.89 38.56
N LEU C 322 17.99 -8.95 37.81
CA LEU C 322 16.66 -9.14 37.27
C LEU C 322 15.64 -9.42 38.36
N GLU C 323 16.09 -9.90 39.51
CA GLU C 323 15.27 -10.12 40.69
C GLU C 323 14.62 -8.85 41.21
N THR C 324 15.34 -7.72 41.18
CA THR C 324 14.96 -6.54 41.92
C THR C 324 14.36 -5.49 40.99
N ASP C 325 14.07 -4.32 41.56
CA ASP C 325 13.34 -3.29 40.85
C ASP C 325 14.18 -2.57 39.81
N ALA C 326 15.51 -2.61 39.94
CA ALA C 326 16.41 -1.86 39.06
C ALA C 326 17.46 -2.81 38.51
N PRO C 327 17.12 -3.57 37.47
CA PRO C 327 18.13 -4.42 36.84
C PRO C 327 19.07 -3.61 35.98
N LEU C 328 20.26 -4.16 35.77
CA LEU C 328 21.27 -3.56 34.93
C LEU C 328 21.58 -4.50 33.77
N PHE C 329 21.49 -3.97 32.56
CA PHE C 329 21.80 -4.71 31.34
C PHE C 329 23.01 -4.08 30.67
N ARG C 330 23.87 -4.92 30.12
CA ARG C 330 24.87 -4.49 29.16
C ARG C 330 24.39 -4.94 27.79
N ILE C 331 24.53 -4.07 26.80
CA ILE C 331 24.19 -4.38 25.42
C ILE C 331 25.37 -3.94 24.57
N GLY C 332 26.27 -4.88 24.30
CA GLY C 332 27.46 -4.55 23.56
C GLY C 332 28.48 -3.95 24.50
N ASN C 333 28.92 -2.74 24.18
CA ASN C 333 29.87 -2.02 25.03
C ASN C 333 29.17 -1.12 26.05
N ARG C 334 27.89 -0.80 25.83
CA ARG C 334 27.18 0.15 26.66
C ARG C 334 26.45 -0.56 27.79
N LEU C 335 26.21 0.17 28.87
CA LEU C 335 25.61 -0.35 30.09
C LEU C 335 24.38 0.47 30.45
N TYR C 336 23.37 -0.21 30.97
CA TYR C 336 22.06 0.38 31.19
C TYR C 336 21.53 -0.01 32.56
N GLU C 337 20.45 0.65 32.96
CA GLU C 337 19.74 0.35 34.19
C GLU C 337 18.26 0.51 33.92
N GLY C 338 17.48 -0.52 34.24
CA GLY C 338 16.10 -0.61 33.82
C GLY C 338 15.11 -0.32 34.92
N SER C 339 13.86 -0.13 34.50
CA SER C 339 12.75 0.10 35.40
C SER C 339 11.52 -0.62 34.85
N TRP C 340 10.96 -1.52 35.65
CA TRP C 340 9.78 -2.27 35.25
C TRP C 340 8.62 -1.31 35.04
N GLU C 341 7.88 -1.49 33.94
CA GLU C 341 6.74 -0.63 33.62
C GLU C 341 5.75 -1.46 32.81
N ARG C 342 4.67 -1.88 33.45
CA ARG C 342 3.57 -2.51 32.72
C ARG C 342 2.98 -1.52 31.73
N LEU C 343 2.50 -2.03 30.60
CA LEU C 343 1.85 -1.20 29.60
C LEU C 343 0.37 -1.50 29.55
N VAL C 344 -0.42 -0.44 29.47
CA VAL C 344 -1.83 -0.58 29.18
C VAL C 344 -2.00 -1.18 27.79
N GLY C 345 -2.82 -2.22 27.71
CA GLY C 345 -3.03 -2.92 26.46
C GLY C 345 -2.09 -4.11 26.31
N THR C 346 -1.72 -4.39 25.08
CA THR C 346 -0.81 -5.48 24.77
C THR C 346 0.02 -5.10 23.54
N GLU C 347 1.11 -5.85 23.36
CA GLU C 347 1.96 -5.75 22.19
C GLU C 347 2.15 -7.14 21.63
N LEU C 348 1.70 -7.34 20.40
CA LEU C 348 1.71 -8.65 19.74
C LEU C 348 2.78 -8.65 18.67
N ALA C 349 3.75 -9.54 18.81
CA ALA C 349 4.87 -9.65 17.88
C ALA C 349 4.71 -10.89 17.03
N PHE C 350 5.18 -10.81 15.78
CA PHE C 350 4.96 -11.80 14.75
C PHE C 350 6.30 -12.33 14.24
N PRO C 351 6.86 -13.38 14.83
CA PRO C 351 8.16 -13.86 14.35
C PRO C 351 8.11 -14.48 12.97
N ASN C 352 6.95 -14.95 12.53
CA ASN C 352 6.81 -15.41 11.16
C ASN C 352 6.80 -14.27 10.16
N ALA C 353 6.74 -13.01 10.62
CA ALA C 353 6.80 -11.83 9.78
C ALA C 353 8.20 -11.23 9.75
N ALA C 354 9.23 -12.06 9.84
CA ALA C 354 10.59 -11.57 9.97
C ALA C 354 11.15 -11.19 8.60
N HIS C 355 12.18 -10.34 8.63
CA HIS C 355 12.82 -9.85 7.41
C HIS C 355 13.80 -10.88 6.89
N VAL C 356 13.38 -11.69 5.91
CA VAL C 356 14.29 -12.63 5.27
C VAL C 356 15.04 -11.92 4.14
N HIS C 357 16.30 -12.33 4.12
CA HIS C 357 17.24 -11.77 3.22
C HIS C 357 17.19 -12.52 1.92
N LYS C 358 17.61 -13.76 1.82
CA LYS C 358 17.42 -14.51 0.60
C LYS C 358 17.99 -14.07 -0.71
N LYS C 359 19.07 -14.72 -1.16
CA LYS C 359 19.70 -14.40 -2.39
C LYS C 359 18.74 -14.99 -3.26
N THR C 360 18.19 -14.23 -4.18
CA THR C 360 17.16 -14.74 -5.06
C THR C 360 17.78 -15.77 -5.98
N GLU C 418 1.87 -18.27 12.72
CA GLU C 418 1.20 -19.28 13.52
C GLU C 418 1.34 -18.95 15.01
N LYS C 419 2.55 -18.60 15.43
CA LYS C 419 2.83 -18.24 16.81
C LYS C 419 2.90 -16.72 16.93
N ILE C 420 2.23 -16.20 17.95
CA ILE C 420 2.22 -14.78 18.26
C ILE C 420 2.65 -14.62 19.70
N TYR C 421 3.49 -13.62 19.95
CA TYR C 421 4.07 -13.36 21.26
C TYR C 421 3.23 -12.29 21.95
N ARG C 422 2.53 -12.68 23.00
CA ARG C 422 1.67 -11.76 23.74
C ARG C 422 2.47 -11.13 24.86
N ILE C 423 2.68 -9.82 24.76
CA ILE C 423 3.51 -9.06 25.67
C ILE C 423 2.60 -8.14 26.46
N LYS C 424 2.78 -8.13 27.78
CA LYS C 424 2.03 -7.27 28.68
C LYS C 424 2.92 -6.45 29.59
N GLU C 425 4.20 -6.74 29.70
CA GLU C 425 5.11 -6.02 30.56
C GLU C 425 6.35 -5.64 29.77
N ARG C 426 7.09 -4.68 30.30
CA ARG C 426 8.12 -3.96 29.58
C ARG C 426 9.19 -3.50 30.54
N ILE C 427 10.41 -3.30 30.02
CA ILE C 427 11.51 -2.71 30.76
C ILE C 427 12.03 -1.53 29.95
N VAL C 428 12.25 -0.40 30.61
CA VAL C 428 12.69 0.82 29.98
C VAL C 428 14.10 1.11 30.47
N LEU C 429 15.06 1.12 29.55
CA LEU C 429 16.45 1.23 29.90
C LEU C 429 16.94 2.67 29.77
N SER C 430 17.89 3.03 30.65
CA SER C 430 18.46 4.36 30.70
C SER C 430 19.98 4.25 30.78
N ASN C 431 20.67 5.15 30.11
CA ASN C 431 22.12 5.07 30.01
C ASN C 431 22.76 5.44 31.34
N VAL C 432 23.71 4.60 31.77
CA VAL C 432 24.47 4.80 33.00
C VAL C 432 25.97 4.79 32.71
N ARG C 433 26.37 4.24 31.56
CA ARG C 433 27.78 4.25 31.15
C ARG C 433 28.28 5.69 31.03
#